data_3NIN
# 
_entry.id   3NIN 
# 
_audit_conform.dict_name       mmcif_pdbx.dic 
_audit_conform.dict_version    5.397 
_audit_conform.dict_location   http://mmcif.pdb.org/dictionaries/ascii/mmcif_pdbx.dic 
# 
loop_
_database_2.database_id 
_database_2.database_code 
_database_2.pdbx_database_accession 
_database_2.pdbx_DOI 
PDB   3NIN         pdb_00003nin 10.2210/pdb3nin/pdb 
RCSB  RCSB059876   ?            ?                   
WWPDB D_1000059876 ?            ?                   
# 
loop_
_pdbx_audit_revision_history.ordinal 
_pdbx_audit_revision_history.data_content_type 
_pdbx_audit_revision_history.major_revision 
_pdbx_audit_revision_history.minor_revision 
_pdbx_audit_revision_history.revision_date 
1 'Structure model' 1 0 2010-09-15 
2 'Structure model' 1 1 2011-07-13 
3 'Structure model' 1 2 2017-11-08 
4 'Structure model' 1 3 2023-11-01 
5 'Structure model' 1 4 2024-10-16 
# 
_pdbx_audit_revision_details.ordinal             1 
_pdbx_audit_revision_details.revision_ordinal    1 
_pdbx_audit_revision_details.data_content_type   'Structure model' 
_pdbx_audit_revision_details.provider            repository 
_pdbx_audit_revision_details.type                'Initial release' 
_pdbx_audit_revision_details.description         ? 
_pdbx_audit_revision_details.details             ? 
# 
loop_
_pdbx_audit_revision_group.ordinal 
_pdbx_audit_revision_group.revision_ordinal 
_pdbx_audit_revision_group.data_content_type 
_pdbx_audit_revision_group.group 
1 2 'Structure model' 'Version format compliance' 
2 3 'Structure model' 'Refinement description'    
3 4 'Structure model' 'Data collection'           
4 4 'Structure model' 'Database references'       
5 4 'Structure model' 'Derived calculations'      
6 4 'Structure model' 'Refinement description'    
7 5 'Structure model' 'Structure summary'         
# 
loop_
_pdbx_audit_revision_category.ordinal 
_pdbx_audit_revision_category.revision_ordinal 
_pdbx_audit_revision_category.data_content_type 
_pdbx_audit_revision_category.category 
1  3 'Structure model' software                      
2  4 'Structure model' chem_comp_atom                
3  4 'Structure model' chem_comp_bond                
4  4 'Structure model' database_2                    
5  4 'Structure model' pdbx_initial_refinement_model 
6  4 'Structure model' pdbx_struct_conn_angle        
7  4 'Structure model' struct_conn                   
8  4 'Structure model' struct_ref_seq_dif            
9  4 'Structure model' struct_site                   
10 5 'Structure model' pdbx_entry_details            
11 5 'Structure model' pdbx_modification_feature     
# 
loop_
_pdbx_audit_revision_item.ordinal 
_pdbx_audit_revision_item.revision_ordinal 
_pdbx_audit_revision_item.data_content_type 
_pdbx_audit_revision_item.item 
1  4 'Structure model' '_database_2.pdbx_DOI'                        
2  4 'Structure model' '_database_2.pdbx_database_accession'         
3  4 'Structure model' '_pdbx_struct_conn_angle.ptnr1_auth_asym_id'  
4  4 'Structure model' '_pdbx_struct_conn_angle.ptnr1_auth_comp_id'  
5  4 'Structure model' '_pdbx_struct_conn_angle.ptnr1_auth_seq_id'   
6  4 'Structure model' '_pdbx_struct_conn_angle.ptnr1_label_asym_id' 
7  4 'Structure model' '_pdbx_struct_conn_angle.ptnr1_label_atom_id' 
8  4 'Structure model' '_pdbx_struct_conn_angle.ptnr1_label_comp_id' 
9  4 'Structure model' '_pdbx_struct_conn_angle.ptnr1_label_seq_id'  
10 4 'Structure model' '_pdbx_struct_conn_angle.ptnr2_auth_asym_id'  
11 4 'Structure model' '_pdbx_struct_conn_angle.ptnr2_auth_seq_id'   
12 4 'Structure model' '_pdbx_struct_conn_angle.ptnr2_label_asym_id' 
13 4 'Structure model' '_pdbx_struct_conn_angle.ptnr3_auth_asym_id'  
14 4 'Structure model' '_pdbx_struct_conn_angle.ptnr3_auth_comp_id'  
15 4 'Structure model' '_pdbx_struct_conn_angle.ptnr3_auth_seq_id'   
16 4 'Structure model' '_pdbx_struct_conn_angle.ptnr3_label_asym_id' 
17 4 'Structure model' '_pdbx_struct_conn_angle.ptnr3_label_atom_id' 
18 4 'Structure model' '_pdbx_struct_conn_angle.ptnr3_label_comp_id' 
19 4 'Structure model' '_pdbx_struct_conn_angle.ptnr3_label_seq_id'  
20 4 'Structure model' '_pdbx_struct_conn_angle.value'               
21 4 'Structure model' '_struct_conn.pdbx_dist_value'                
22 4 'Structure model' '_struct_conn.ptnr1_auth_asym_id'             
23 4 'Structure model' '_struct_conn.ptnr1_auth_comp_id'             
24 4 'Structure model' '_struct_conn.ptnr1_auth_seq_id'              
25 4 'Structure model' '_struct_conn.ptnr1_label_asym_id'            
26 4 'Structure model' '_struct_conn.ptnr1_label_atom_id'            
27 4 'Structure model' '_struct_conn.ptnr1_label_comp_id'            
28 4 'Structure model' '_struct_conn.ptnr1_label_seq_id'             
29 4 'Structure model' '_struct_conn.ptnr2_auth_asym_id'             
30 4 'Structure model' '_struct_conn.ptnr2_auth_comp_id'             
31 4 'Structure model' '_struct_conn.ptnr2_auth_seq_id'              
32 4 'Structure model' '_struct_conn.ptnr2_label_asym_id'            
33 4 'Structure model' '_struct_conn.ptnr2_label_atom_id'            
34 4 'Structure model' '_struct_conn.ptnr2_label_comp_id'            
35 4 'Structure model' '_struct_conn.ptnr2_label_seq_id'             
36 4 'Structure model' '_struct_ref_seq_dif.details'                 
37 4 'Structure model' '_struct_site.pdbx_auth_asym_id'              
38 4 'Structure model' '_struct_site.pdbx_auth_comp_id'              
39 4 'Structure model' '_struct_site.pdbx_auth_seq_id'               
# 
_pdbx_database_status.entry_id                        3NIN 
_pdbx_database_status.status_code                     REL 
_pdbx_database_status.deposit_site                    RCSB 
_pdbx_database_status.process_site                    PDBJ 
_pdbx_database_status.recvd_initial_deposition_date   2010-06-16 
_pdbx_database_status.status_code_sf                  REL 
_pdbx_database_status.status_code_mr                  ? 
_pdbx_database_status.SG_entry                        ? 
_pdbx_database_status.pdb_format_compatible           Y 
_pdbx_database_status.status_code_cs                  ? 
_pdbx_database_status.methods_development_category    ? 
_pdbx_database_status.status_code_nmr_data            ? 
# 
loop_
_pdbx_database_related.db_name 
_pdbx_database_related.db_id 
_pdbx_database_related.details 
_pdbx_database_related.content_type 
PDB 3NIH 'UBR box (RIAAA)'   unspecified 
PDB 3NII 'UBR box (KIAA)'    unspecified 
PDB 3NIJ 'UBR box (HIAA)'    unspecified 
PDB 3NIK 'UBR box (REAA)'    unspecified 
PDB 3NIL 'UBR box (RDAA)'    unspecified 
PDB 3NIM 'UBR box (RRAA)'    unspecified 
PDB 3NIS 'UBR box (native2)' unspecified 
PDB 3NIT 'UBR box (native1)' unspecified 
# 
loop_
_audit_author.name 
_audit_author.pdbx_ordinal 
'Choi, W.S.'   1 
'Jeong, B.-C.' 2 
'Lee, M.-R.'   3 
'Song, H.K.'   4 
# 
_citation.id                        primary 
_citation.title                     
'Structural basis for the recognition of N-end rule substrates by the UBR box of ubiquitin ligases' 
_citation.journal_abbrev            Nat.Struct.Mol.Biol. 
_citation.journal_volume            17 
_citation.page_first                1175 
_citation.page_last                 1181 
_citation.year                      2010 
_citation.journal_id_ASTM           ? 
_citation.country                   US 
_citation.journal_id_ISSN           1545-9993 
_citation.journal_id_CSD            ? 
_citation.book_publisher            ? 
_citation.pdbx_database_id_PubMed   20835240 
_citation.pdbx_database_id_DOI      10.1038/nsmb.1907 
# 
loop_
_citation_author.citation_id 
_citation_author.name 
_citation_author.ordinal 
_citation_author.identifier_ORCID 
primary 'Choi, W.S.'   1 ? 
primary 'Jeong, B.-C.' 2 ? 
primary 'Joo, Y.J.'    3 ? 
primary 'Lee, M.-R.'   4 ? 
primary 'Kim, J.'      5 ? 
primary 'Eck, M.J.'    6 ? 
primary 'Song, H.K.'   7 ? 
# 
loop_
_entity.id 
_entity.type 
_entity.src_method 
_entity.pdbx_description 
_entity.formula_weight 
_entity.pdbx_number_of_molecules 
_entity.pdbx_ec 
_entity.pdbx_mutation 
_entity.pdbx_fragment 
_entity.details 
1 polymer     man 'E3 ubiquitin-protein ligase UBR1' 9236.394 2  ? ? 'UBR-type domain, residues 115-194' 'UBR box' 
2 polymer     syn 'Peptide RLGES'                    561.610  2  ? ? ?                                   ?         
3 non-polymer syn 'ZINC ION'                         65.409   6  ? ? ?                                   ?         
4 water       nat water                              18.015   41 ? ? ?                                   ?         
# 
_entity_name_com.entity_id   1 
_entity_name_com.name        'N-recognin-1, N-end-recognizing protein' 
# 
loop_
_entity_poly.entity_id 
_entity_poly.type 
_entity_poly.nstd_linkage 
_entity_poly.nstd_monomer 
_entity_poly.pdbx_seq_one_letter_code 
_entity_poly.pdbx_seq_one_letter_code_can 
_entity_poly.pdbx_strand_id 
_entity_poly.pdbx_target_identifier 
1 'polypeptide(L)' no no 
;GSVHKHTGRNCGRKFKIGEPLYRCHECGCDDTCVLCIHCFNPKDHVNHHVCTDICTEFTSGICDCGDEEAWNSPLHCKAE
EQ
;
;GSVHKHTGRNCGRKFKIGEPLYRCHECGCDDTCVLCIHCFNPKDHVNHHVCTDICTEFTSGICDCGDEEAWNSPLHCKAE
EQ
;
A,B ? 
2 'polypeptide(L)' no no RLGES                                                                                 RLGES D,E ? 
# 
loop_
_pdbx_entity_nonpoly.entity_id 
_pdbx_entity_nonpoly.name 
_pdbx_entity_nonpoly.comp_id 
3 'ZINC ION' ZN  
4 water      HOH 
# 
loop_
_entity_poly_seq.entity_id 
_entity_poly_seq.num 
_entity_poly_seq.mon_id 
_entity_poly_seq.hetero 
1 1  GLY n 
1 2  SER n 
1 3  VAL n 
1 4  HIS n 
1 5  LYS n 
1 6  HIS n 
1 7  THR n 
1 8  GLY n 
1 9  ARG n 
1 10 ASN n 
1 11 CYS n 
1 12 GLY n 
1 13 ARG n 
1 14 LYS n 
1 15 PHE n 
1 16 LYS n 
1 17 ILE n 
1 18 GLY n 
1 19 GLU n 
1 20 PRO n 
1 21 LEU n 
1 22 TYR n 
1 23 ARG n 
1 24 CYS n 
1 25 HIS n 
1 26 GLU n 
1 27 CYS n 
1 28 GLY n 
1 29 CYS n 
1 30 ASP n 
1 31 ASP n 
1 32 THR n 
1 33 CYS n 
1 34 VAL n 
1 35 LEU n 
1 36 CYS n 
1 37 ILE n 
1 38 HIS n 
1 39 CYS n 
1 40 PHE n 
1 41 ASN n 
1 42 PRO n 
1 43 LYS n 
1 44 ASP n 
1 45 HIS n 
1 46 VAL n 
1 47 ASN n 
1 48 HIS n 
1 49 HIS n 
1 50 VAL n 
1 51 CYS n 
1 52 THR n 
1 53 ASP n 
1 54 ILE n 
1 55 CYS n 
1 56 THR n 
1 57 GLU n 
1 58 PHE n 
1 59 THR n 
1 60 SER n 
1 61 GLY n 
1 62 ILE n 
1 63 CYS n 
1 64 ASP n 
1 65 CYS n 
1 66 GLY n 
1 67 ASP n 
1 68 GLU n 
1 69 GLU n 
1 70 ALA n 
1 71 TRP n 
1 72 ASN n 
1 73 SER n 
1 74 PRO n 
1 75 LEU n 
1 76 HIS n 
1 77 CYS n 
1 78 LYS n 
1 79 ALA n 
1 80 GLU n 
1 81 GLU n 
1 82 GLN n 
2 1  ARG n 
2 2  LEU n 
2 3  GLY n 
2 4  GLU n 
2 5  SER n 
# 
_entity_src_gen.entity_id                          1 
_entity_src_gen.pdbx_src_id                        1 
_entity_src_gen.pdbx_alt_source_flag               sample 
_entity_src_gen.pdbx_seq_type                      ? 
_entity_src_gen.pdbx_beg_seq_num                   ? 
_entity_src_gen.pdbx_end_seq_num                   ? 
_entity_src_gen.gene_src_common_name               
;Baker's yeast
;
_entity_src_gen.gene_src_genus                     ? 
_entity_src_gen.pdbx_gene_src_gene                 ? 
_entity_src_gen.gene_src_species                   ? 
_entity_src_gen.gene_src_strain                    ? 
_entity_src_gen.gene_src_tissue                    ? 
_entity_src_gen.gene_src_tissue_fraction           ? 
_entity_src_gen.gene_src_details                   ? 
_entity_src_gen.pdbx_gene_src_fragment             ? 
_entity_src_gen.pdbx_gene_src_scientific_name      'Saccharomyces cerevisiae' 
_entity_src_gen.pdbx_gene_src_ncbi_taxonomy_id     4932 
_entity_src_gen.pdbx_gene_src_variant              ? 
_entity_src_gen.pdbx_gene_src_cell_line            ? 
_entity_src_gen.pdbx_gene_src_atcc                 ? 
_entity_src_gen.pdbx_gene_src_organ                ? 
_entity_src_gen.pdbx_gene_src_organelle            ? 
_entity_src_gen.pdbx_gene_src_cell                 ? 
_entity_src_gen.pdbx_gene_src_cellular_location    ? 
_entity_src_gen.host_org_common_name               ? 
_entity_src_gen.pdbx_host_org_scientific_name      'Escherichia coli' 
_entity_src_gen.pdbx_host_org_ncbi_taxonomy_id     469008 
_entity_src_gen.host_org_genus                     ? 
_entity_src_gen.pdbx_host_org_gene                 ? 
_entity_src_gen.pdbx_host_org_organ                ? 
_entity_src_gen.host_org_species                   ? 
_entity_src_gen.pdbx_host_org_tissue               ? 
_entity_src_gen.pdbx_host_org_tissue_fraction      ? 
_entity_src_gen.pdbx_host_org_strain               'BL21(DE3) RIL' 
_entity_src_gen.pdbx_host_org_variant              ? 
_entity_src_gen.pdbx_host_org_cell_line            ? 
_entity_src_gen.pdbx_host_org_atcc                 ? 
_entity_src_gen.pdbx_host_org_culture_collection   ? 
_entity_src_gen.pdbx_host_org_cell                 ? 
_entity_src_gen.pdbx_host_org_organelle            ? 
_entity_src_gen.pdbx_host_org_cellular_location    ? 
_entity_src_gen.pdbx_host_org_vector_type          plasmid 
_entity_src_gen.pdbx_host_org_vector               ? 
_entity_src_gen.host_org_details                   ? 
_entity_src_gen.expression_system_id               ? 
_entity_src_gen.plasmid_name                       pET 
_entity_src_gen.plasmid_details                    ? 
_entity_src_gen.pdbx_description                   ? 
# 
_pdbx_entity_src_syn.entity_id              2 
_pdbx_entity_src_syn.pdbx_src_id            1 
_pdbx_entity_src_syn.pdbx_alt_source_flag   sample 
_pdbx_entity_src_syn.pdbx_beg_seq_num       ? 
_pdbx_entity_src_syn.pdbx_end_seq_num       ? 
_pdbx_entity_src_syn.organism_scientific    ? 
_pdbx_entity_src_syn.organism_common_name   ? 
_pdbx_entity_src_syn.ncbi_taxonomy_id       ? 
_pdbx_entity_src_syn.details                'chemical synthesis' 
# 
loop_
_chem_comp.id 
_chem_comp.type 
_chem_comp.mon_nstd_flag 
_chem_comp.name 
_chem_comp.pdbx_synonyms 
_chem_comp.formula 
_chem_comp.formula_weight 
ALA 'L-peptide linking' y ALANINE         ? 'C3 H7 N O2'     89.093  
ARG 'L-peptide linking' y ARGININE        ? 'C6 H15 N4 O2 1' 175.209 
ASN 'L-peptide linking' y ASPARAGINE      ? 'C4 H8 N2 O3'    132.118 
ASP 'L-peptide linking' y 'ASPARTIC ACID' ? 'C4 H7 N O4'     133.103 
CYS 'L-peptide linking' y CYSTEINE        ? 'C3 H7 N O2 S'   121.158 
GLN 'L-peptide linking' y GLUTAMINE       ? 'C5 H10 N2 O3'   146.144 
GLU 'L-peptide linking' y 'GLUTAMIC ACID' ? 'C5 H9 N O4'     147.129 
GLY 'peptide linking'   y GLYCINE         ? 'C2 H5 N O2'     75.067  
HIS 'L-peptide linking' y HISTIDINE       ? 'C6 H10 N3 O2 1' 156.162 
HOH non-polymer         . WATER           ? 'H2 O'           18.015  
ILE 'L-peptide linking' y ISOLEUCINE      ? 'C6 H13 N O2'    131.173 
LEU 'L-peptide linking' y LEUCINE         ? 'C6 H13 N O2'    131.173 
LYS 'L-peptide linking' y LYSINE          ? 'C6 H15 N2 O2 1' 147.195 
PHE 'L-peptide linking' y PHENYLALANINE   ? 'C9 H11 N O2'    165.189 
PRO 'L-peptide linking' y PROLINE         ? 'C5 H9 N O2'     115.130 
SER 'L-peptide linking' y SERINE          ? 'C3 H7 N O3'     105.093 
THR 'L-peptide linking' y THREONINE       ? 'C4 H9 N O3'     119.119 
TRP 'L-peptide linking' y TRYPTOPHAN      ? 'C11 H12 N2 O2'  204.225 
TYR 'L-peptide linking' y TYROSINE        ? 'C9 H11 N O3'    181.189 
VAL 'L-peptide linking' y VALINE          ? 'C5 H11 N O2'    117.146 
ZN  non-polymer         . 'ZINC ION'      ? 'Zn 2'           65.409  
# 
loop_
_pdbx_poly_seq_scheme.asym_id 
_pdbx_poly_seq_scheme.entity_id 
_pdbx_poly_seq_scheme.seq_id 
_pdbx_poly_seq_scheme.mon_id 
_pdbx_poly_seq_scheme.ndb_seq_num 
_pdbx_poly_seq_scheme.pdb_seq_num 
_pdbx_poly_seq_scheme.auth_seq_num 
_pdbx_poly_seq_scheme.pdb_mon_id 
_pdbx_poly_seq_scheme.auth_mon_id 
_pdbx_poly_seq_scheme.pdb_strand_id 
_pdbx_poly_seq_scheme.pdb_ins_code 
_pdbx_poly_seq_scheme.hetero 
A 1 1  GLY 1  113 ?   ?   ?   A . n 
A 1 2  SER 2  114 ?   ?   ?   A . n 
A 1 3  VAL 3  115 115 VAL VAL A . n 
A 1 4  HIS 4  116 116 HIS HIS A . n 
A 1 5  LYS 5  117 117 LYS LYS A . n 
A 1 6  HIS 6  118 118 HIS HIS A . n 
A 1 7  THR 7  119 119 THR THR A . n 
A 1 8  GLY 8  120 120 GLY GLY A . n 
A 1 9  ARG 9  121 121 ARG ARG A . n 
A 1 10 ASN 10 122 122 ASN ASN A . n 
A 1 11 CYS 11 123 123 CYS CYS A . n 
A 1 12 GLY 12 124 124 GLY GLY A . n 
A 1 13 ARG 13 125 125 ARG ARG A . n 
A 1 14 LYS 14 126 126 LYS LYS A . n 
A 1 15 PHE 15 127 127 PHE PHE A . n 
A 1 16 LYS 16 128 128 LYS LYS A . n 
A 1 17 ILE 17 129 129 ILE ILE A . n 
A 1 18 GLY 18 130 130 GLY GLY A . n 
A 1 19 GLU 19 131 131 GLU GLU A . n 
A 1 20 PRO 20 132 132 PRO PRO A . n 
A 1 21 LEU 21 133 133 LEU LEU A . n 
A 1 22 TYR 22 134 134 TYR TYR A . n 
A 1 23 ARG 23 135 135 ARG ARG A . n 
A 1 24 CYS 24 136 136 CYS CYS A . n 
A 1 25 HIS 25 137 137 HIS HIS A . n 
A 1 26 GLU 26 138 138 GLU GLU A . n 
A 1 27 CYS 27 139 139 CYS CYS A . n 
A 1 28 GLY 28 140 140 GLY GLY A . n 
A 1 29 CYS 29 141 141 CYS CYS A . n 
A 1 30 ASP 30 142 142 ASP ASP A . n 
A 1 31 ASP 31 143 143 ASP ASP A . n 
A 1 32 THR 32 144 144 THR THR A . n 
A 1 33 CYS 33 145 145 CYS CYS A . n 
A 1 34 VAL 34 146 146 VAL VAL A . n 
A 1 35 LEU 35 147 147 LEU LEU A . n 
A 1 36 CYS 36 148 148 CYS CYS A . n 
A 1 37 ILE 37 149 149 ILE ILE A . n 
A 1 38 HIS 38 150 150 HIS HIS A . n 
A 1 39 CYS 39 151 151 CYS CYS A . n 
A 1 40 PHE 40 152 152 PHE PHE A . n 
A 1 41 ASN 41 153 153 ASN ASN A . n 
A 1 42 PRO 42 154 154 PRO PRO A . n 
A 1 43 LYS 43 155 155 LYS LYS A . n 
A 1 44 ASP 44 156 156 ASP ASP A . n 
A 1 45 HIS 45 157 157 HIS HIS A . n 
A 1 46 VAL 46 158 158 VAL VAL A . n 
A 1 47 ASN 47 159 159 ASN ASN A . n 
A 1 48 HIS 48 160 160 HIS HIS A . n 
A 1 49 HIS 49 161 161 HIS HIS A . n 
A 1 50 VAL 50 162 162 VAL VAL A . n 
A 1 51 CYS 51 163 163 CYS CYS A . n 
A 1 52 THR 52 164 164 THR THR A . n 
A 1 53 ASP 53 165 165 ASP ASP A . n 
A 1 54 ILE 54 166 166 ILE ILE A . n 
A 1 55 CYS 55 167 167 CYS CYS A . n 
A 1 56 THR 56 168 168 THR THR A . n 
A 1 57 GLU 57 169 169 GLU GLU A . n 
A 1 58 PHE 58 170 170 PHE PHE A . n 
A 1 59 THR 59 171 171 THR THR A . n 
A 1 60 SER 60 172 172 SER SER A . n 
A 1 61 GLY 61 173 173 GLY GLY A . n 
A 1 62 ILE 62 174 174 ILE ILE A . n 
A 1 63 CYS 63 175 175 CYS CYS A . n 
A 1 64 ASP 64 176 176 ASP ASP A . n 
A 1 65 CYS 65 177 177 CYS CYS A . n 
A 1 66 GLY 66 178 178 GLY GLY A . n 
A 1 67 ASP 67 179 179 ASP ASP A . n 
A 1 68 GLU 68 180 180 GLU GLU A . n 
A 1 69 GLU 69 181 181 GLU GLU A . n 
A 1 70 ALA 70 182 182 ALA ALA A . n 
A 1 71 TRP 71 183 183 TRP TRP A . n 
A 1 72 ASN 72 184 184 ASN ASN A . n 
A 1 73 SER 73 185 185 SER SER A . n 
A 1 74 PRO 74 186 186 PRO PRO A . n 
A 1 75 LEU 75 187 187 LEU LEU A . n 
A 1 76 HIS 76 188 188 HIS HIS A . n 
A 1 77 CYS 77 189 189 CYS CYS A . n 
A 1 78 LYS 78 190 190 LYS LYS A . n 
A 1 79 ALA 79 191 191 ALA ALA A . n 
A 1 80 GLU 80 192 192 GLU GLU A . n 
A 1 81 GLU 81 193 193 GLU GLU A . n 
A 1 82 GLN 82 194 194 GLN GLN A . n 
B 1 1  GLY 1  113 ?   ?   ?   B . n 
B 1 2  SER 2  114 ?   ?   ?   B . n 
B 1 3  VAL 3  115 115 VAL VAL B . n 
B 1 4  HIS 4  116 116 HIS HIS B . n 
B 1 5  LYS 5  117 117 LYS LYS B . n 
B 1 6  HIS 6  118 118 HIS HIS B . n 
B 1 7  THR 7  119 119 THR THR B . n 
B 1 8  GLY 8  120 120 GLY GLY B . n 
B 1 9  ARG 9  121 121 ARG ARG B . n 
B 1 10 ASN 10 122 122 ASN ASN B . n 
B 1 11 CYS 11 123 123 CYS CYS B . n 
B 1 12 GLY 12 124 124 GLY GLY B . n 
B 1 13 ARG 13 125 125 ARG ARG B . n 
B 1 14 LYS 14 126 126 LYS LYS B . n 
B 1 15 PHE 15 127 127 PHE PHE B . n 
B 1 16 LYS 16 128 128 LYS LYS B . n 
B 1 17 ILE 17 129 129 ILE ILE B . n 
B 1 18 GLY 18 130 130 GLY GLY B . n 
B 1 19 GLU 19 131 131 GLU GLU B . n 
B 1 20 PRO 20 132 132 PRO PRO B . n 
B 1 21 LEU 21 133 133 LEU LEU B . n 
B 1 22 TYR 22 134 134 TYR TYR B . n 
B 1 23 ARG 23 135 135 ARG ARG B . n 
B 1 24 CYS 24 136 136 CYS CYS B . n 
B 1 25 HIS 25 137 137 HIS HIS B . n 
B 1 26 GLU 26 138 138 GLU GLU B . n 
B 1 27 CYS 27 139 139 CYS CYS B . n 
B 1 28 GLY 28 140 140 GLY GLY B . n 
B 1 29 CYS 29 141 141 CYS CYS B . n 
B 1 30 ASP 30 142 142 ASP ASP B . n 
B 1 31 ASP 31 143 143 ASP ASP B . n 
B 1 32 THR 32 144 144 THR THR B . n 
B 1 33 CYS 33 145 145 CYS CYS B . n 
B 1 34 VAL 34 146 146 VAL VAL B . n 
B 1 35 LEU 35 147 147 LEU LEU B . n 
B 1 36 CYS 36 148 148 CYS CYS B . n 
B 1 37 ILE 37 149 149 ILE ILE B . n 
B 1 38 HIS 38 150 150 HIS HIS B . n 
B 1 39 CYS 39 151 151 CYS CYS B . n 
B 1 40 PHE 40 152 152 PHE PHE B . n 
B 1 41 ASN 41 153 153 ASN ASN B . n 
B 1 42 PRO 42 154 154 PRO PRO B . n 
B 1 43 LYS 43 155 155 LYS LYS B . n 
B 1 44 ASP 44 156 156 ASP ASP B . n 
B 1 45 HIS 45 157 157 HIS HIS B . n 
B 1 46 VAL 46 158 158 VAL VAL B . n 
B 1 47 ASN 47 159 159 ASN ASN B . n 
B 1 48 HIS 48 160 160 HIS HIS B . n 
B 1 49 HIS 49 161 161 HIS HIS B . n 
B 1 50 VAL 50 162 162 VAL VAL B . n 
B 1 51 CYS 51 163 163 CYS CYS B . n 
B 1 52 THR 52 164 164 THR THR B . n 
B 1 53 ASP 53 165 165 ASP ASP B . n 
B 1 54 ILE 54 166 166 ILE ILE B . n 
B 1 55 CYS 55 167 167 CYS CYS B . n 
B 1 56 THR 56 168 168 THR THR B . n 
B 1 57 GLU 57 169 169 GLU GLU B . n 
B 1 58 PHE 58 170 170 PHE PHE B . n 
B 1 59 THR 59 171 171 THR THR B . n 
B 1 60 SER 60 172 172 SER SER B . n 
B 1 61 GLY 61 173 173 GLY GLY B . n 
B 1 62 ILE 62 174 174 ILE ILE B . n 
B 1 63 CYS 63 175 175 CYS CYS B . n 
B 1 64 ASP 64 176 176 ASP ASP B . n 
B 1 65 CYS 65 177 177 CYS CYS B . n 
B 1 66 GLY 66 178 178 GLY GLY B . n 
B 1 67 ASP 67 179 179 ASP ASP B . n 
B 1 68 GLU 68 180 180 GLU GLU B . n 
B 1 69 GLU 69 181 181 GLU GLU B . n 
B 1 70 ALA 70 182 182 ALA ALA B . n 
B 1 71 TRP 71 183 183 TRP TRP B . n 
B 1 72 ASN 72 184 184 ASN ASN B . n 
B 1 73 SER 73 185 185 SER SER B . n 
B 1 74 PRO 74 186 186 PRO PRO B . n 
B 1 75 LEU 75 187 187 LEU LEU B . n 
B 1 76 HIS 76 188 188 HIS HIS B . n 
B 1 77 CYS 77 189 189 CYS CYS B . n 
B 1 78 LYS 78 190 190 LYS LYS B . n 
B 1 79 ALA 79 191 191 ALA ALA B . n 
B 1 80 GLU 80 192 192 GLU GLU B . n 
B 1 81 GLU 81 193 193 GLU GLU B . n 
B 1 82 GLN 82 194 194 GLN GLN B . n 
C 2 1  ARG 1  1   1   ARG ARG D . n 
C 2 2  LEU 2  2   2   LEU LEU D . n 
C 2 3  GLY 3  3   3   GLY GLY D . n 
C 2 4  GLU 4  4   4   GLU GLU D . n 
C 2 5  SER 5  5   ?   ?   ?   D . n 
D 2 1  ARG 1  1   1   ARG ARG E . n 
D 2 2  LEU 2  2   2   LEU LEU E . n 
D 2 3  GLY 3  3   3   GLY GLY E . n 
D 2 4  GLU 4  4   ?   ?   ?   E . n 
D 2 5  SER 5  5   ?   ?   ?   E . n 
# 
loop_
_pdbx_nonpoly_scheme.asym_id 
_pdbx_nonpoly_scheme.entity_id 
_pdbx_nonpoly_scheme.mon_id 
_pdbx_nonpoly_scheme.ndb_seq_num 
_pdbx_nonpoly_scheme.pdb_seq_num 
_pdbx_nonpoly_scheme.auth_seq_num 
_pdbx_nonpoly_scheme.pdb_mon_id 
_pdbx_nonpoly_scheme.auth_mon_id 
_pdbx_nonpoly_scheme.pdb_strand_id 
_pdbx_nonpoly_scheme.pdb_ins_code 
E 3 ZN  1  1   1  ZN  ZN  A . 
F 3 ZN  1  2   2  ZN  ZN  A . 
G 3 ZN  1  3   3  ZN  ZN  A . 
H 3 ZN  1  1   1  ZN  ZN  B . 
I 3 ZN  1  2   2  ZN  ZN  B . 
J 3 ZN  1  3   3  ZN  ZN  B . 
K 4 HOH 1  4   4  HOH HOH A . 
K 4 HOH 2  6   6  HOH HOH A . 
K 4 HOH 3  7   7  HOH HOH A . 
K 4 HOH 4  8   8  HOH HOH A . 
K 4 HOH 5  9   9  HOH HOH A . 
K 4 HOH 6  11  11 HOH HOH A . 
K 4 HOH 7  15  15 HOH HOH A . 
K 4 HOH 8  17  17 HOH HOH A . 
K 4 HOH 9  18  18 HOH HOH A . 
K 4 HOH 10 20  20 HOH HOH A . 
K 4 HOH 11 22  22 HOH HOH A . 
K 4 HOH 12 23  23 HOH HOH A . 
K 4 HOH 13 26  26 HOH HOH A . 
K 4 HOH 14 28  28 HOH HOH A . 
K 4 HOH 15 29  29 HOH HOH A . 
K 4 HOH 16 30  30 HOH HOH A . 
K 4 HOH 17 33  33 HOH HOH A . 
K 4 HOH 18 34  34 HOH HOH A . 
K 4 HOH 19 35  35 HOH HOH A . 
K 4 HOH 20 38  38 HOH HOH A . 
K 4 HOH 21 41  41 HOH HOH A . 
K 4 HOH 22 195 1  HOH HOH A . 
K 4 HOH 23 196 2  HOH HOH A . 
L 4 HOH 1  5   5  HOH HOH B . 
L 4 HOH 2  10  10 HOH HOH B . 
L 4 HOH 3  12  12 HOH HOH B . 
L 4 HOH 4  13  13 HOH HOH B . 
L 4 HOH 5  14  14 HOH HOH B . 
L 4 HOH 6  16  16 HOH HOH B . 
L 4 HOH 7  19  19 HOH HOH B . 
L 4 HOH 8  21  21 HOH HOH B . 
L 4 HOH 9  24  24 HOH HOH B . 
L 4 HOH 10 25  25 HOH HOH B . 
L 4 HOH 11 27  27 HOH HOH B . 
L 4 HOH 12 31  31 HOH HOH B . 
L 4 HOH 13 32  32 HOH HOH B . 
L 4 HOH 14 36  36 HOH HOH B . 
L 4 HOH 15 37  37 HOH HOH B . 
L 4 HOH 16 39  39 HOH HOH B . 
L 4 HOH 17 40  40 HOH HOH B . 
L 4 HOH 18 195 3  HOH HOH B . 
# 
loop_
_software.pdbx_ordinal 
_software.name 
_software.version 
_software.date 
_software.type 
_software.contact_author 
_software.contact_author_email 
_software.classification 
_software.location 
_software.language 
_software.citation_id 
1 DENZO       .        ?               package 'Zbyszek Otwinowski' hkl@hkl-xray.com         'data reduction'  
http://www.hkl-xray.com/                     ?          ? 
2 SCALEPACK   .        ?               package 'Zbyszek Otwinowski' hkl@hkl-xray.com         'data scaling'    
http://www.hkl-xray.com/                     ?          ? 
3 REFMAC      5.5.0102 ?               program 'Garib N. Murshudov' garib@ysbl.york.ac.uk    refinement        
http://www.ccp4.ac.uk/dist/html/refmac5.html Fortran_77 ? 
4 PDB_EXTRACT 3.10     'June 10, 2010' package PDB                  deposit@deposit.rcsb.org 'data extraction' 
http://sw-tools.pdb.org/apps/PDB_EXTRACT/    C++        ? 
5 HKL-2000    .        ?               ?       ?                    ?                        'data collection' ? ?          ? 
6 HKL-2000    .        ?               ?       ?                    ?                        'data reduction'  ? ?          ? 
7 HKL-2000    .        ?               ?       ?                    ?                        'data scaling'    ? ?          ? 
8 MOLREP      .        ?               ?       ?                    ?                        phasing           ? ?          ? 
# 
_cell.length_a           45.772 
_cell.length_b           45.772 
_cell.length_c           87.547 
_cell.angle_alpha        90.000 
_cell.angle_beta         90.000 
_cell.angle_gamma        120.000 
_cell.entry_id           3NIN 
_cell.pdbx_unique_axis   ? 
_cell.Z_PDB              6 
_cell.length_a_esd       ? 
_cell.length_b_esd       ? 
_cell.length_c_esd       ? 
_cell.angle_alpha_esd    ? 
_cell.angle_beta_esd     ? 
_cell.angle_gamma_esd    ? 
# 
_symmetry.space_group_name_H-M             'P 32' 
_symmetry.entry_id                         3NIN 
_symmetry.Int_Tables_number                145 
_symmetry.pdbx_full_space_group_name_H-M   ? 
_symmetry.cell_setting                     ? 
_symmetry.space_group_name_Hall            ? 
# 
_exptl.crystals_number   1 
_exptl.entry_id          3NIN 
_exptl.method            'X-RAY DIFFRACTION' 
# 
_exptl_crystal.id                    1 
_exptl_crystal.pdbx_mosaicity        0.563 
_exptl_crystal.pdbx_mosaicity_esd    ? 
_exptl_crystal.density_Matthews      2.70 
_exptl_crystal.density_diffrn        ? 
_exptl_crystal.density_meas          ? 
_exptl_crystal.density_meas_temp     ? 
_exptl_crystal.density_percent_sol   54.48 
_exptl_crystal.size_max              ? 
_exptl_crystal.size_mid              ? 
_exptl_crystal.size_min              ? 
_exptl_crystal.size_rad              ? 
_exptl_crystal.description           ? 
_exptl_crystal.F_000                 ? 
_exptl_crystal.preparation           ? 
# 
_exptl_crystal_grow.crystal_id      1 
_exptl_crystal_grow.method          'VAPOR DIFFUSION, HANGING DROP' 
_exptl_crystal_grow.pH              8.0 
_exptl_crystal_grow.temp            295 
_exptl_crystal_grow.pdbx_details    
;0.04M sodium cacodylate trihydrate pH 6.0, 0.04M magnesium acetate tetrahydrate, 30%(v/v) MPD, VAPOR DIFFUSION, HANGING DROP, temperature 295K
;
_exptl_crystal_grow.temp_details    ? 
_exptl_crystal_grow.pdbx_pH_range   . 
# 
_diffrn.id                     1 
_diffrn.ambient_temp           100 
_diffrn.ambient_temp_details   ? 
_diffrn.crystal_id             1 
# 
_diffrn_detector.diffrn_id              1 
_diffrn_detector.detector               CCD 
_diffrn_detector.type                   'ADSC QUANTUM 210' 
_diffrn_detector.pdbx_collection_date   2010-02-08 
_diffrn_detector.details                ? 
# 
_diffrn_radiation.diffrn_id                        1 
_diffrn_radiation.pdbx_diffrn_protocol             'SINGLE WAVELENGTH' 
_diffrn_radiation.monochromator                    'Numerical link type Si(111) double crystal monochromator' 
_diffrn_radiation.wavelength_id                    1 
_diffrn_radiation.pdbx_monochromatic_or_laue_m_l   M 
_diffrn_radiation.pdbx_scattering_type             x-ray 
# 
_diffrn_radiation_wavelength.id           1 
_diffrn_radiation_wavelength.wavelength   1.0000 
_diffrn_radiation_wavelength.wt           1.0 
# 
_diffrn_source.diffrn_id                   1 
_diffrn_source.source                      SYNCHROTRON 
_diffrn_source.type                        'PHOTON FACTORY BEAMLINE AR-NW12A' 
_diffrn_source.pdbx_wavelength_list        1.0000 
_diffrn_source.pdbx_wavelength             ? 
_diffrn_source.pdbx_synchrotron_site       'Photon Factory' 
_diffrn_source.pdbx_synchrotron_beamline   AR-NW12A 
# 
_reflns.entry_id                     3NIN 
_reflns.d_resolution_high            2.100 
_reflns.d_resolution_low             50.000 
_reflns.number_obs                   11997 
_reflns.pdbx_Rmerge_I_obs            0.061 
_reflns.pdbx_netI_over_sigmaI        16.300 
_reflns.pdbx_chi_squared             2.229 
_reflns.pdbx_redundancy              6.200 
_reflns.percent_possible_obs         99.800 
_reflns.observed_criterion_sigma_F   ? 
_reflns.observed_criterion_sigma_I   ? 
_reflns.number_all                   ? 
_reflns.pdbx_Rsym_value              ? 
_reflns.B_iso_Wilson_estimate        ? 
_reflns.R_free_details               ? 
_reflns.limit_h_max                  ? 
_reflns.limit_h_min                  ? 
_reflns.limit_k_max                  ? 
_reflns.limit_k_min                  ? 
_reflns.limit_l_max                  ? 
_reflns.limit_l_min                  ? 
_reflns.observed_criterion_F_max     ? 
_reflns.observed_criterion_F_min     ? 
_reflns.pdbx_scaling_rejects         ? 
_reflns.pdbx_diffrn_id               1 
_reflns.pdbx_ordinal                 1 
# 
loop_
_reflns_shell.d_res_high 
_reflns_shell.d_res_low 
_reflns_shell.number_measured_obs 
_reflns_shell.number_measured_all 
_reflns_shell.number_unique_obs 
_reflns_shell.pdbx_rejects 
_reflns_shell.Rmerge_I_obs 
_reflns_shell.meanI_over_sigI_obs 
_reflns_shell.pdbx_Rsym_value 
_reflns_shell.pdbx_chi_squared 
_reflns_shell.pdbx_redundancy 
_reflns_shell.percent_possible_obs 
_reflns_shell.pdbx_netI_over_sigmaI_obs 
_reflns_shell.number_possible 
_reflns_shell.number_unique_all 
_reflns_shell.Rmerge_F_all 
_reflns_shell.Rmerge_F_obs 
_reflns_shell.Rmerge_I_all 
_reflns_shell.meanI_over_sigI_all 
_reflns_shell.percent_possible_all 
_reflns_shell.pdbx_Rrim_I_all 
_reflns_shell.pdbx_Rpim_I_all 
_reflns_shell.pdbx_diffrn_id 
_reflns_shell.pdbx_ordinal 
2.100 2.140  ? ? ? ? 0.490 ? ? 1.483 6.000 ? ? ? 594 ? ? ? ? 99.800  ? ? ? 1  
2.140 2.180  ? ? ? ? 0.413 ? ? 1.568 5.900 ? ? ? 612 ? ? ? ? 100.000 ? ? ? 2  
2.180 2.220  ? ? ? ? 0.351 ? ? 1.501 6.200 ? ? ? 580 ? ? ? ? 100.000 ? ? ? 3  
2.220 2.260  ? ? ? ? 0.320 ? ? 1.636 6.200 ? ? ? 633 ? ? ? ? 100.000 ? ? ? 4  
2.260 2.310  ? ? ? ? 0.276 ? ? 1.689 6.100 ? ? ? 564 ? ? ? ? 100.000 ? ? ? 5  
2.310 2.370  ? ? ? ? 0.236 ? ? 1.730 6.300 ? ? ? 611 ? ? ? ? 100.000 ? ? ? 6  
2.370 2.420  ? ? ? ? 0.200 ? ? 1.775 6.100 ? ? ? 613 ? ? ? ? 100.000 ? ? ? 7  
2.420 2.490  ? ? ? ? 0.177 ? ? 1.738 6.300 ? ? ? 590 ? ? ? ? 100.000 ? ? ? 8  
2.490 2.560  ? ? ? ? 0.158 ? ? 1.835 6.300 ? ? ? 610 ? ? ? ? 100.000 ? ? ? 9  
2.560 2.650  ? ? ? ? 0.142 ? ? 1.921 6.400 ? ? ? 580 ? ? ? ? 100.000 ? ? ? 10 
2.650 2.740  ? ? ? ? 0.109 ? ? 2.181 6.400 ? ? ? 622 ? ? ? ? 100.000 ? ? ? 11 
2.740 2.850  ? ? ? ? 0.098 ? ? 2.318 6.400 ? ? ? 588 ? ? ? ? 100.000 ? ? ? 12 
2.850 2.980  ? ? ? ? 0.085 ? ? 2.269 6.500 ? ? ? 592 ? ? ? ? 100.000 ? ? ? 13 
2.980 3.140  ? ? ? ? 0.075 ? ? 2.611 6.400 ? ? ? 603 ? ? ? ? 100.000 ? ? ? 14 
3.140 3.330  ? ? ? ? 0.062 ? ? 2.834 6.400 ? ? ? 609 ? ? ? ? 100.000 ? ? ? 15 
3.330 3.590  ? ? ? ? 0.054 ? ? 2.872 6.400 ? ? ? 606 ? ? ? ? 100.000 ? ? ? 16 
3.590 3.950  ? ? ? ? 0.050 ? ? 3.104 6.300 ? ? ? 606 ? ? ? ? 100.000 ? ? ? 17 
3.950 4.520  ? ? ? ? 0.047 ? ? 3.147 6.300 ? ? ? 602 ? ? ? ? 99.800  ? ? ? 18 
4.520 5.700  ? ? ? ? 0.044 ? ? 3.164 6.200 ? ? ? 603 ? ? ? ? 100.000 ? ? ? 19 
5.700 50.000 ? ? ? ? 0.042 ? ? 3.121 5.700 ? ? ? 579 ? ? ? ? 96.500  ? ? ? 20 
# 
_refine.entry_id                                 3NIN 
_refine.ls_d_res_high                            2.1000 
_refine.ls_d_res_low                             22.8900 
_refine.pdbx_ls_sigma_F                          0.000 
_refine.pdbx_data_cutoff_high_absF               ? 
_refine.pdbx_data_cutoff_low_absF                ? 
_refine.ls_percent_reflns_obs                    99.8600 
_refine.ls_number_reflns_obs                     11968 
_refine.ls_number_reflns_all                     ? 
_refine.pdbx_ls_cross_valid_method               THROUGHOUT 
_refine.pdbx_R_Free_selection_details            RANDOM 
_refine.details                                  'HYDROGENS HAVE BEEN ADDED IN THE RIDING POSITIONS U VALUES' 
_refine.ls_R_factor_all                          ? 
_refine.ls_R_factor_obs                          0.2167 
_refine.ls_R_factor_R_work                       0.2140 
_refine.ls_wR_factor_R_work                      ? 
_refine.ls_R_factor_R_free                       0.2727 
_refine.ls_wR_factor_R_free                      ? 
_refine.ls_percent_reflns_R_free                 4.8000 
_refine.ls_number_reflns_R_free                  572 
_refine.ls_R_factor_R_free_error                 ? 
_refine.B_iso_mean                               57.599 
_refine.solvent_model_param_bsol                 ? 
_refine.solvent_model_param_ksol                 ? 
_refine.pdbx_isotropic_thermal_model             ? 
_refine.aniso_B[1][1]                            0.1100 
_refine.aniso_B[2][2]                            0.1100 
_refine.aniso_B[3][3]                            -0.1600 
_refine.aniso_B[1][2]                            0.0500 
_refine.aniso_B[1][3]                            0.0000 
_refine.aniso_B[2][3]                            0.0000 
_refine.correlation_coeff_Fo_to_Fc               0.9540 
_refine.correlation_coeff_Fo_to_Fc_free          0.9260 
_refine.overall_SU_R_Cruickshank_DPI             ? 
_refine.overall_SU_R_free                        ? 
_refine.pdbx_overall_ESU_R_Free                  0.2010 
_refine.overall_SU_ML                            0.1980 
_refine.overall_SU_B                             12.7950 
_refine.solvent_model_details                    MASK 
_refine.pdbx_solvent_vdw_probe_radii             1.4000 
_refine.pdbx_solvent_ion_probe_radii             0.8000 
_refine.pdbx_solvent_shrinkage_radii             0.8000 
_refine.ls_number_parameters                     ? 
_refine.ls_number_restraints                     ? 
_refine.pdbx_starting_model                      'PDB ENTRY 3NIS' 
_refine.pdbx_method_to_determine_struct          'MOLECULAR REPLACEMENT' 
_refine.pdbx_stereochemistry_target_values       'MAXIMUM LIKELIHOOD' 
_refine.pdbx_stereochem_target_val_spec_case     ? 
_refine.overall_FOM_work_R_set                   ? 
_refine.B_iso_max                                62.830 
_refine.B_iso_min                                7.060 
_refine.occupancy_max                            1.000 
_refine.occupancy_min                            1.000 
_refine.pdbx_ls_sigma_I                          ? 
_refine.ls_redundancy_reflns_obs                 ? 
_refine.ls_R_factor_R_free_error_details         ? 
_refine.pdbx_data_cutoff_high_rms_absF           ? 
_refine.overall_FOM_free_R_set                   ? 
_refine.pdbx_refine_id                           'X-RAY DIFFRACTION' 
_refine.pdbx_overall_phase_error                 ? 
_refine.pdbx_overall_ESU_R                       ? 
_refine.pdbx_diffrn_id                           1 
_refine.pdbx_TLS_residual_ADP_flag               ? 
_refine.pdbx_overall_SU_R_free_Cruickshank_DPI   ? 
_refine.pdbx_overall_SU_R_Blow_DPI               ? 
_refine.pdbx_overall_SU_R_free_Blow_DPI          ? 
# 
_refine_hist.pdbx_refine_id                   'X-RAY DIFFRACTION' 
_refine_hist.cycle_id                         LAST 
_refine_hist.pdbx_number_atoms_protein        1311 
_refine_hist.pdbx_number_atoms_nucleic_acid   0 
_refine_hist.pdbx_number_atoms_ligand         6 
_refine_hist.number_atoms_solvent             41 
_refine_hist.number_atoms_total               1358 
_refine_hist.d_res_high                       2.1000 
_refine_hist.d_res_low                        22.8900 
# 
loop_
_refine_ls_restr.type 
_refine_ls_restr.number 
_refine_ls_restr.dev_ideal 
_refine_ls_restr.dev_ideal_target 
_refine_ls_restr.weight 
_refine_ls_restr.pdbx_refine_id 
_refine_ls_restr.pdbx_restraint_function 
r_bond_refined_d       1344 0.008  0.021  ? 'X-RAY DIFFRACTION' ? 
r_angle_refined_deg    1812 1.000  1.918  ? 'X-RAY DIFFRACTION' ? 
r_dihedral_angle_1_deg 163  5.140  5.000  ? 'X-RAY DIFFRACTION' ? 
r_dihedral_angle_2_deg 71   28.443 24.085 ? 'X-RAY DIFFRACTION' ? 
r_dihedral_angle_3_deg 222  15.518 15.000 ? 'X-RAY DIFFRACTION' ? 
r_dihedral_angle_4_deg 8    12.719 15.000 ? 'X-RAY DIFFRACTION' ? 
r_chiral_restr         187  0.064  0.200  ? 'X-RAY DIFFRACTION' ? 
r_gen_planes_refined   1054 0.003  0.021  ? 'X-RAY DIFFRACTION' ? 
r_mcbond_it            827  0.366  1.500  ? 'X-RAY DIFFRACTION' ? 
r_mcangle_it           1330 0.728  2.000  ? 'X-RAY DIFFRACTION' ? 
r_scbond_it            517  0.941  3.000  ? 'X-RAY DIFFRACTION' ? 
r_scangle_it           482  1.342  4.500  ? 'X-RAY DIFFRACTION' ? 
# 
_refine_ls_shell.d_res_high                       2.0990 
_refine_ls_shell.d_res_low                        2.1530 
_refine_ls_shell.pdbx_total_number_of_bins_used   20 
_refine_ls_shell.percent_reflns_obs               99.6600 
_refine_ls_shell.number_reflns_R_work             832 
_refine_ls_shell.R_factor_all                     ? 
_refine_ls_shell.R_factor_R_work                  0.2720 
_refine_ls_shell.R_factor_R_free                  0.3660 
_refine_ls_shell.percent_reflns_R_free            ? 
_refine_ls_shell.number_reflns_R_free             45 
_refine_ls_shell.R_factor_R_free_error            ? 
_refine_ls_shell.number_reflns_all                877 
_refine_ls_shell.number_reflns_obs                ? 
_refine_ls_shell.pdbx_refine_id                   'X-RAY DIFFRACTION' 
_refine_ls_shell.redundancy_reflns_obs            ? 
# 
_struct.entry_id                  3NIN 
_struct.title                     'The structure of UBR box (RLGES)' 
_struct.pdbx_model_details        ? 
_struct.pdbx_CASP_flag            ? 
_struct.pdbx_model_type_details   ? 
# 
_struct_keywords.entry_id        3NIN 
_struct_keywords.text            'E3 ubiquitin ligase, UBR box, Zinc-binding protein, N-end rule, Ligase, metal binding protein' 
_struct_keywords.pdbx_keywords   'METAL BINDING PROTEIN' 
# 
loop_
_struct_asym.id 
_struct_asym.pdbx_blank_PDB_chainid_flag 
_struct_asym.pdbx_modified 
_struct_asym.entity_id 
_struct_asym.details 
A N N 1 ? 
B N N 1 ? 
C N N 2 ? 
D N N 2 ? 
E N N 3 ? 
F N N 3 ? 
G N N 3 ? 
H N N 3 ? 
I N N 3 ? 
J N N 3 ? 
K N N 4 ? 
L N N 4 ? 
# 
loop_
_struct_ref.id 
_struct_ref.db_name 
_struct_ref.db_code 
_struct_ref.pdbx_db_accession 
_struct_ref.entity_id 
_struct_ref.pdbx_seq_one_letter_code 
_struct_ref.pdbx_align_begin 
_struct_ref.pdbx_db_isoform 
1 UNP UBR1_YEAST P19812 1 
;VHKHTGRNCGRKFKIGEPLYRCHECGCDDTCVLCIHCFNPKDHVNHHVCTDICTEFTSGICDCGDEEAWNSPLHCKAEEQ

;
115 ? 
2 PDB 3NIN       3NIN   2 RLGES                                                                               1   ? 
# 
loop_
_struct_ref_seq.align_id 
_struct_ref_seq.ref_id 
_struct_ref_seq.pdbx_PDB_id_code 
_struct_ref_seq.pdbx_strand_id 
_struct_ref_seq.seq_align_beg 
_struct_ref_seq.pdbx_seq_align_beg_ins_code 
_struct_ref_seq.seq_align_end 
_struct_ref_seq.pdbx_seq_align_end_ins_code 
_struct_ref_seq.pdbx_db_accession 
_struct_ref_seq.db_align_beg 
_struct_ref_seq.pdbx_db_align_beg_ins_code 
_struct_ref_seq.db_align_end 
_struct_ref_seq.pdbx_db_align_end_ins_code 
_struct_ref_seq.pdbx_auth_seq_align_beg 
_struct_ref_seq.pdbx_auth_seq_align_end 
1 1 3NIN A 3 ? 82 ? P19812 115 ? 194 ? 115 194 
2 1 3NIN B 3 ? 82 ? P19812 115 ? 194 ? 115 194 
3 2 3NIN D 1 ? 5  ? 3NIN   1   ? 5   ? 1   5   
4 2 3NIN E 1 ? 5  ? 3NIN   1   ? 5   ? 1   5   
# 
loop_
_struct_ref_seq_dif.align_id 
_struct_ref_seq_dif.pdbx_pdb_id_code 
_struct_ref_seq_dif.mon_id 
_struct_ref_seq_dif.pdbx_pdb_strand_id 
_struct_ref_seq_dif.seq_num 
_struct_ref_seq_dif.pdbx_pdb_ins_code 
_struct_ref_seq_dif.pdbx_seq_db_name 
_struct_ref_seq_dif.pdbx_seq_db_accession_code 
_struct_ref_seq_dif.db_mon_id 
_struct_ref_seq_dif.pdbx_seq_db_seq_num 
_struct_ref_seq_dif.details 
_struct_ref_seq_dif.pdbx_auth_seq_num 
_struct_ref_seq_dif.pdbx_ordinal 
1 3NIN GLY A 1 ? UNP P19812 ? ? 'expression tag' 113 1 
1 3NIN SER A 2 ? UNP P19812 ? ? 'expression tag' 114 2 
2 3NIN GLY B 1 ? UNP P19812 ? ? 'expression tag' 113 3 
2 3NIN SER B 2 ? UNP P19812 ? ? 'expression tag' 114 4 
# 
loop_
_pdbx_struct_assembly.id 
_pdbx_struct_assembly.details 
_pdbx_struct_assembly.method_details 
_pdbx_struct_assembly.oligomeric_details 
_pdbx_struct_assembly.oligomeric_count 
1 author_and_software_defined_assembly PISA dimeric 2 
2 author_and_software_defined_assembly PISA dimeric 2 
# 
loop_
_pdbx_struct_assembly_prop.biol_id 
_pdbx_struct_assembly_prop.type 
_pdbx_struct_assembly_prop.value 
_pdbx_struct_assembly_prop.details 
1 'ABSA (A^2)' 790  ? 
1 MORE         0    ? 
1 'SSA (A^2)'  5450 ? 
2 'ABSA (A^2)' 670  ? 
2 MORE         -0   ? 
2 'SSA (A^2)'  5270 ? 
# 
loop_
_pdbx_struct_assembly_gen.assembly_id 
_pdbx_struct_assembly_gen.oper_expression 
_pdbx_struct_assembly_gen.asym_id_list 
1 1 A,C,E,F,G,K 
2 1 B,D,H,I,J,L 
# 
_pdbx_struct_oper_list.id                   1 
_pdbx_struct_oper_list.type                 'identity operation' 
_pdbx_struct_oper_list.name                 1_555 
_pdbx_struct_oper_list.symmetry_operation   x,y,z 
_pdbx_struct_oper_list.matrix[1][1]         1.0000000000 
_pdbx_struct_oper_list.matrix[1][2]         0.0000000000 
_pdbx_struct_oper_list.matrix[1][3]         0.0000000000 
_pdbx_struct_oper_list.vector[1]            0.0000000000 
_pdbx_struct_oper_list.matrix[2][1]         0.0000000000 
_pdbx_struct_oper_list.matrix[2][2]         1.0000000000 
_pdbx_struct_oper_list.matrix[2][3]         0.0000000000 
_pdbx_struct_oper_list.vector[2]            0.0000000000 
_pdbx_struct_oper_list.matrix[3][1]         0.0000000000 
_pdbx_struct_oper_list.matrix[3][2]         0.0000000000 
_pdbx_struct_oper_list.matrix[3][3]         1.0000000000 
_pdbx_struct_oper_list.vector[3]            0.0000000000 
# 
_struct_biol.id        1 
_struct_biol.details   ? 
# 
loop_
_struct_conf.conf_type_id 
_struct_conf.id 
_struct_conf.pdbx_PDB_helix_id 
_struct_conf.beg_label_comp_id 
_struct_conf.beg_label_asym_id 
_struct_conf.beg_label_seq_id 
_struct_conf.pdbx_beg_PDB_ins_code 
_struct_conf.end_label_comp_id 
_struct_conf.end_label_asym_id 
_struct_conf.end_label_seq_id 
_struct_conf.pdbx_end_PDB_ins_code 
_struct_conf.beg_auth_comp_id 
_struct_conf.beg_auth_asym_id 
_struct_conf.beg_auth_seq_id 
_struct_conf.end_auth_comp_id 
_struct_conf.end_auth_asym_id 
_struct_conf.end_auth_seq_id 
_struct_conf.pdbx_PDB_helix_class 
_struct_conf.details 
_struct_conf.pdbx_PDB_helix_length 
HELX_P HELX_P1 1 ASN A 41 ? HIS A 45 ? ASN A 153 HIS A 157 5 ? 5 
HELX_P HELX_P2 2 ASP A 67 ? TRP A 71 ? ASP A 179 TRP A 183 5 ? 5 
HELX_P HELX_P3 3 CYS A 77 ? GLU A 81 ? CYS A 189 GLU A 193 5 ? 5 
HELX_P HELX_P4 4 ASN B 41 ? VAL B 46 ? ASN B 153 VAL B 158 5 ? 6 
HELX_P HELX_P5 5 ASP B 67 ? TRP B 71 ? ASP B 179 TRP B 183 5 ? 5 
HELX_P HELX_P6 6 CYS B 77 ? GLU B 81 ? CYS B 189 GLU B 193 5 ? 5 
# 
_struct_conf_type.id          HELX_P 
_struct_conf_type.criteria    ? 
_struct_conf_type.reference   ? 
# 
loop_
_struct_conn.id 
_struct_conn.conn_type_id 
_struct_conn.pdbx_leaving_atom_flag 
_struct_conn.pdbx_PDB_id 
_struct_conn.ptnr1_label_asym_id 
_struct_conn.ptnr1_label_comp_id 
_struct_conn.ptnr1_label_seq_id 
_struct_conn.ptnr1_label_atom_id 
_struct_conn.pdbx_ptnr1_label_alt_id 
_struct_conn.pdbx_ptnr1_PDB_ins_code 
_struct_conn.pdbx_ptnr1_standard_comp_id 
_struct_conn.ptnr1_symmetry 
_struct_conn.ptnr2_label_asym_id 
_struct_conn.ptnr2_label_comp_id 
_struct_conn.ptnr2_label_seq_id 
_struct_conn.ptnr2_label_atom_id 
_struct_conn.pdbx_ptnr2_label_alt_id 
_struct_conn.pdbx_ptnr2_PDB_ins_code 
_struct_conn.ptnr1_auth_asym_id 
_struct_conn.ptnr1_auth_comp_id 
_struct_conn.ptnr1_auth_seq_id 
_struct_conn.ptnr2_auth_asym_id 
_struct_conn.ptnr2_auth_comp_id 
_struct_conn.ptnr2_auth_seq_id 
_struct_conn.ptnr2_symmetry 
_struct_conn.pdbx_ptnr3_label_atom_id 
_struct_conn.pdbx_ptnr3_label_seq_id 
_struct_conn.pdbx_ptnr3_label_comp_id 
_struct_conn.pdbx_ptnr3_label_asym_id 
_struct_conn.pdbx_ptnr3_label_alt_id 
_struct_conn.pdbx_ptnr3_PDB_ins_code 
_struct_conn.details 
_struct_conn.pdbx_dist_value 
_struct_conn.pdbx_value_order 
_struct_conn.pdbx_role 
disulf1  disulf ? ? A CYS 51 SG ? ? ? 1_555 B CYS 51 SG  ? ? A CYS 163 B CYS 163 1_555 ? ? ? ? ? ? ? 2.038 ? ? 
metalc1  metalc ? ? E ZN  .  ZN ? ? ? 1_555 A CYS 11 SG  ? ? A ZN  1   A CYS 123 1_555 ? ? ? ? ? ? ? 2.420 ? ? 
metalc2  metalc ? ? E ZN  .  ZN ? ? ? 1_555 A CYS 36 SG  ? ? A ZN  1   A CYS 148 1_555 ? ? ? ? ? ? ? 2.341 ? ? 
metalc3  metalc ? ? E ZN  .  ZN ? ? ? 1_555 A CYS 39 SG  ? ? A ZN  1   A CYS 151 1_555 ? ? ? ? ? ? ? 2.476 ? ? 
metalc4  metalc ? ? E ZN  .  ZN ? ? ? 1_555 A CYS 63 SG  ? ? A ZN  1   A CYS 175 1_555 ? ? ? ? ? ? ? 2.197 ? ? 
metalc5  metalc ? ? F ZN  .  ZN ? ? ? 1_555 A HIS 6  NE2 ? ? A ZN  2   A HIS 118 1_555 ? ? ? ? ? ? ? 2.282 ? ? 
metalc6  metalc ? ? F ZN  .  ZN ? ? ? 1_555 A CYS 39 SG  ? ? A ZN  2   A CYS 151 1_555 ? ? ? ? ? ? ? 2.281 ? ? 
metalc7  metalc ? ? F ZN  .  ZN ? ? ? 1_555 A CYS 65 SG  ? ? A ZN  2   A CYS 177 1_555 ? ? ? ? ? ? ? 2.087 ? ? 
metalc8  metalc ? ? F ZN  .  ZN ? ? ? 1_555 A CYS 77 SG  ? ? A ZN  2   A CYS 189 1_555 ? ? ? ? ? ? ? 2.393 ? ? 
metalc9  metalc ? ? G ZN  .  ZN ? ? ? 1_555 A CYS 24 SG  ? ? A ZN  3   A CYS 136 1_555 ? ? ? ? ? ? ? 2.071 ? ? 
metalc10 metalc ? ? G ZN  .  ZN ? ? ? 1_555 A CYS 27 SG  ? ? A ZN  3   A CYS 139 1_555 ? ? ? ? ? ? ? 2.596 ? ? 
metalc11 metalc ? ? G ZN  .  ZN ? ? ? 1_555 A HIS 45 ND1 ? ? A ZN  3   A HIS 157 1_555 ? ? ? ? ? ? ? 1.956 ? ? 
metalc12 metalc ? ? G ZN  .  ZN ? ? ? 1_555 A HIS 48 ND1 ? ? A ZN  3   A HIS 160 1_555 ? ? ? ? ? ? ? 2.229 ? ? 
metalc13 metalc ? ? H ZN  .  ZN ? ? ? 1_555 B CYS 11 SG  ? ? B ZN  1   B CYS 123 1_555 ? ? ? ? ? ? ? 2.341 ? ? 
metalc14 metalc ? ? H ZN  .  ZN ? ? ? 1_555 B CYS 36 SG  ? ? B ZN  1   B CYS 148 1_555 ? ? ? ? ? ? ? 2.427 ? ? 
metalc15 metalc ? ? H ZN  .  ZN ? ? ? 1_555 B CYS 39 SG  ? ? B ZN  1   B CYS 151 1_555 ? ? ? ? ? ? ? 2.095 ? ? 
metalc16 metalc ? ? H ZN  .  ZN ? ? ? 1_555 B CYS 63 SG  ? ? B ZN  1   B CYS 175 1_555 ? ? ? ? ? ? ? 2.291 ? ? 
metalc17 metalc ? ? I ZN  .  ZN ? ? ? 1_555 B HIS 6  NE2 ? ? B ZN  2   B HIS 118 1_555 ? ? ? ? ? ? ? 2.178 ? ? 
metalc18 metalc ? ? I ZN  .  ZN ? ? ? 1_555 B CYS 39 SG  ? ? B ZN  2   B CYS 151 1_555 ? ? ? ? ? ? ? 2.357 ? ? 
metalc19 metalc ? ? I ZN  .  ZN ? ? ? 1_555 B CYS 65 SG  ? ? B ZN  2   B CYS 177 1_555 ? ? ? ? ? ? ? 2.237 ? ? 
metalc20 metalc ? ? I ZN  .  ZN ? ? ? 1_555 B CYS 77 SG  ? ? B ZN  2   B CYS 189 1_555 ? ? ? ? ? ? ? 2.313 ? ? 
metalc21 metalc ? ? J ZN  .  ZN ? ? ? 1_555 B CYS 24 SG  ? ? B ZN  3   B CYS 136 1_555 ? ? ? ? ? ? ? 1.955 ? ? 
metalc22 metalc ? ? J ZN  .  ZN ? ? ? 1_555 B CYS 27 SG  ? ? B ZN  3   B CYS 139 1_555 ? ? ? ? ? ? ? 2.549 ? ? 
metalc23 metalc ? ? J ZN  .  ZN ? ? ? 1_555 B HIS 45 ND1 ? ? B ZN  3   B HIS 157 1_555 ? ? ? ? ? ? ? 2.035 ? ? 
metalc24 metalc ? ? J ZN  .  ZN ? ? ? 1_555 B HIS 48 ND1 ? ? B ZN  3   B HIS 160 1_555 ? ? ? ? ? ? ? 2.225 ? ? 
# 
loop_
_struct_conn_type.id 
_struct_conn_type.criteria 
_struct_conn_type.reference 
disulf ? ? 
metalc ? ? 
# 
loop_
_pdbx_struct_conn_angle.id 
_pdbx_struct_conn_angle.ptnr1_label_atom_id 
_pdbx_struct_conn_angle.ptnr1_label_alt_id 
_pdbx_struct_conn_angle.ptnr1_label_asym_id 
_pdbx_struct_conn_angle.ptnr1_label_comp_id 
_pdbx_struct_conn_angle.ptnr1_label_seq_id 
_pdbx_struct_conn_angle.ptnr1_auth_atom_id 
_pdbx_struct_conn_angle.ptnr1_auth_asym_id 
_pdbx_struct_conn_angle.ptnr1_auth_comp_id 
_pdbx_struct_conn_angle.ptnr1_auth_seq_id 
_pdbx_struct_conn_angle.ptnr1_PDB_ins_code 
_pdbx_struct_conn_angle.ptnr1_symmetry 
_pdbx_struct_conn_angle.ptnr2_label_atom_id 
_pdbx_struct_conn_angle.ptnr2_label_alt_id 
_pdbx_struct_conn_angle.ptnr2_label_asym_id 
_pdbx_struct_conn_angle.ptnr2_label_comp_id 
_pdbx_struct_conn_angle.ptnr2_label_seq_id 
_pdbx_struct_conn_angle.ptnr2_auth_atom_id 
_pdbx_struct_conn_angle.ptnr2_auth_asym_id 
_pdbx_struct_conn_angle.ptnr2_auth_comp_id 
_pdbx_struct_conn_angle.ptnr2_auth_seq_id 
_pdbx_struct_conn_angle.ptnr2_PDB_ins_code 
_pdbx_struct_conn_angle.ptnr2_symmetry 
_pdbx_struct_conn_angle.ptnr3_label_atom_id 
_pdbx_struct_conn_angle.ptnr3_label_alt_id 
_pdbx_struct_conn_angle.ptnr3_label_asym_id 
_pdbx_struct_conn_angle.ptnr3_label_comp_id 
_pdbx_struct_conn_angle.ptnr3_label_seq_id 
_pdbx_struct_conn_angle.ptnr3_auth_atom_id 
_pdbx_struct_conn_angle.ptnr3_auth_asym_id 
_pdbx_struct_conn_angle.ptnr3_auth_comp_id 
_pdbx_struct_conn_angle.ptnr3_auth_seq_id 
_pdbx_struct_conn_angle.ptnr3_PDB_ins_code 
_pdbx_struct_conn_angle.ptnr3_symmetry 
_pdbx_struct_conn_angle.value 
_pdbx_struct_conn_angle.value_esd 
1  SG  ? A CYS 11 ? A CYS 123 ? 1_555 ZN ? E ZN . ? A ZN 1 ? 1_555 SG  ? A CYS 36 ? A CYS 148 ? 1_555 126.9 ? 
2  SG  ? A CYS 11 ? A CYS 123 ? 1_555 ZN ? E ZN . ? A ZN 1 ? 1_555 SG  ? A CYS 39 ? A CYS 151 ? 1_555 102.9 ? 
3  SG  ? A CYS 36 ? A CYS 148 ? 1_555 ZN ? E ZN . ? A ZN 1 ? 1_555 SG  ? A CYS 39 ? A CYS 151 ? 1_555 97.8  ? 
4  SG  ? A CYS 11 ? A CYS 123 ? 1_555 ZN ? E ZN . ? A ZN 1 ? 1_555 SG  ? A CYS 63 ? A CYS 175 ? 1_555 102.3 ? 
5  SG  ? A CYS 36 ? A CYS 148 ? 1_555 ZN ? E ZN . ? A ZN 1 ? 1_555 SG  ? A CYS 63 ? A CYS 175 ? 1_555 114.6 ? 
6  SG  ? A CYS 39 ? A CYS 151 ? 1_555 ZN ? E ZN . ? A ZN 1 ? 1_555 SG  ? A CYS 63 ? A CYS 175 ? 1_555 111.2 ? 
7  NE2 ? A HIS 6  ? A HIS 118 ? 1_555 ZN ? F ZN . ? A ZN 2 ? 1_555 SG  ? A CYS 39 ? A CYS 151 ? 1_555 113.0 ? 
8  NE2 ? A HIS 6  ? A HIS 118 ? 1_555 ZN ? F ZN . ? A ZN 2 ? 1_555 SG  ? A CYS 65 ? A CYS 177 ? 1_555 94.1  ? 
9  SG  ? A CYS 39 ? A CYS 151 ? 1_555 ZN ? F ZN . ? A ZN 2 ? 1_555 SG  ? A CYS 65 ? A CYS 177 ? 1_555 112.6 ? 
10 NE2 ? A HIS 6  ? A HIS 118 ? 1_555 ZN ? F ZN . ? A ZN 2 ? 1_555 SG  ? A CYS 77 ? A CYS 189 ? 1_555 110.4 ? 
11 SG  ? A CYS 39 ? A CYS 151 ? 1_555 ZN ? F ZN . ? A ZN 2 ? 1_555 SG  ? A CYS 77 ? A CYS 189 ? 1_555 115.8 ? 
12 SG  ? A CYS 65 ? A CYS 177 ? 1_555 ZN ? F ZN . ? A ZN 2 ? 1_555 SG  ? A CYS 77 ? A CYS 189 ? 1_555 108.9 ? 
13 SG  ? A CYS 24 ? A CYS 136 ? 1_555 ZN ? G ZN . ? A ZN 3 ? 1_555 SG  ? A CYS 27 ? A CYS 139 ? 1_555 113.2 ? 
14 SG  ? A CYS 24 ? A CYS 136 ? 1_555 ZN ? G ZN . ? A ZN 3 ? 1_555 ND1 ? A HIS 45 ? A HIS 157 ? 1_555 116.2 ? 
15 SG  ? A CYS 27 ? A CYS 139 ? 1_555 ZN ? G ZN . ? A ZN 3 ? 1_555 ND1 ? A HIS 45 ? A HIS 157 ? 1_555 99.4  ? 
16 SG  ? A CYS 24 ? A CYS 136 ? 1_555 ZN ? G ZN . ? A ZN 3 ? 1_555 ND1 ? A HIS 48 ? A HIS 160 ? 1_555 111.2 ? 
17 SG  ? A CYS 27 ? A CYS 139 ? 1_555 ZN ? G ZN . ? A ZN 3 ? 1_555 ND1 ? A HIS 48 ? A HIS 160 ? 1_555 99.0  ? 
18 ND1 ? A HIS 45 ? A HIS 157 ? 1_555 ZN ? G ZN . ? A ZN 3 ? 1_555 ND1 ? A HIS 48 ? A HIS 160 ? 1_555 115.9 ? 
19 SG  ? B CYS 11 ? B CYS 123 ? 1_555 ZN ? H ZN . ? B ZN 1 ? 1_555 SG  ? B CYS 36 ? B CYS 148 ? 1_555 123.5 ? 
20 SG  ? B CYS 11 ? B CYS 123 ? 1_555 ZN ? H ZN . ? B ZN 1 ? 1_555 SG  ? B CYS 39 ? B CYS 151 ? 1_555 99.9  ? 
21 SG  ? B CYS 36 ? B CYS 148 ? 1_555 ZN ? H ZN . ? B ZN 1 ? 1_555 SG  ? B CYS 39 ? B CYS 151 ? 1_555 104.4 ? 
22 SG  ? B CYS 11 ? B CYS 123 ? 1_555 ZN ? H ZN . ? B ZN 1 ? 1_555 SG  ? B CYS 63 ? B CYS 175 ? 1_555 105.3 ? 
23 SG  ? B CYS 36 ? B CYS 148 ? 1_555 ZN ? H ZN . ? B ZN 1 ? 1_555 SG  ? B CYS 63 ? B CYS 175 ? 1_555 114.8 ? 
24 SG  ? B CYS 39 ? B CYS 151 ? 1_555 ZN ? H ZN . ? B ZN 1 ? 1_555 SG  ? B CYS 63 ? B CYS 175 ? 1_555 106.8 ? 
25 NE2 ? B HIS 6  ? B HIS 118 ? 1_555 ZN ? I ZN . ? B ZN 2 ? 1_555 SG  ? B CYS 39 ? B CYS 151 ? 1_555 110.0 ? 
26 NE2 ? B HIS 6  ? B HIS 118 ? 1_555 ZN ? I ZN . ? B ZN 2 ? 1_555 SG  ? B CYS 65 ? B CYS 177 ? 1_555 100.8 ? 
27 SG  ? B CYS 39 ? B CYS 151 ? 1_555 ZN ? I ZN . ? B ZN 2 ? 1_555 SG  ? B CYS 65 ? B CYS 177 ? 1_555 108.6 ? 
28 NE2 ? B HIS 6  ? B HIS 118 ? 1_555 ZN ? I ZN . ? B ZN 2 ? 1_555 SG  ? B CYS 77 ? B CYS 189 ? 1_555 97.4  ? 
29 SG  ? B CYS 39 ? B CYS 151 ? 1_555 ZN ? I ZN . ? B ZN 2 ? 1_555 SG  ? B CYS 77 ? B CYS 189 ? 1_555 127.1 ? 
30 SG  ? B CYS 65 ? B CYS 177 ? 1_555 ZN ? I ZN . ? B ZN 2 ? 1_555 SG  ? B CYS 77 ? B CYS 189 ? 1_555 109.5 ? 
31 SG  ? B CYS 24 ? B CYS 136 ? 1_555 ZN ? J ZN . ? B ZN 3 ? 1_555 SG  ? B CYS 27 ? B CYS 139 ? 1_555 116.3 ? 
32 SG  ? B CYS 24 ? B CYS 136 ? 1_555 ZN ? J ZN . ? B ZN 3 ? 1_555 ND1 ? B HIS 45 ? B HIS 157 ? 1_555 115.3 ? 
33 SG  ? B CYS 27 ? B CYS 139 ? 1_555 ZN ? J ZN . ? B ZN 3 ? 1_555 ND1 ? B HIS 45 ? B HIS 157 ? 1_555 100.9 ? 
34 SG  ? B CYS 24 ? B CYS 136 ? 1_555 ZN ? J ZN . ? B ZN 3 ? 1_555 ND1 ? B HIS 48 ? B HIS 160 ? 1_555 100.3 ? 
35 SG  ? B CYS 27 ? B CYS 139 ? 1_555 ZN ? J ZN . ? B ZN 3 ? 1_555 ND1 ? B HIS 48 ? B HIS 160 ? 1_555 98.3  ? 
36 ND1 ? B HIS 45 ? B HIS 157 ? 1_555 ZN ? J ZN . ? B ZN 3 ? 1_555 ND1 ? B HIS 48 ? B HIS 160 ? 1_555 125.4 ? 
# 
_pdbx_modification_feature.ordinal                            1 
_pdbx_modification_feature.label_comp_id                      CYS 
_pdbx_modification_feature.label_asym_id                      A 
_pdbx_modification_feature.label_seq_id                       51 
_pdbx_modification_feature.label_alt_id                       ? 
_pdbx_modification_feature.modified_residue_label_comp_id     CYS 
_pdbx_modification_feature.modified_residue_label_asym_id     B 
_pdbx_modification_feature.modified_residue_label_seq_id      51 
_pdbx_modification_feature.modified_residue_label_alt_id      ? 
_pdbx_modification_feature.auth_comp_id                       CYS 
_pdbx_modification_feature.auth_asym_id                       A 
_pdbx_modification_feature.auth_seq_id                        163 
_pdbx_modification_feature.PDB_ins_code                       ? 
_pdbx_modification_feature.symmetry                           1_555 
_pdbx_modification_feature.modified_residue_auth_comp_id      CYS 
_pdbx_modification_feature.modified_residue_auth_asym_id      B 
_pdbx_modification_feature.modified_residue_auth_seq_id       163 
_pdbx_modification_feature.modified_residue_PDB_ins_code      ? 
_pdbx_modification_feature.modified_residue_symmetry          1_555 
_pdbx_modification_feature.comp_id_linking_atom               SG 
_pdbx_modification_feature.modified_residue_id_linking_atom   SG 
_pdbx_modification_feature.modified_residue_id                . 
_pdbx_modification_feature.ref_pcm_id                         . 
_pdbx_modification_feature.ref_comp_id                        . 
_pdbx_modification_feature.type                               None 
_pdbx_modification_feature.category                           'Disulfide bridge' 
# 
loop_
_struct_sheet.id 
_struct_sheet.type 
_struct_sheet.number_strands 
_struct_sheet.details 
A ? 2 ? 
B ? 2 ? 
C ? 2 ? 
# 
loop_
_struct_sheet_order.sheet_id 
_struct_sheet_order.range_id_1 
_struct_sheet_order.range_id_2 
_struct_sheet_order.offset 
_struct_sheet_order.sense 
A 1 2 ? anti-parallel 
B 1 2 ? anti-parallel 
C 1 2 ? anti-parallel 
# 
loop_
_struct_sheet_range.sheet_id 
_struct_sheet_range.id 
_struct_sheet_range.beg_label_comp_id 
_struct_sheet_range.beg_label_asym_id 
_struct_sheet_range.beg_label_seq_id 
_struct_sheet_range.pdbx_beg_PDB_ins_code 
_struct_sheet_range.end_label_comp_id 
_struct_sheet_range.end_label_asym_id 
_struct_sheet_range.end_label_seq_id 
_struct_sheet_range.pdbx_end_PDB_ins_code 
_struct_sheet_range.beg_auth_comp_id 
_struct_sheet_range.beg_auth_asym_id 
_struct_sheet_range.beg_auth_seq_id 
_struct_sheet_range.end_auth_comp_id 
_struct_sheet_range.end_auth_asym_id 
_struct_sheet_range.end_auth_seq_id 
A 1 PRO A 20 ? CYS A 24 ? PRO A 132 CYS A 136 
A 2 VAL A 50 ? ILE A 54 ? VAL A 162 ILE A 166 
B 1 SER A 60 ? GLY A 61 ? SER A 172 GLY A 173 
B 2 LEU C 2  ? GLY C 3  ? LEU D 2   GLY D 3   
C 1 PRO B 20 ? CYS B 24 ? PRO B 132 CYS B 136 
C 2 VAL B 50 ? ILE B 54 ? VAL B 162 ILE B 166 
# 
loop_
_pdbx_struct_sheet_hbond.sheet_id 
_pdbx_struct_sheet_hbond.range_id_1 
_pdbx_struct_sheet_hbond.range_id_2 
_pdbx_struct_sheet_hbond.range_1_label_atom_id 
_pdbx_struct_sheet_hbond.range_1_label_comp_id 
_pdbx_struct_sheet_hbond.range_1_label_asym_id 
_pdbx_struct_sheet_hbond.range_1_label_seq_id 
_pdbx_struct_sheet_hbond.range_1_PDB_ins_code 
_pdbx_struct_sheet_hbond.range_1_auth_atom_id 
_pdbx_struct_sheet_hbond.range_1_auth_comp_id 
_pdbx_struct_sheet_hbond.range_1_auth_asym_id 
_pdbx_struct_sheet_hbond.range_1_auth_seq_id 
_pdbx_struct_sheet_hbond.range_2_label_atom_id 
_pdbx_struct_sheet_hbond.range_2_label_comp_id 
_pdbx_struct_sheet_hbond.range_2_label_asym_id 
_pdbx_struct_sheet_hbond.range_2_label_seq_id 
_pdbx_struct_sheet_hbond.range_2_PDB_ins_code 
_pdbx_struct_sheet_hbond.range_2_auth_atom_id 
_pdbx_struct_sheet_hbond.range_2_auth_comp_id 
_pdbx_struct_sheet_hbond.range_2_auth_asym_id 
_pdbx_struct_sheet_hbond.range_2_auth_seq_id 
A 1 2 N LEU A 21 ? N LEU A 133 O ASP A 53 ? O ASP A 165 
B 1 2 N SER A 60 ? N SER A 172 O GLY C 3  ? O GLY D 3   
C 1 2 N ARG B 23 ? N ARG B 135 O CYS B 51 ? O CYS B 163 
# 
loop_
_struct_site.id 
_struct_site.pdbx_evidence_code 
_struct_site.pdbx_auth_asym_id 
_struct_site.pdbx_auth_comp_id 
_struct_site.pdbx_auth_seq_id 
_struct_site.pdbx_auth_ins_code 
_struct_site.pdbx_num_residues 
_struct_site.details 
AC1 Software A ZN 1 ? 4 'BINDING SITE FOR RESIDUE ZN A 1' 
AC2 Software A ZN 2 ? 4 'BINDING SITE FOR RESIDUE ZN A 2' 
AC3 Software A ZN 3 ? 4 'BINDING SITE FOR RESIDUE ZN A 3' 
AC4 Software B ZN 1 ? 4 'BINDING SITE FOR RESIDUE ZN B 1' 
AC5 Software B ZN 2 ? 4 'BINDING SITE FOR RESIDUE ZN B 2' 
AC6 Software B ZN 3 ? 4 'BINDING SITE FOR RESIDUE ZN B 3' 
# 
loop_
_struct_site_gen.id 
_struct_site_gen.site_id 
_struct_site_gen.pdbx_num_res 
_struct_site_gen.label_comp_id 
_struct_site_gen.label_asym_id 
_struct_site_gen.label_seq_id 
_struct_site_gen.pdbx_auth_ins_code 
_struct_site_gen.auth_comp_id 
_struct_site_gen.auth_asym_id 
_struct_site_gen.auth_seq_id 
_struct_site_gen.label_atom_id 
_struct_site_gen.label_alt_id 
_struct_site_gen.symmetry 
_struct_site_gen.details 
1  AC1 4 CYS A 11 ? CYS A 123 . ? 1_555 ? 
2  AC1 4 CYS A 36 ? CYS A 148 . ? 1_555 ? 
3  AC1 4 CYS A 39 ? CYS A 151 . ? 1_555 ? 
4  AC1 4 CYS A 63 ? CYS A 175 . ? 1_555 ? 
5  AC2 4 HIS A 6  ? HIS A 118 . ? 1_555 ? 
6  AC2 4 CYS A 39 ? CYS A 151 . ? 1_555 ? 
7  AC2 4 CYS A 65 ? CYS A 177 . ? 1_555 ? 
8  AC2 4 CYS A 77 ? CYS A 189 . ? 1_555 ? 
9  AC3 4 CYS A 24 ? CYS A 136 . ? 1_555 ? 
10 AC3 4 CYS A 27 ? CYS A 139 . ? 1_555 ? 
11 AC3 4 HIS A 45 ? HIS A 157 . ? 1_555 ? 
12 AC3 4 HIS A 48 ? HIS A 160 . ? 1_555 ? 
13 AC4 4 CYS B 11 ? CYS B 123 . ? 1_555 ? 
14 AC4 4 CYS B 36 ? CYS B 148 . ? 1_555 ? 
15 AC4 4 CYS B 39 ? CYS B 151 . ? 1_555 ? 
16 AC4 4 CYS B 63 ? CYS B 175 . ? 1_555 ? 
17 AC5 4 HIS B 6  ? HIS B 118 . ? 1_555 ? 
18 AC5 4 CYS B 39 ? CYS B 151 . ? 1_555 ? 
19 AC5 4 CYS B 65 ? CYS B 177 . ? 1_555 ? 
20 AC5 4 CYS B 77 ? CYS B 189 . ? 1_555 ? 
21 AC6 4 CYS B 24 ? CYS B 136 . ? 1_555 ? 
22 AC6 4 CYS B 27 ? CYS B 139 . ? 1_555 ? 
23 AC6 4 HIS B 45 ? HIS B 157 . ? 1_555 ? 
24 AC6 4 HIS B 48 ? HIS B 160 . ? 1_555 ? 
# 
_pdbx_entry_details.entry_id                   3NIN 
_pdbx_entry_details.compound_details           ? 
_pdbx_entry_details.source_details             ? 
_pdbx_entry_details.nonpolymer_details         ? 
_pdbx_entry_details.sequence_details           ? 
_pdbx_entry_details.has_ligand_of_interest     ? 
_pdbx_entry_details.has_protein_modification   Y 
# 
_pdbx_validate_close_contact.id               1 
_pdbx_validate_close_contact.PDB_model_num    1 
_pdbx_validate_close_contact.auth_atom_id_1   O 
_pdbx_validate_close_contact.auth_asym_id_1   A 
_pdbx_validate_close_contact.auth_comp_id_1   HOH 
_pdbx_validate_close_contact.auth_seq_id_1    18 
_pdbx_validate_close_contact.PDB_ins_code_1   ? 
_pdbx_validate_close_contact.label_alt_id_1   ? 
_pdbx_validate_close_contact.auth_atom_id_2   O 
_pdbx_validate_close_contact.auth_asym_id_2   A 
_pdbx_validate_close_contact.auth_comp_id_2   HOH 
_pdbx_validate_close_contact.auth_seq_id_2    33 
_pdbx_validate_close_contact.PDB_ins_code_2   ? 
_pdbx_validate_close_contact.label_alt_id_2   ? 
_pdbx_validate_close_contact.dist             2.09 
# 
loop_
_pdbx_validate_torsion.id 
_pdbx_validate_torsion.PDB_model_num 
_pdbx_validate_torsion.auth_comp_id 
_pdbx_validate_torsion.auth_asym_id 
_pdbx_validate_torsion.auth_seq_id 
_pdbx_validate_torsion.PDB_ins_code 
_pdbx_validate_torsion.label_alt_id 
_pdbx_validate_torsion.phi 
_pdbx_validate_torsion.psi 
1 1 HIS B 118 ? ? -142.74 43.51 
2 1 PHE B 170 ? ? -84.77  41.99 
# 
loop_
_pdbx_refine_tls.pdbx_refine_id 
_pdbx_refine_tls.id 
_pdbx_refine_tls.details 
_pdbx_refine_tls.method 
_pdbx_refine_tls.origin_x 
_pdbx_refine_tls.origin_y 
_pdbx_refine_tls.origin_z 
_pdbx_refine_tls.T[1][1] 
_pdbx_refine_tls.T[2][2] 
_pdbx_refine_tls.T[3][3] 
_pdbx_refine_tls.T[1][2] 
_pdbx_refine_tls.T[1][3] 
_pdbx_refine_tls.T[2][3] 
_pdbx_refine_tls.L[1][1] 
_pdbx_refine_tls.L[2][2] 
_pdbx_refine_tls.L[3][3] 
_pdbx_refine_tls.L[1][2] 
_pdbx_refine_tls.L[1][3] 
_pdbx_refine_tls.L[2][3] 
_pdbx_refine_tls.S[1][1] 
_pdbx_refine_tls.S[2][2] 
_pdbx_refine_tls.S[3][3] 
_pdbx_refine_tls.S[1][2] 
_pdbx_refine_tls.S[1][3] 
_pdbx_refine_tls.S[2][3] 
_pdbx_refine_tls.S[2][1] 
_pdbx_refine_tls.S[3][1] 
_pdbx_refine_tls.S[3][2] 
'X-RAY DIFFRACTION' 1 ? refined -10.8139 4.5036  0.2727 0.1924 0.4429 0.5574 0.2336 0.0784 0.3010 3.6127 4.9977 2.6676 -1.4336 -1.4768 0.6872  -0.1274 0.3613 -0.2339 -0.4171 -0.4889 0.4550 0.2963  0.0431  -0.0655 
'X-RAY DIFFRACTION' 2 ? refined 10.9327  -4.7582 0.8992 0.1838 0.4162 0.4767 0.2236 0.1416 0.2042 9.6015 3.7918 1.5264 -2.0846 0.3737  -1.2331 -0.0708 0.0644 0.0064  -0.5546 -0.1854 0.0178 -0.0793 -0.0392 0.0905  
# 
loop_
_pdbx_refine_tls_group.pdbx_refine_id 
_pdbx_refine_tls_group.id 
_pdbx_refine_tls_group.refine_tls_id 
_pdbx_refine_tls_group.beg_auth_asym_id 
_pdbx_refine_tls_group.beg_auth_seq_id 
_pdbx_refine_tls_group.end_auth_asym_id 
_pdbx_refine_tls_group.end_auth_seq_id 
_pdbx_refine_tls_group.selection_details 
_pdbx_refine_tls_group.beg_label_asym_id 
_pdbx_refine_tls_group.beg_label_seq_id 
_pdbx_refine_tls_group.end_label_asym_id 
_pdbx_refine_tls_group.end_label_seq_id 
_pdbx_refine_tls_group.selection 
'X-RAY DIFFRACTION' 1 1 A 115 A 194 ? . . . . ? 
'X-RAY DIFFRACTION' 2 2 B 115 B 194 ? . . . . ? 
# 
loop_
_pdbx_unobs_or_zero_occ_residues.id 
_pdbx_unobs_or_zero_occ_residues.PDB_model_num 
_pdbx_unobs_or_zero_occ_residues.polymer_flag 
_pdbx_unobs_or_zero_occ_residues.occupancy_flag 
_pdbx_unobs_or_zero_occ_residues.auth_asym_id 
_pdbx_unobs_or_zero_occ_residues.auth_comp_id 
_pdbx_unobs_or_zero_occ_residues.auth_seq_id 
_pdbx_unobs_or_zero_occ_residues.PDB_ins_code 
_pdbx_unobs_or_zero_occ_residues.label_asym_id 
_pdbx_unobs_or_zero_occ_residues.label_comp_id 
_pdbx_unobs_or_zero_occ_residues.label_seq_id 
1 1 Y 1 A GLY 113 ? A GLY 1 
2 1 Y 1 A SER 114 ? A SER 2 
3 1 Y 1 B GLY 113 ? B GLY 1 
4 1 Y 1 B SER 114 ? B SER 2 
5 1 Y 1 D SER 5   ? C SER 5 
6 1 Y 1 E GLU 4   ? D GLU 4 
7 1 Y 1 E SER 5   ? D SER 5 
# 
loop_
_chem_comp_atom.comp_id 
_chem_comp_atom.atom_id 
_chem_comp_atom.type_symbol 
_chem_comp_atom.pdbx_aromatic_flag 
_chem_comp_atom.pdbx_stereo_config 
_chem_comp_atom.pdbx_ordinal 
ALA N    N  N N 1   
ALA CA   C  N S 2   
ALA C    C  N N 3   
ALA O    O  N N 4   
ALA CB   C  N N 5   
ALA OXT  O  N N 6   
ALA H    H  N N 7   
ALA H2   H  N N 8   
ALA HA   H  N N 9   
ALA HB1  H  N N 10  
ALA HB2  H  N N 11  
ALA HB3  H  N N 12  
ALA HXT  H  N N 13  
ARG N    N  N N 14  
ARG CA   C  N S 15  
ARG C    C  N N 16  
ARG O    O  N N 17  
ARG CB   C  N N 18  
ARG CG   C  N N 19  
ARG CD   C  N N 20  
ARG NE   N  N N 21  
ARG CZ   C  N N 22  
ARG NH1  N  N N 23  
ARG NH2  N  N N 24  
ARG OXT  O  N N 25  
ARG H    H  N N 26  
ARG H2   H  N N 27  
ARG HA   H  N N 28  
ARG HB2  H  N N 29  
ARG HB3  H  N N 30  
ARG HG2  H  N N 31  
ARG HG3  H  N N 32  
ARG HD2  H  N N 33  
ARG HD3  H  N N 34  
ARG HE   H  N N 35  
ARG HH11 H  N N 36  
ARG HH12 H  N N 37  
ARG HH21 H  N N 38  
ARG HH22 H  N N 39  
ARG HXT  H  N N 40  
ASN N    N  N N 41  
ASN CA   C  N S 42  
ASN C    C  N N 43  
ASN O    O  N N 44  
ASN CB   C  N N 45  
ASN CG   C  N N 46  
ASN OD1  O  N N 47  
ASN ND2  N  N N 48  
ASN OXT  O  N N 49  
ASN H    H  N N 50  
ASN H2   H  N N 51  
ASN HA   H  N N 52  
ASN HB2  H  N N 53  
ASN HB3  H  N N 54  
ASN HD21 H  N N 55  
ASN HD22 H  N N 56  
ASN HXT  H  N N 57  
ASP N    N  N N 58  
ASP CA   C  N S 59  
ASP C    C  N N 60  
ASP O    O  N N 61  
ASP CB   C  N N 62  
ASP CG   C  N N 63  
ASP OD1  O  N N 64  
ASP OD2  O  N N 65  
ASP OXT  O  N N 66  
ASP H    H  N N 67  
ASP H2   H  N N 68  
ASP HA   H  N N 69  
ASP HB2  H  N N 70  
ASP HB3  H  N N 71  
ASP HD2  H  N N 72  
ASP HXT  H  N N 73  
CYS N    N  N N 74  
CYS CA   C  N R 75  
CYS C    C  N N 76  
CYS O    O  N N 77  
CYS CB   C  N N 78  
CYS SG   S  N N 79  
CYS OXT  O  N N 80  
CYS H    H  N N 81  
CYS H2   H  N N 82  
CYS HA   H  N N 83  
CYS HB2  H  N N 84  
CYS HB3  H  N N 85  
CYS HG   H  N N 86  
CYS HXT  H  N N 87  
GLN N    N  N N 88  
GLN CA   C  N S 89  
GLN C    C  N N 90  
GLN O    O  N N 91  
GLN CB   C  N N 92  
GLN CG   C  N N 93  
GLN CD   C  N N 94  
GLN OE1  O  N N 95  
GLN NE2  N  N N 96  
GLN OXT  O  N N 97  
GLN H    H  N N 98  
GLN H2   H  N N 99  
GLN HA   H  N N 100 
GLN HB2  H  N N 101 
GLN HB3  H  N N 102 
GLN HG2  H  N N 103 
GLN HG3  H  N N 104 
GLN HE21 H  N N 105 
GLN HE22 H  N N 106 
GLN HXT  H  N N 107 
GLU N    N  N N 108 
GLU CA   C  N S 109 
GLU C    C  N N 110 
GLU O    O  N N 111 
GLU CB   C  N N 112 
GLU CG   C  N N 113 
GLU CD   C  N N 114 
GLU OE1  O  N N 115 
GLU OE2  O  N N 116 
GLU OXT  O  N N 117 
GLU H    H  N N 118 
GLU H2   H  N N 119 
GLU HA   H  N N 120 
GLU HB2  H  N N 121 
GLU HB3  H  N N 122 
GLU HG2  H  N N 123 
GLU HG3  H  N N 124 
GLU HE2  H  N N 125 
GLU HXT  H  N N 126 
GLY N    N  N N 127 
GLY CA   C  N N 128 
GLY C    C  N N 129 
GLY O    O  N N 130 
GLY OXT  O  N N 131 
GLY H    H  N N 132 
GLY H2   H  N N 133 
GLY HA2  H  N N 134 
GLY HA3  H  N N 135 
GLY HXT  H  N N 136 
HIS N    N  N N 137 
HIS CA   C  N S 138 
HIS C    C  N N 139 
HIS O    O  N N 140 
HIS CB   C  N N 141 
HIS CG   C  Y N 142 
HIS ND1  N  Y N 143 
HIS CD2  C  Y N 144 
HIS CE1  C  Y N 145 
HIS NE2  N  Y N 146 
HIS OXT  O  N N 147 
HIS H    H  N N 148 
HIS H2   H  N N 149 
HIS HA   H  N N 150 
HIS HB2  H  N N 151 
HIS HB3  H  N N 152 
HIS HD1  H  N N 153 
HIS HD2  H  N N 154 
HIS HE1  H  N N 155 
HIS HE2  H  N N 156 
HIS HXT  H  N N 157 
HOH O    O  N N 158 
HOH H1   H  N N 159 
HOH H2   H  N N 160 
ILE N    N  N N 161 
ILE CA   C  N S 162 
ILE C    C  N N 163 
ILE O    O  N N 164 
ILE CB   C  N S 165 
ILE CG1  C  N N 166 
ILE CG2  C  N N 167 
ILE CD1  C  N N 168 
ILE OXT  O  N N 169 
ILE H    H  N N 170 
ILE H2   H  N N 171 
ILE HA   H  N N 172 
ILE HB   H  N N 173 
ILE HG12 H  N N 174 
ILE HG13 H  N N 175 
ILE HG21 H  N N 176 
ILE HG22 H  N N 177 
ILE HG23 H  N N 178 
ILE HD11 H  N N 179 
ILE HD12 H  N N 180 
ILE HD13 H  N N 181 
ILE HXT  H  N N 182 
LEU N    N  N N 183 
LEU CA   C  N S 184 
LEU C    C  N N 185 
LEU O    O  N N 186 
LEU CB   C  N N 187 
LEU CG   C  N N 188 
LEU CD1  C  N N 189 
LEU CD2  C  N N 190 
LEU OXT  O  N N 191 
LEU H    H  N N 192 
LEU H2   H  N N 193 
LEU HA   H  N N 194 
LEU HB2  H  N N 195 
LEU HB3  H  N N 196 
LEU HG   H  N N 197 
LEU HD11 H  N N 198 
LEU HD12 H  N N 199 
LEU HD13 H  N N 200 
LEU HD21 H  N N 201 
LEU HD22 H  N N 202 
LEU HD23 H  N N 203 
LEU HXT  H  N N 204 
LYS N    N  N N 205 
LYS CA   C  N S 206 
LYS C    C  N N 207 
LYS O    O  N N 208 
LYS CB   C  N N 209 
LYS CG   C  N N 210 
LYS CD   C  N N 211 
LYS CE   C  N N 212 
LYS NZ   N  N N 213 
LYS OXT  O  N N 214 
LYS H    H  N N 215 
LYS H2   H  N N 216 
LYS HA   H  N N 217 
LYS HB2  H  N N 218 
LYS HB3  H  N N 219 
LYS HG2  H  N N 220 
LYS HG3  H  N N 221 
LYS HD2  H  N N 222 
LYS HD3  H  N N 223 
LYS HE2  H  N N 224 
LYS HE3  H  N N 225 
LYS HZ1  H  N N 226 
LYS HZ2  H  N N 227 
LYS HZ3  H  N N 228 
LYS HXT  H  N N 229 
PHE N    N  N N 230 
PHE CA   C  N S 231 
PHE C    C  N N 232 
PHE O    O  N N 233 
PHE CB   C  N N 234 
PHE CG   C  Y N 235 
PHE CD1  C  Y N 236 
PHE CD2  C  Y N 237 
PHE CE1  C  Y N 238 
PHE CE2  C  Y N 239 
PHE CZ   C  Y N 240 
PHE OXT  O  N N 241 
PHE H    H  N N 242 
PHE H2   H  N N 243 
PHE HA   H  N N 244 
PHE HB2  H  N N 245 
PHE HB3  H  N N 246 
PHE HD1  H  N N 247 
PHE HD2  H  N N 248 
PHE HE1  H  N N 249 
PHE HE2  H  N N 250 
PHE HZ   H  N N 251 
PHE HXT  H  N N 252 
PRO N    N  N N 253 
PRO CA   C  N S 254 
PRO C    C  N N 255 
PRO O    O  N N 256 
PRO CB   C  N N 257 
PRO CG   C  N N 258 
PRO CD   C  N N 259 
PRO OXT  O  N N 260 
PRO H    H  N N 261 
PRO HA   H  N N 262 
PRO HB2  H  N N 263 
PRO HB3  H  N N 264 
PRO HG2  H  N N 265 
PRO HG3  H  N N 266 
PRO HD2  H  N N 267 
PRO HD3  H  N N 268 
PRO HXT  H  N N 269 
SER N    N  N N 270 
SER CA   C  N S 271 
SER C    C  N N 272 
SER O    O  N N 273 
SER CB   C  N N 274 
SER OG   O  N N 275 
SER OXT  O  N N 276 
SER H    H  N N 277 
SER H2   H  N N 278 
SER HA   H  N N 279 
SER HB2  H  N N 280 
SER HB3  H  N N 281 
SER HG   H  N N 282 
SER HXT  H  N N 283 
THR N    N  N N 284 
THR CA   C  N S 285 
THR C    C  N N 286 
THR O    O  N N 287 
THR CB   C  N R 288 
THR OG1  O  N N 289 
THR CG2  C  N N 290 
THR OXT  O  N N 291 
THR H    H  N N 292 
THR H2   H  N N 293 
THR HA   H  N N 294 
THR HB   H  N N 295 
THR HG1  H  N N 296 
THR HG21 H  N N 297 
THR HG22 H  N N 298 
THR HG23 H  N N 299 
THR HXT  H  N N 300 
TRP N    N  N N 301 
TRP CA   C  N S 302 
TRP C    C  N N 303 
TRP O    O  N N 304 
TRP CB   C  N N 305 
TRP CG   C  Y N 306 
TRP CD1  C  Y N 307 
TRP CD2  C  Y N 308 
TRP NE1  N  Y N 309 
TRP CE2  C  Y N 310 
TRP CE3  C  Y N 311 
TRP CZ2  C  Y N 312 
TRP CZ3  C  Y N 313 
TRP CH2  C  Y N 314 
TRP OXT  O  N N 315 
TRP H    H  N N 316 
TRP H2   H  N N 317 
TRP HA   H  N N 318 
TRP HB2  H  N N 319 
TRP HB3  H  N N 320 
TRP HD1  H  N N 321 
TRP HE1  H  N N 322 
TRP HE3  H  N N 323 
TRP HZ2  H  N N 324 
TRP HZ3  H  N N 325 
TRP HH2  H  N N 326 
TRP HXT  H  N N 327 
TYR N    N  N N 328 
TYR CA   C  N S 329 
TYR C    C  N N 330 
TYR O    O  N N 331 
TYR CB   C  N N 332 
TYR CG   C  Y N 333 
TYR CD1  C  Y N 334 
TYR CD2  C  Y N 335 
TYR CE1  C  Y N 336 
TYR CE2  C  Y N 337 
TYR CZ   C  Y N 338 
TYR OH   O  N N 339 
TYR OXT  O  N N 340 
TYR H    H  N N 341 
TYR H2   H  N N 342 
TYR HA   H  N N 343 
TYR HB2  H  N N 344 
TYR HB3  H  N N 345 
TYR HD1  H  N N 346 
TYR HD2  H  N N 347 
TYR HE1  H  N N 348 
TYR HE2  H  N N 349 
TYR HH   H  N N 350 
TYR HXT  H  N N 351 
VAL N    N  N N 352 
VAL CA   C  N S 353 
VAL C    C  N N 354 
VAL O    O  N N 355 
VAL CB   C  N N 356 
VAL CG1  C  N N 357 
VAL CG2  C  N N 358 
VAL OXT  O  N N 359 
VAL H    H  N N 360 
VAL H2   H  N N 361 
VAL HA   H  N N 362 
VAL HB   H  N N 363 
VAL HG11 H  N N 364 
VAL HG12 H  N N 365 
VAL HG13 H  N N 366 
VAL HG21 H  N N 367 
VAL HG22 H  N N 368 
VAL HG23 H  N N 369 
VAL HXT  H  N N 370 
ZN  ZN   ZN N N 371 
# 
loop_
_chem_comp_bond.comp_id 
_chem_comp_bond.atom_id_1 
_chem_comp_bond.atom_id_2 
_chem_comp_bond.value_order 
_chem_comp_bond.pdbx_aromatic_flag 
_chem_comp_bond.pdbx_stereo_config 
_chem_comp_bond.pdbx_ordinal 
ALA N   CA   sing N N 1   
ALA N   H    sing N N 2   
ALA N   H2   sing N N 3   
ALA CA  C    sing N N 4   
ALA CA  CB   sing N N 5   
ALA CA  HA   sing N N 6   
ALA C   O    doub N N 7   
ALA C   OXT  sing N N 8   
ALA CB  HB1  sing N N 9   
ALA CB  HB2  sing N N 10  
ALA CB  HB3  sing N N 11  
ALA OXT HXT  sing N N 12  
ARG N   CA   sing N N 13  
ARG N   H    sing N N 14  
ARG N   H2   sing N N 15  
ARG CA  C    sing N N 16  
ARG CA  CB   sing N N 17  
ARG CA  HA   sing N N 18  
ARG C   O    doub N N 19  
ARG C   OXT  sing N N 20  
ARG CB  CG   sing N N 21  
ARG CB  HB2  sing N N 22  
ARG CB  HB3  sing N N 23  
ARG CG  CD   sing N N 24  
ARG CG  HG2  sing N N 25  
ARG CG  HG3  sing N N 26  
ARG CD  NE   sing N N 27  
ARG CD  HD2  sing N N 28  
ARG CD  HD3  sing N N 29  
ARG NE  CZ   sing N N 30  
ARG NE  HE   sing N N 31  
ARG CZ  NH1  sing N N 32  
ARG CZ  NH2  doub N N 33  
ARG NH1 HH11 sing N N 34  
ARG NH1 HH12 sing N N 35  
ARG NH2 HH21 sing N N 36  
ARG NH2 HH22 sing N N 37  
ARG OXT HXT  sing N N 38  
ASN N   CA   sing N N 39  
ASN N   H    sing N N 40  
ASN N   H2   sing N N 41  
ASN CA  C    sing N N 42  
ASN CA  CB   sing N N 43  
ASN CA  HA   sing N N 44  
ASN C   O    doub N N 45  
ASN C   OXT  sing N N 46  
ASN CB  CG   sing N N 47  
ASN CB  HB2  sing N N 48  
ASN CB  HB3  sing N N 49  
ASN CG  OD1  doub N N 50  
ASN CG  ND2  sing N N 51  
ASN ND2 HD21 sing N N 52  
ASN ND2 HD22 sing N N 53  
ASN OXT HXT  sing N N 54  
ASP N   CA   sing N N 55  
ASP N   H    sing N N 56  
ASP N   H2   sing N N 57  
ASP CA  C    sing N N 58  
ASP CA  CB   sing N N 59  
ASP CA  HA   sing N N 60  
ASP C   O    doub N N 61  
ASP C   OXT  sing N N 62  
ASP CB  CG   sing N N 63  
ASP CB  HB2  sing N N 64  
ASP CB  HB3  sing N N 65  
ASP CG  OD1  doub N N 66  
ASP CG  OD2  sing N N 67  
ASP OD2 HD2  sing N N 68  
ASP OXT HXT  sing N N 69  
CYS N   CA   sing N N 70  
CYS N   H    sing N N 71  
CYS N   H2   sing N N 72  
CYS CA  C    sing N N 73  
CYS CA  CB   sing N N 74  
CYS CA  HA   sing N N 75  
CYS C   O    doub N N 76  
CYS C   OXT  sing N N 77  
CYS CB  SG   sing N N 78  
CYS CB  HB2  sing N N 79  
CYS CB  HB3  sing N N 80  
CYS SG  HG   sing N N 81  
CYS OXT HXT  sing N N 82  
GLN N   CA   sing N N 83  
GLN N   H    sing N N 84  
GLN N   H2   sing N N 85  
GLN CA  C    sing N N 86  
GLN CA  CB   sing N N 87  
GLN CA  HA   sing N N 88  
GLN C   O    doub N N 89  
GLN C   OXT  sing N N 90  
GLN CB  CG   sing N N 91  
GLN CB  HB2  sing N N 92  
GLN CB  HB3  sing N N 93  
GLN CG  CD   sing N N 94  
GLN CG  HG2  sing N N 95  
GLN CG  HG3  sing N N 96  
GLN CD  OE1  doub N N 97  
GLN CD  NE2  sing N N 98  
GLN NE2 HE21 sing N N 99  
GLN NE2 HE22 sing N N 100 
GLN OXT HXT  sing N N 101 
GLU N   CA   sing N N 102 
GLU N   H    sing N N 103 
GLU N   H2   sing N N 104 
GLU CA  C    sing N N 105 
GLU CA  CB   sing N N 106 
GLU CA  HA   sing N N 107 
GLU C   O    doub N N 108 
GLU C   OXT  sing N N 109 
GLU CB  CG   sing N N 110 
GLU CB  HB2  sing N N 111 
GLU CB  HB3  sing N N 112 
GLU CG  CD   sing N N 113 
GLU CG  HG2  sing N N 114 
GLU CG  HG3  sing N N 115 
GLU CD  OE1  doub N N 116 
GLU CD  OE2  sing N N 117 
GLU OE2 HE2  sing N N 118 
GLU OXT HXT  sing N N 119 
GLY N   CA   sing N N 120 
GLY N   H    sing N N 121 
GLY N   H2   sing N N 122 
GLY CA  C    sing N N 123 
GLY CA  HA2  sing N N 124 
GLY CA  HA3  sing N N 125 
GLY C   O    doub N N 126 
GLY C   OXT  sing N N 127 
GLY OXT HXT  sing N N 128 
HIS N   CA   sing N N 129 
HIS N   H    sing N N 130 
HIS N   H2   sing N N 131 
HIS CA  C    sing N N 132 
HIS CA  CB   sing N N 133 
HIS CA  HA   sing N N 134 
HIS C   O    doub N N 135 
HIS C   OXT  sing N N 136 
HIS CB  CG   sing N N 137 
HIS CB  HB2  sing N N 138 
HIS CB  HB3  sing N N 139 
HIS CG  ND1  sing Y N 140 
HIS CG  CD2  doub Y N 141 
HIS ND1 CE1  doub Y N 142 
HIS ND1 HD1  sing N N 143 
HIS CD2 NE2  sing Y N 144 
HIS CD2 HD2  sing N N 145 
HIS CE1 NE2  sing Y N 146 
HIS CE1 HE1  sing N N 147 
HIS NE2 HE2  sing N N 148 
HIS OXT HXT  sing N N 149 
HOH O   H1   sing N N 150 
HOH O   H2   sing N N 151 
ILE N   CA   sing N N 152 
ILE N   H    sing N N 153 
ILE N   H2   sing N N 154 
ILE CA  C    sing N N 155 
ILE CA  CB   sing N N 156 
ILE CA  HA   sing N N 157 
ILE C   O    doub N N 158 
ILE C   OXT  sing N N 159 
ILE CB  CG1  sing N N 160 
ILE CB  CG2  sing N N 161 
ILE CB  HB   sing N N 162 
ILE CG1 CD1  sing N N 163 
ILE CG1 HG12 sing N N 164 
ILE CG1 HG13 sing N N 165 
ILE CG2 HG21 sing N N 166 
ILE CG2 HG22 sing N N 167 
ILE CG2 HG23 sing N N 168 
ILE CD1 HD11 sing N N 169 
ILE CD1 HD12 sing N N 170 
ILE CD1 HD13 sing N N 171 
ILE OXT HXT  sing N N 172 
LEU N   CA   sing N N 173 
LEU N   H    sing N N 174 
LEU N   H2   sing N N 175 
LEU CA  C    sing N N 176 
LEU CA  CB   sing N N 177 
LEU CA  HA   sing N N 178 
LEU C   O    doub N N 179 
LEU C   OXT  sing N N 180 
LEU CB  CG   sing N N 181 
LEU CB  HB2  sing N N 182 
LEU CB  HB3  sing N N 183 
LEU CG  CD1  sing N N 184 
LEU CG  CD2  sing N N 185 
LEU CG  HG   sing N N 186 
LEU CD1 HD11 sing N N 187 
LEU CD1 HD12 sing N N 188 
LEU CD1 HD13 sing N N 189 
LEU CD2 HD21 sing N N 190 
LEU CD2 HD22 sing N N 191 
LEU CD2 HD23 sing N N 192 
LEU OXT HXT  sing N N 193 
LYS N   CA   sing N N 194 
LYS N   H    sing N N 195 
LYS N   H2   sing N N 196 
LYS CA  C    sing N N 197 
LYS CA  CB   sing N N 198 
LYS CA  HA   sing N N 199 
LYS C   O    doub N N 200 
LYS C   OXT  sing N N 201 
LYS CB  CG   sing N N 202 
LYS CB  HB2  sing N N 203 
LYS CB  HB3  sing N N 204 
LYS CG  CD   sing N N 205 
LYS CG  HG2  sing N N 206 
LYS CG  HG3  sing N N 207 
LYS CD  CE   sing N N 208 
LYS CD  HD2  sing N N 209 
LYS CD  HD3  sing N N 210 
LYS CE  NZ   sing N N 211 
LYS CE  HE2  sing N N 212 
LYS CE  HE3  sing N N 213 
LYS NZ  HZ1  sing N N 214 
LYS NZ  HZ2  sing N N 215 
LYS NZ  HZ3  sing N N 216 
LYS OXT HXT  sing N N 217 
PHE N   CA   sing N N 218 
PHE N   H    sing N N 219 
PHE N   H2   sing N N 220 
PHE CA  C    sing N N 221 
PHE CA  CB   sing N N 222 
PHE CA  HA   sing N N 223 
PHE C   O    doub N N 224 
PHE C   OXT  sing N N 225 
PHE CB  CG   sing N N 226 
PHE CB  HB2  sing N N 227 
PHE CB  HB3  sing N N 228 
PHE CG  CD1  doub Y N 229 
PHE CG  CD2  sing Y N 230 
PHE CD1 CE1  sing Y N 231 
PHE CD1 HD1  sing N N 232 
PHE CD2 CE2  doub Y N 233 
PHE CD2 HD2  sing N N 234 
PHE CE1 CZ   doub Y N 235 
PHE CE1 HE1  sing N N 236 
PHE CE2 CZ   sing Y N 237 
PHE CE2 HE2  sing N N 238 
PHE CZ  HZ   sing N N 239 
PHE OXT HXT  sing N N 240 
PRO N   CA   sing N N 241 
PRO N   CD   sing N N 242 
PRO N   H    sing N N 243 
PRO CA  C    sing N N 244 
PRO CA  CB   sing N N 245 
PRO CA  HA   sing N N 246 
PRO C   O    doub N N 247 
PRO C   OXT  sing N N 248 
PRO CB  CG   sing N N 249 
PRO CB  HB2  sing N N 250 
PRO CB  HB3  sing N N 251 
PRO CG  CD   sing N N 252 
PRO CG  HG2  sing N N 253 
PRO CG  HG3  sing N N 254 
PRO CD  HD2  sing N N 255 
PRO CD  HD3  sing N N 256 
PRO OXT HXT  sing N N 257 
SER N   CA   sing N N 258 
SER N   H    sing N N 259 
SER N   H2   sing N N 260 
SER CA  C    sing N N 261 
SER CA  CB   sing N N 262 
SER CA  HA   sing N N 263 
SER C   O    doub N N 264 
SER C   OXT  sing N N 265 
SER CB  OG   sing N N 266 
SER CB  HB2  sing N N 267 
SER CB  HB3  sing N N 268 
SER OG  HG   sing N N 269 
SER OXT HXT  sing N N 270 
THR N   CA   sing N N 271 
THR N   H    sing N N 272 
THR N   H2   sing N N 273 
THR CA  C    sing N N 274 
THR CA  CB   sing N N 275 
THR CA  HA   sing N N 276 
THR C   O    doub N N 277 
THR C   OXT  sing N N 278 
THR CB  OG1  sing N N 279 
THR CB  CG2  sing N N 280 
THR CB  HB   sing N N 281 
THR OG1 HG1  sing N N 282 
THR CG2 HG21 sing N N 283 
THR CG2 HG22 sing N N 284 
THR CG2 HG23 sing N N 285 
THR OXT HXT  sing N N 286 
TRP N   CA   sing N N 287 
TRP N   H    sing N N 288 
TRP N   H2   sing N N 289 
TRP CA  C    sing N N 290 
TRP CA  CB   sing N N 291 
TRP CA  HA   sing N N 292 
TRP C   O    doub N N 293 
TRP C   OXT  sing N N 294 
TRP CB  CG   sing N N 295 
TRP CB  HB2  sing N N 296 
TRP CB  HB3  sing N N 297 
TRP CG  CD1  doub Y N 298 
TRP CG  CD2  sing Y N 299 
TRP CD1 NE1  sing Y N 300 
TRP CD1 HD1  sing N N 301 
TRP CD2 CE2  doub Y N 302 
TRP CD2 CE3  sing Y N 303 
TRP NE1 CE2  sing Y N 304 
TRP NE1 HE1  sing N N 305 
TRP CE2 CZ2  sing Y N 306 
TRP CE3 CZ3  doub Y N 307 
TRP CE3 HE3  sing N N 308 
TRP CZ2 CH2  doub Y N 309 
TRP CZ2 HZ2  sing N N 310 
TRP CZ3 CH2  sing Y N 311 
TRP CZ3 HZ3  sing N N 312 
TRP CH2 HH2  sing N N 313 
TRP OXT HXT  sing N N 314 
TYR N   CA   sing N N 315 
TYR N   H    sing N N 316 
TYR N   H2   sing N N 317 
TYR CA  C    sing N N 318 
TYR CA  CB   sing N N 319 
TYR CA  HA   sing N N 320 
TYR C   O    doub N N 321 
TYR C   OXT  sing N N 322 
TYR CB  CG   sing N N 323 
TYR CB  HB2  sing N N 324 
TYR CB  HB3  sing N N 325 
TYR CG  CD1  doub Y N 326 
TYR CG  CD2  sing Y N 327 
TYR CD1 CE1  sing Y N 328 
TYR CD1 HD1  sing N N 329 
TYR CD2 CE2  doub Y N 330 
TYR CD2 HD2  sing N N 331 
TYR CE1 CZ   doub Y N 332 
TYR CE1 HE1  sing N N 333 
TYR CE2 CZ   sing Y N 334 
TYR CE2 HE2  sing N N 335 
TYR CZ  OH   sing N N 336 
TYR OH  HH   sing N N 337 
TYR OXT HXT  sing N N 338 
VAL N   CA   sing N N 339 
VAL N   H    sing N N 340 
VAL N   H2   sing N N 341 
VAL CA  C    sing N N 342 
VAL CA  CB   sing N N 343 
VAL CA  HA   sing N N 344 
VAL C   O    doub N N 345 
VAL C   OXT  sing N N 346 
VAL CB  CG1  sing N N 347 
VAL CB  CG2  sing N N 348 
VAL CB  HB   sing N N 349 
VAL CG1 HG11 sing N N 350 
VAL CG1 HG12 sing N N 351 
VAL CG1 HG13 sing N N 352 
VAL CG2 HG21 sing N N 353 
VAL CG2 HG22 sing N N 354 
VAL CG2 HG23 sing N N 355 
VAL OXT HXT  sing N N 356 
# 
_pdbx_initial_refinement_model.id               1 
_pdbx_initial_refinement_model.entity_id_list   ? 
_pdbx_initial_refinement_model.type             'experimental model' 
_pdbx_initial_refinement_model.source_name      PDB 
_pdbx_initial_refinement_model.accession_code   3NIS 
_pdbx_initial_refinement_model.details          'PDB ENTRY 3NIS' 
# 
_atom_sites.entry_id                    3NIN 
_atom_sites.fract_transf_matrix[1][1]   0.01161990 
_atom_sites.fract_transf_matrix[1][2]   -0.02125338 
_atom_sites.fract_transf_matrix[1][3]   -0.00704812 
_atom_sites.fract_transf_matrix[2][1]   -0.01211423 
_atom_sites.fract_transf_matrix[2][2]   -0.01683215 
_atom_sites.fract_transf_matrix[2][3]   -0.01436404 
_atom_sites.fract_transf_matrix[3][1]   0.00386822 
_atom_sites.fract_transf_matrix[3][2]   0.00522862 
_atom_sites.fract_transf_matrix[3][3]   -0.00938938 
_atom_sites.fract_transf_vector[1]      0.322636 
_atom_sites.fract_transf_vector[2]      -0.484177 
_atom_sites.fract_transf_vector[3]      0.002305 
# 
loop_
_atom_type.symbol 
C  
N  
O  
S  
ZN 
# 
loop_
_atom_site.group_PDB 
_atom_site.id 
_atom_site.type_symbol 
_atom_site.label_atom_id 
_atom_site.label_alt_id 
_atom_site.label_comp_id 
_atom_site.label_asym_id 
_atom_site.label_entity_id 
_atom_site.label_seq_id 
_atom_site.pdbx_PDB_ins_code 
_atom_site.Cartn_x 
_atom_site.Cartn_y 
_atom_site.Cartn_z 
_atom_site.occupancy 
_atom_site.B_iso_or_equiv 
_atom_site.pdbx_formal_charge 
_atom_site.auth_seq_id 
_atom_site.auth_comp_id 
_atom_site.auth_asym_id 
_atom_site.auth_atom_id 
_atom_site.pdbx_PDB_model_num 
ATOM   1    N  N   . VAL A 1 3  ? -14.750 10.111  15.192  1.00 74.87  ? 115 VAL A N   1 
ATOM   2    C  CA  . VAL A 1 3  ? -14.515 11.437  14.545  1.00 72.95  ? 115 VAL A CA  1 
ATOM   3    C  C   . VAL A 1 3  ? -14.668 11.299  13.027  1.00 69.39  ? 115 VAL A C   1 
ATOM   4    O  O   . VAL A 1 3  ? -15.356 12.101  12.389  1.00 68.25  ? 115 VAL A O   1 
ATOM   5    C  CB  . VAL A 1 3  ? -13.109 12.010  14.900  1.00 73.58  ? 115 VAL A CB  1 
ATOM   6    C  CG1 . VAL A 1 3  ? -12.896 13.392  14.267  1.00 71.89  ? 115 VAL A CG1 1 
ATOM   7    C  CG2 . VAL A 1 3  ? -12.913 12.075  16.418  1.00 77.38  ? 115 VAL A CG2 1 
ATOM   8    N  N   . HIS A 1 4  ? -14.031 10.273  12.461  1.00 67.66  ? 116 HIS A N   1 
ATOM   9    C  CA  . HIS A 1 4  ? -14.091 10.012  11.020  1.00 64.48  ? 116 HIS A CA  1 
ATOM   10   C  C   . HIS A 1 4  ? -15.184 8.991   10.661  1.00 64.19  ? 116 HIS A C   1 
ATOM   11   O  O   . HIS A 1 4  ? -15.315 8.582   9.500   1.00 62.03  ? 116 HIS A O   1 
ATOM   12   C  CB  . HIS A 1 4  ? -12.727 9.554   10.499  1.00 63.03  ? 116 HIS A CB  1 
ATOM   13   C  CG  . HIS A 1 4  ? -11.597 10.473  10.858  1.00 63.97  ? 116 HIS A CG  1 
ATOM   14   N  ND1 . HIS A 1 4  ? -11.454 11.731  10.311  1.00 62.89  ? 116 HIS A ND1 1 
ATOM   15   C  CD2 . HIS A 1 4  ? -10.546 10.307  11.697  1.00 65.81  ? 116 HIS A CD2 1 
ATOM   16   C  CE1 . HIS A 1 4  ? -10.370 12.304  10.805  1.00 64.29  ? 116 HIS A CE1 1 
ATOM   17   N  NE2 . HIS A 1 4  ? -9.799  11.461  11.646  1.00 66.22  ? 116 HIS A NE2 1 
ATOM   18   N  N   . LYS A 1 5  ? -15.961 8.590   11.664  1.00 66.29  ? 117 LYS A N   1 
ATOM   19   C  CA  . LYS A 1 5  ? -17.106 7.698   11.472  1.00 66.80  ? 117 LYS A CA  1 
ATOM   20   C  C   . LYS A 1 5  ? -18.168 8.343   10.591  1.00 65.32  ? 117 LYS A C   1 
ATOM   21   O  O   . LYS A 1 5  ? -18.484 9.527   10.748  1.00 65.61  ? 117 LYS A O   1 
ATOM   22   C  CB  . LYS A 1 5  ? -17.740 7.333   12.816  1.00 70.37  ? 117 LYS A CB  1 
ATOM   23   C  CG  . LYS A 1 5  ? -16.931 6.368   13.663  1.00 72.61  ? 117 LYS A CG  1 
ATOM   24   C  CD  . LYS A 1 5  ? -17.715 5.904   14.892  1.00 77.14  ? 117 LYS A CD  1 
ATOM   25   C  CE  . LYS A 1 5  ? -18.825 4.923   14.525  1.00 78.17  ? 117 LYS A CE  1 
ATOM   26   N  NZ  . LYS A 1 5  ? -19.580 4.455   15.724  1.00 83.44  ? 117 LYS A NZ  1 
ATOM   27   N  N   . HIS A 1 6  ? -18.715 7.557   9.669   1.00 63.89  ? 118 HIS A N   1 
ATOM   28   C  CA  . HIS A 1 6  ? -19.807 8.019   8.813   1.00 63.06  ? 118 HIS A CA  1 
ATOM   29   C  C   . HIS A 1 6  ? -20.873 6.930   8.637   1.00 64.44  ? 118 HIS A C   1 
ATOM   30   O  O   . HIS A 1 6  ? -21.388 6.716   7.537   1.00 63.58  ? 118 HIS A O   1 
ATOM   31   C  CB  . HIS A 1 6  ? -19.257 8.482   7.459   1.00 59.91  ? 118 HIS A CB  1 
ATOM   32   C  CG  . HIS A 1 6  ? -18.600 7.391   6.678   1.00 58.33  ? 118 HIS A CG  1 
ATOM   33   N  ND1 . HIS A 1 6  ? -19.312 6.496   5.909   1.00 58.67  ? 118 HIS A ND1 1 
ATOM   34   C  CD2 . HIS A 1 6  ? -17.300 7.035   6.565   1.00 55.07  ? 118 HIS A CD2 1 
ATOM   35   C  CE1 . HIS A 1 6  ? -18.476 5.642   5.346   1.00 56.00  ? 118 HIS A CE1 1 
ATOM   36   N  NE2 . HIS A 1 6  ? -17.251 5.952   5.723   1.00 54.68  ? 118 HIS A NE2 1 
ATOM   37   N  N   . THR A 1 7  ? -21.196 6.248   9.735   1.00 66.78  ? 119 THR A N   1 
ATOM   38   C  CA  . THR A 1 7  ? -22.180 5.166   9.745   1.00 68.91  ? 119 THR A CA  1 
ATOM   39   C  C   . THR A 1 7  ? -23.454 5.546   8.988   1.00 69.29  ? 119 THR A C   1 
ATOM   40   O  O   . THR A 1 7  ? -23.979 6.646   9.160   1.00 69.48  ? 119 THR A O   1 
ATOM   41   C  CB  . THR A 1 7  ? -22.542 4.773   11.198  1.00 72.54  ? 119 THR A CB  1 
ATOM   42   O  OG1 . THR A 1 7  ? -21.340 4.643   11.968  1.00 72.72  ? 119 THR A OG1 1 
ATOM   43   C  CG2 . THR A 1 7  ? -23.323 3.454   11.248  1.00 75.41  ? 119 THR A CG2 1 
ATOM   44   N  N   . GLY A 1 8  ? -23.917 4.638   8.130   1.00 69.37  ? 120 GLY A N   1 
ATOM   45   C  CA  . GLY A 1 8  ? -25.185 4.803   7.417   1.00 70.68  ? 120 GLY A CA  1 
ATOM   46   C  C   . GLY A 1 8  ? -25.124 5.610   6.132   1.00 68.27  ? 120 GLY A C   1 
ATOM   47   O  O   . GLY A 1 8  ? -26.130 5.744   5.436   1.00 69.49  ? 120 GLY A O   1 
ATOM   48   N  N   . ARG A 1 9  ? -23.951 6.152   5.810   1.00 64.87  ? 121 ARG A N   1 
ATOM   49   C  CA  . ARG A 1 9  ? -23.789 6.949   4.591   1.00 62.64  ? 121 ARG A CA  1 
ATOM   50   C  C   . ARG A 1 9  ? -22.397 6.775   4.000   1.00 59.41  ? 121 ARG A C   1 
ATOM   51   O  O   . ARG A 1 9  ? -21.583 6.028   4.534   1.00 59.42  ? 121 ARG A O   1 
ATOM   52   C  CB  . ARG A 1 9  ? -24.107 8.437   4.843   1.00 62.50  ? 121 ARG A CB  1 
ATOM   53   C  CG  . ARG A 1 9  ? -23.297 9.105   5.960   1.00 61.42  ? 121 ARG A CG  1 
ATOM   54   C  CD  . ARG A 1 9  ? -23.211 10.623  5.778   1.00 59.38  ? 121 ARG A CD  1 
ATOM   55   N  NE  . ARG A 1 9  ? -22.042 10.998  4.977   1.00 55.71  ? 121 ARG A NE  1 
ATOM   56   C  CZ  . ARG A 1 9  ? -21.589 12.239  4.807   1.00 54.05  ? 121 ARG A CZ  1 
ATOM   57   N  NH1 . ARG A 1 9  ? -22.204 13.271  5.372   1.00 55.32  ? 121 ARG A NH1 1 
ATOM   58   N  NH2 . ARG A 1 9  ? -20.505 12.447  4.064   1.00 51.55  ? 121 ARG A NH2 1 
ATOM   59   N  N   . ASN A 1 10 ? -22.124 7.453   2.890   1.00 57.39  ? 122 ASN A N   1 
ATOM   60   C  CA  . ASN A 1 10 ? -20.781 7.433   2.318   1.00 54.21  ? 122 ASN A CA  1 
ATOM   61   C  C   . ASN A 1 10 ? -19.847 8.341   3.111   1.00 52.90  ? 122 ASN A C   1 
ATOM   62   O  O   . ASN A 1 10 ? -20.300 9.217   3.856   1.00 53.83  ? 122 ASN A O   1 
ATOM   63   C  CB  . ASN A 1 10 ? -20.813 7.874   0.854   1.00 53.36  ? 122 ASN A CB  1 
ATOM   64   C  CG  . ASN A 1 10 ? -21.257 9.313   0.691   1.00 52.93  ? 122 ASN A CG  1 
ATOM   65   O  OD1 . ASN A 1 10 ? -22.296 9.717   1.219   1.00 54.23  ? 122 ASN A OD1 1 
ATOM   66   N  ND2 . ASN A 1 10 ? -20.473 10.097  -0.046  1.00 51.07  ? 122 ASN A ND2 1 
ATOM   67   N  N   . CYS A 1 11 ? -18.545 8.130   2.950   1.00 50.68  ? 123 CYS A N   1 
ATOM   68   C  CA  . CYS A 1 11 ? -17.557 9.019   3.537   1.00 49.64  ? 123 CYS A CA  1 
ATOM   69   C  C   . CYS A 1 11 ? -17.518 10.372  2.827   1.00 48.99  ? 123 CYS A C   1 
ATOM   70   O  O   . CYS A 1 11 ? -17.721 11.416  3.453   1.00 50.04  ? 123 CYS A O   1 
ATOM   71   C  CB  . CYS A 1 11 ? -16.167 8.383   3.503   1.00 48.16  ? 123 CYS A CB  1 
ATOM   72   S  SG  . CYS A 1 11 ? -14.925 9.578   3.925   1.00 46.00  ? 123 CYS A SG  1 
ATOM   73   N  N   . GLY A 1 12 ? -17.235 10.348  1.527   1.00 48.01  ? 124 GLY A N   1 
ATOM   74   C  CA  . GLY A 1 12 ? -17.272 11.551  0.695   1.00 47.91  ? 124 GLY A CA  1 
ATOM   75   C  C   . GLY A 1 12 ? -16.262 12.636  1.031   1.00 47.45  ? 124 GLY A C   1 
ATOM   76   O  O   . GLY A 1 12 ? -16.417 13.780  0.592   1.00 47.47  ? 124 GLY A O   1 
ATOM   77   N  N   . ARG A 1 13 ? -15.236 12.286  1.809   1.00 47.17  ? 125 ARG A N   1 
ATOM   78   C  CA  . ARG A 1 13 ? -14.164 13.224  2.142   1.00 47.44  ? 125 ARG A CA  1 
ATOM   79   C  C   . ARG A 1 13 ? -13.458 13.649  0.867   1.00 46.25  ? 125 ARG A C   1 
ATOM   80   O  O   . ARG A 1 13 ? -12.957 12.808  0.124   1.00 45.26  ? 125 ARG A O   1 
ATOM   81   C  CB  . ARG A 1 13 ? -13.146 12.608  3.111   1.00 47.62  ? 125 ARG A CB  1 
ATOM   82   C  CG  . ARG A 1 13 ? -11.951 13.515  3.392   1.00 49.44  ? 125 ARG A CG  1 
ATOM   83   C  CD  . ARG A 1 13 ? -10.915 12.868  4.310   1.00 51.51  ? 125 ARG A CD  1 
ATOM   84   N  NE  . ARG A 1 13 ? -11.185 13.154  5.719   1.00 55.85  ? 125 ARG A NE  1 
ATOM   85   C  CZ  . ARG A 1 13 ? -10.703 14.203  6.385   1.00 57.46  ? 125 ARG A CZ  1 
ATOM   86   N  NH1 . ARG A 1 13 ? -9.914  15.081  5.779   1.00 56.78  ? 125 ARG A NH1 1 
ATOM   87   N  NH2 . ARG A 1 13 ? -11.009 14.372  7.666   1.00 59.39  ? 125 ARG A NH2 1 
ATOM   88   N  N   . LYS A 1 14 ? -13.441 14.958  0.628   1.00 46.73  ? 126 LYS A N   1 
ATOM   89   C  CA  . LYS A 1 14 ? -12.760 15.532  -0.519  1.00 46.60  ? 126 LYS A CA  1 
ATOM   90   C  C   . LYS A 1 14 ? -11.279 15.676  -0.203  1.00 46.50  ? 126 LYS A C   1 
ATOM   91   O  O   . LYS A 1 14 ? -10.893 16.244  0.822   1.00 47.33  ? 126 LYS A O   1 
ATOM   92   C  CB  . LYS A 1 14 ? -13.375 16.880  -0.908  1.00 47.67  ? 126 LYS A CB  1 
ATOM   93   C  CG  . LYS A 1 14 ? -12.765 17.517  -2.157  1.00 48.13  ? 126 LYS A CG  1 
ATOM   94   C  CD  . LYS A 1 14 ? -13.479 18.812  -2.503  1.00 50.54  ? 126 LYS A CD  1 
ATOM   95   C  CE  . LYS A 1 14 ? -12.608 19.725  -3.356  1.00 52.04  ? 126 LYS A CE  1 
ATOM   96   N  NZ  . LYS A 1 14 ? -12.344 19.141  -4.684  1.00 50.35  ? 126 LYS A NZ  1 
ATOM   97   N  N   . PHE A 1 15 ? -10.452 15.139  -1.086  1.00 45.88  ? 127 PHE A N   1 
ATOM   98   C  CA  . PHE A 1 15 ? -9.012  15.132  -0.867  1.00 46.15  ? 127 PHE A CA  1 
ATOM   99   C  C   . PHE A 1 15 ? -8.421  16.528  -1.006  1.00 47.29  ? 127 PHE A C   1 
ATOM   100  O  O   . PHE A 1 15 ? -8.903  17.346  -1.792  1.00 47.33  ? 127 PHE A O   1 
ATOM   101  C  CB  . PHE A 1 15 ? -8.341  14.132  -1.805  1.00 44.77  ? 127 PHE A CB  1 
ATOM   102  C  CG  . PHE A 1 15 ? -8.691  12.705  -1.497  1.00 44.46  ? 127 PHE A CG  1 
ATOM   103  C  CD1 . PHE A 1 15 ? -8.075  12.037  -0.440  1.00 44.14  ? 127 PHE A CD1 1 
ATOM   104  C  CD2 . PHE A 1 15 ? -9.655  12.035  -2.244  1.00 44.07  ? 127 PHE A CD2 1 
ATOM   105  C  CE1 . PHE A 1 15 ? -8.411  10.722  -0.132  1.00 44.18  ? 127 PHE A CE1 1 
ATOM   106  C  CE2 . PHE A 1 15 ? -9.991  10.716  -1.954  1.00 44.45  ? 127 PHE A CE2 1 
ATOM   107  C  CZ  . PHE A 1 15 ? -9.367  10.054  -0.894  1.00 44.54  ? 127 PHE A CZ  1 
ATOM   108  N  N   . LYS A 1 16 ? -7.401  16.796  -0.199  1.00 48.54  ? 128 LYS A N   1 
ATOM   109  C  CA  . LYS A 1 16 ? -6.674  18.060  -0.257  1.00 50.36  ? 128 LYS A CA  1 
ATOM   110  C  C   . LYS A 1 16 ? -5.299  17.779  -0.857  1.00 50.33  ? 128 LYS A C   1 
ATOM   111  O  O   . LYS A 1 16 ? -4.867  16.627  -0.898  1.00 49.31  ? 128 LYS A O   1 
ATOM   112  C  CB  . LYS A 1 16 ? -6.558  18.683  1.143   1.00 51.97  ? 128 LYS A CB  1 
ATOM   113  C  CG  . LYS A 1 16 ? -7.903  18.964  1.818   1.00 53.40  ? 128 LYS A CG  1 
ATOM   114  C  CD  . LYS A 1 16 ? -7.738  19.534  3.229   1.00 55.71  ? 128 LYS A CD  1 
ATOM   115  C  CE  . LYS A 1 16 ? -9.034  20.200  3.731   1.00 56.51  ? 128 LYS A CE  1 
ATOM   116  N  NZ  . LYS A 1 16 ? -10.050 19.229  4.250   1.00 55.38  ? 128 LYS A NZ  1 
ATOM   117  N  N   . ILE A 1 17 ? -4.624  18.823  -1.338  1.00 51.79  ? 129 ILE A N   1 
ATOM   118  C  CA  . ILE A 1 17 ? -3.302  18.674  -1.954  1.00 52.67  ? 129 ILE A CA  1 
ATOM   119  C  C   . ILE A 1 17 ? -2.329  18.003  -0.981  1.00 52.87  ? 129 ILE A C   1 
ATOM   120  O  O   . ILE A 1 17 ? -2.179  18.449  0.157   1.00 54.09  ? 129 ILE A O   1 
ATOM   121  C  CB  . ILE A 1 17 ? -2.716  20.045  -2.413  1.00 54.73  ? 129 ILE A CB  1 
ATOM   122  C  CG1 . ILE A 1 17 ? -3.703  20.810  -3.308  1.00 55.85  ? 129 ILE A CG1 1 
ATOM   123  C  CG2 . ILE A 1 17 ? -1.344  19.872  -3.092  1.00 55.48  ? 129 ILE A CG2 1 
ATOM   124  C  CD1 . ILE A 1 17 ? -4.208  20.049  -4.530  1.00 56.11  ? 129 ILE A CD1 1 
ATOM   125  N  N   . GLY A 1 18 ? -1.682  16.930  -1.433  1.00 52.15  ? 130 GLY A N   1 
ATOM   126  C  CA  . GLY A 1 18 ? -0.679  16.237  -0.624  1.00 52.82  ? 130 GLY A CA  1 
ATOM   127  C  C   . GLY A 1 18 ? -1.191  15.085  0.226   1.00 51.96  ? 130 GLY A C   1 
ATOM   128  O  O   . GLY A 1 18 ? -0.397  14.351  0.833   1.00 52.96  ? 130 GLY A O   1 
ATOM   129  N  N   . GLU A 1 19 ? -2.509  14.919  0.271   1.00 50.62  ? 131 GLU A N   1 
ATOM   130  C  CA  . GLU A 1 19 ? -3.132  13.859  1.059   1.00 50.13  ? 131 GLU A CA  1 
ATOM   131  C  C   . GLU A 1 19 ? -3.055  12.505  0.367   1.00 48.72  ? 131 GLU A C   1 
ATOM   132  O  O   . GLU A 1 19 ? -3.230  12.416  -0.852  1.00 47.51  ? 131 GLU A O   1 
ATOM   133  C  CB  . GLU A 1 19 ? -4.584  14.213  1.398   1.00 50.13  ? 131 GLU A CB  1 
ATOM   134  C  CG  . GLU A 1 19 ? -4.718  15.009  2.688   1.00 52.47  ? 131 GLU A CG  1 
ATOM   135  C  CD  . GLU A 1 19 ? -6.116  15.544  2.938   1.00 53.87  ? 131 GLU A CD  1 
ATOM   136  O  OE1 . GLU A 1 19 ? -7.080  15.086  2.283   1.00 53.51  ? 131 GLU A OE1 1 
ATOM   137  O  OE2 . GLU A 1 19 ? -6.248  16.431  3.806   1.00 55.66  ? 131 GLU A OE2 1 
ATOM   138  N  N   . PRO A 1 20 ? -2.788  11.439  1.145   1.00 48.97  ? 132 PRO A N   1 
ATOM   139  C  CA  . PRO A 1 20 ? -2.708  10.114  0.550   1.00 48.12  ? 132 PRO A CA  1 
ATOM   140  C  C   . PRO A 1 20 ? -4.087  9.515   0.294   1.00 47.12  ? 132 PRO A C   1 
ATOM   141  O  O   . PRO A 1 20 ? -5.078  9.914   0.922   1.00 47.72  ? 132 PRO A O   1 
ATOM   142  C  CB  . PRO A 1 20 ? -1.933  9.304   1.594   1.00 49.47  ? 132 PRO A CB  1 
ATOM   143  C  CG  . PRO A 1 20 ? -2.255  9.970   2.889   1.00 51.12  ? 132 PRO A CG  1 
ATOM   144  C  CD  . PRO A 1 20 ? -2.559  11.411  2.602   1.00 50.48  ? 132 PRO A CD  1 
ATOM   145  N  N   . LEU A 1 21 ? -4.142  8.585   -0.653  1.00 46.30  ? 133 LEU A N   1 
ATOM   146  C  CA  . LEU A 1 21 ? -5.375  7.887   -0.999  1.00 45.90  ? 133 LEU A CA  1 
ATOM   147  C  C   . LEU A 1 21 ? -5.046  6.450   -1.399  1.00 45.79  ? 133 LEU A C   1 
ATOM   148  O  O   . LEU A 1 21 ? -3.879  6.117   -1.643  1.00 46.27  ? 133 LEU A O   1 
ATOM   149  C  CB  . LEU A 1 21 ? -6.134  8.644   -2.102  1.00 45.54  ? 133 LEU A CB  1 
ATOM   150  C  CG  . LEU A 1 21 ? -5.375  8.936   -3.396  1.00 46.07  ? 133 LEU A CG  1 
ATOM   151  C  CD1 . LEU A 1 21 ? -5.888  8.044   -4.508  1.00 46.90  ? 133 LEU A CD1 1 
ATOM   152  C  CD2 . LEU A 1 21 ? -5.504  10.400  -3.783  1.00 46.86  ? 133 LEU A CD2 1 
ATOM   153  N  N   . TYR A 1 22 ? -6.063  5.599   -1.440  1.00 45.55  ? 134 TYR A N   1 
ATOM   154  C  CA  . TYR A 1 22 ? -5.855  4.178   -1.679  1.00 45.78  ? 134 TYR A CA  1 
ATOM   155  C  C   . TYR A 1 22 ? -6.692  3.666   -2.837  1.00 45.29  ? 134 TYR A C   1 
ATOM   156  O  O   . TYR A 1 22 ? -7.834  4.086   -3.029  1.00 45.07  ? 134 TYR A O   1 
ATOM   157  C  CB  . TYR A 1 22 ? -6.181  3.368   -0.419  1.00 47.13  ? 134 TYR A CB  1 
ATOM   158  C  CG  . TYR A 1 22 ? -5.189  3.518   0.719   1.00 48.96  ? 134 TYR A CG  1 
ATOM   159  C  CD1 . TYR A 1 22 ? -4.242  2.532   0.976   1.00 50.97  ? 134 TYR A CD1 1 
ATOM   160  C  CD2 . TYR A 1 22 ? -5.212  4.639   1.548   1.00 50.58  ? 134 TYR A CD2 1 
ATOM   161  C  CE1 . TYR A 1 22 ? -3.337  2.661   2.029   1.00 52.96  ? 134 TYR A CE1 1 
ATOM   162  C  CE2 . TYR A 1 22 ? -4.310  4.778   2.594   1.00 51.55  ? 134 TYR A CE2 1 
ATOM   163  C  CZ  . TYR A 1 22 ? -3.380  3.793   2.829   1.00 53.99  ? 134 TYR A CZ  1 
ATOM   164  O  OH  . TYR A 1 22 ? -2.495  3.936   3.871   1.00 56.26  ? 134 TYR A OH  1 
ATOM   165  N  N   . ARG A 1 23 ? -6.112  2.758   -3.610  1.00 45.34  ? 135 ARG A N   1 
ATOM   166  C  CA  . ARG A 1 23 ? -6.852  2.011   -4.618  1.00 45.95  ? 135 ARG A CA  1 
ATOM   167  C  C   . ARG A 1 23 ? -6.564  0.535   -4.428  1.00 46.98  ? 135 ARG A C   1 
ATOM   168  O  O   . ARG A 1 23 ? -5.465  0.163   -4.035  1.00 46.75  ? 135 ARG A O   1 
ATOM   169  C  CB  . ARG A 1 23 ? -6.440  2.425   -6.030  1.00 45.61  ? 135 ARG A CB  1 
ATOM   170  C  CG  . ARG A 1 23 ? -6.873  3.811   -6.455  1.00 45.94  ? 135 ARG A CG  1 
ATOM   171  C  CD  . ARG A 1 23 ? -6.321  4.113   -7.838  1.00 47.63  ? 135 ARG A CD  1 
ATOM   172  N  NE  . ARG A 1 23 ? -6.689  5.448   -8.296  1.00 49.00  ? 135 ARG A NE  1 
ATOM   173  C  CZ  . ARG A 1 23 ? -5.880  6.504   -8.276  1.00 49.08  ? 135 ARG A CZ  1 
ATOM   174  N  NH1 . ARG A 1 23 ? -4.637  6.400   -7.821  1.00 49.03  ? 135 ARG A NH1 1 
ATOM   175  N  NH2 . ARG A 1 23 ? -6.317  7.668   -8.726  1.00 49.09  ? 135 ARG A NH2 1 
ATOM   176  N  N   . CYS A 1 24 ? -7.560  -0.299  -4.708  1.00 48.29  ? 136 CYS A N   1 
ATOM   177  C  CA  . CYS A 1 24 ? -7.389  -1.750  -4.703  1.00 49.86  ? 136 CYS A CA  1 
ATOM   178  C  C   . CYS A 1 24 ? -7.825  -2.276  -6.064  1.00 51.06  ? 136 CYS A C   1 
ATOM   179  O  O   . CYS A 1 24 ? -8.926  -1.966  -6.527  1.00 50.86  ? 136 CYS A O   1 
ATOM   180  C  CB  . CYS A 1 24 ? -8.220  -2.387  -3.586  1.00 50.93  ? 136 CYS A CB  1 
ATOM   181  S  SG  . CYS A 1 24 ? -8.205  -4.189  -3.548  1.00 52.04  ? 136 CYS A SG  1 
ATOM   182  N  N   . HIS A 1 25 ? -6.955  -3.055  -6.708  1.00 52.05  ? 137 HIS A N   1 
ATOM   183  C  CA  . HIS A 1 25 ? -7.253  -3.600  -8.033  1.00 53.69  ? 137 HIS A CA  1 
ATOM   184  C  C   . HIS A 1 25 ? -8.433  -4.562  -7.976  1.00 55.38  ? 137 HIS A C   1 
ATOM   185  O  O   . HIS A 1 25 ? -9.317  -4.520  -8.836  1.00 56.26  ? 137 HIS A O   1 
ATOM   186  C  CB  . HIS A 1 25 ? -6.023  -4.282  -8.649  1.00 54.62  ? 137 HIS A CB  1 
ATOM   187  C  CG  . HIS A 1 25 ? -6.313  -5.007  -9.929  1.00 57.66  ? 137 HIS A CG  1 
ATOM   188  N  ND1 . HIS A 1 25 ? -6.751  -4.363  -11.067 1.00 58.79  ? 137 HIS A ND1 1 
ATOM   189  C  CD2 . HIS A 1 25 ? -6.228  -6.321  -10.250 1.00 61.09  ? 137 HIS A CD2 1 
ATOM   190  C  CE1 . HIS A 1 25 ? -6.927  -5.249  -12.032 1.00 61.26  ? 137 HIS A CE1 1 
ATOM   191  N  NE2 . HIS A 1 25 ? -6.618  -6.445  -11.562 1.00 62.73  ? 137 HIS A NE2 1 
ATOM   192  N  N   . GLU A 1 26 ? -8.450  -5.411  -6.949  1.00 56.20  ? 138 GLU A N   1 
ATOM   193  C  CA  . GLU A 1 26 ? -9.529  -6.381  -6.751  1.00 58.19  ? 138 GLU A CA  1 
ATOM   194  C  C   . GLU A 1 26 ? -10.870 -5.734  -6.382  1.00 58.33  ? 138 GLU A C   1 
ATOM   195  O  O   . GLU A 1 26 ? -11.919 -6.125  -6.905  1.00 60.22  ? 138 GLU A O   1 
ATOM   196  C  CB  . GLU A 1 26 ? -9.138  -7.410  -5.681  1.00 59.38  ? 138 GLU A CB  1 
ATOM   197  C  CG  . GLU A 1 26 ? -8.072  -8.430  -6.114  1.00 60.15  ? 138 GLU A CG  1 
ATOM   198  C  CD  . GLU A 1 26 ? -6.645  -7.881  -6.093  1.00 58.46  ? 138 GLU A CD  1 
ATOM   199  O  OE1 . GLU A 1 26 ? -6.450  -6.686  -5.777  1.00 56.65  ? 138 GLU A OE1 1 
ATOM   200  O  OE2 . GLU A 1 26 ? -5.713  -8.654  -6.397  1.00 57.80  ? 138 GLU A OE2 1 
ATOM   201  N  N   . CYS A 1 27 ? -10.836 -4.745  -5.491  1.00 56.69  ? 139 CYS A N   1 
ATOM   202  C  CA  . CYS A 1 27 ? -12.060 -4.226  -4.878  1.00 56.79  ? 139 CYS A CA  1 
ATOM   203  C  C   . CYS A 1 27 ? -12.751 -3.098  -5.650  1.00 56.59  ? 139 CYS A C   1 
ATOM   204  O  O   . CYS A 1 27 ? -13.976 -3.005  -5.630  1.00 58.00  ? 139 CYS A O   1 
ATOM   205  C  CB  . CYS A 1 27 ? -11.812 -3.823  -3.421  1.00 55.85  ? 139 CYS A CB  1 
ATOM   206  S  SG  . CYS A 1 27 ? -11.747 -5.224  -2.269  1.00 56.37  ? 139 CYS A SG  1 
ATOM   207  N  N   . GLY A 1 28 ? -11.974 -2.249  -6.319  1.00 55.34  ? 140 GLY A N   1 
ATOM   208  C  CA  . GLY A 1 28 ? -12.528 -1.118  -7.071  1.00 55.54  ? 140 GLY A CA  1 
ATOM   209  C  C   . GLY A 1 28 ? -13.179 -1.525  -8.378  1.00 57.70  ? 140 GLY A C   1 
ATOM   210  O  O   . GLY A 1 28 ? -12.643 -2.361  -9.106  1.00 58.35  ? 140 GLY A O   1 
ATOM   211  N  N   . CYS A 1 29 ? -14.337 -0.938  -8.677  1.00 59.16  ? 141 CYS A N   1 
ATOM   212  C  CA  . CYS A 1 29 ? -15.046 -1.212  -9.930  1.00 61.95  ? 141 CYS A CA  1 
ATOM   213  C  C   . CYS A 1 29 ? -14.231 -0.740  -11.131 1.00 61.73  ? 141 CYS A C   1 
ATOM   214  O  O   . CYS A 1 29 ? -14.232 -1.380  -12.186 1.00 63.51  ? 141 CYS A O   1 
ATOM   215  C  CB  . CYS A 1 29 ? -16.431 -0.565  -9.926  1.00 63.47  ? 141 CYS A CB  1 
ATOM   216  S  SG  . CYS A 1 29 ? -17.605 -1.400  -8.834  1.00 66.67  ? 141 CYS A SG  1 
ATOM   217  N  N   . ASP A 1 30 ? -13.533 0.380   -10.946 1.00 60.01  ? 142 ASP A N   1 
ATOM   218  C  CA  . ASP A 1 30 ? -12.600 0.919   -11.937 1.00 59.61  ? 142 ASP A CA  1 
ATOM   219  C  C   . ASP A 1 30 ? -11.442 1.658   -11.251 1.00 57.18  ? 142 ASP A C   1 
ATOM   220  O  O   . ASP A 1 30 ? -11.359 1.681   -10.020 1.00 55.98  ? 142 ASP A O   1 
ATOM   221  C  CB  . ASP A 1 30 ? -13.333 1.834   -12.931 1.00 60.83  ? 142 ASP A CB  1 
ATOM   222  C  CG  . ASP A 1 30 ? -14.084 2.964   -12.251 1.00 60.53  ? 142 ASP A CG  1 
ATOM   223  O  OD1 . ASP A 1 30 ? -13.527 3.602   -11.332 1.00 59.25  ? 142 ASP A OD1 1 
ATOM   224  O  OD2 . ASP A 1 30 ? -15.235 3.229   -12.651 1.00 63.27  ? 142 ASP A OD2 1 
ATOM   225  N  N   . ASP A 1 31 ? -10.572 2.268   -12.059 1.00 56.77  ? 143 ASP A N   1 
ATOM   226  C  CA  . ASP A 1 31 ? -9.388  3.003   -11.587 1.00 54.98  ? 143 ASP A CA  1 
ATOM   227  C  C   . ASP A 1 31 ? -9.688  4.230   -10.718 1.00 53.18  ? 143 ASP A C   1 
ATOM   228  O  O   . ASP A 1 31 ? -8.805  4.722   -10.013 1.00 52.00  ? 143 ASP A O   1 
ATOM   229  C  CB  . ASP A 1 31 ? -8.558  3.482   -12.787 1.00 55.95  ? 143 ASP A CB  1 
ATOM   230  C  CG  . ASP A 1 31 ? -7.745  2.381   -13.430 1.00 57.95  ? 143 ASP A CG  1 
ATOM   231  O  OD1 . ASP A 1 31 ? -7.335  1.427   -12.730 1.00 59.80  ? 143 ASP A OD1 1 
ATOM   232  O  OD2 . ASP A 1 31 ? -7.496  2.487   -14.652 1.00 61.32  ? 143 ASP A OD2 1 
ATOM   233  N  N   . THR A 1 32 ? -10.917 4.735   -10.794 1.00 53.17  ? 144 THR A N   1 
ATOM   234  C  CA  . THR A 1 32 ? -11.281 5.996   -10.146 1.00 51.52  ? 144 THR A CA  1 
ATOM   235  C  C   . THR A 1 32 ? -11.807 5.804   -8.715  1.00 50.65  ? 144 THR A C   1 
ATOM   236  O  O   . THR A 1 32 ? -11.987 6.771   -7.970  1.00 50.29  ? 144 THR A O   1 
ATOM   237  C  CB  . THR A 1 32 ? -12.323 6.781   -10.988 1.00 53.00  ? 144 THR A CB  1 
ATOM   238  O  OG1 . THR A 1 32 ? -13.582 6.102   -10.960 1.00 53.07  ? 144 THR A OG1 1 
ATOM   239  C  CG2 . THR A 1 32 ? -11.854 6.926   -12.444 1.00 53.83  ? 144 THR A CG2 1 
ATOM   240  N  N   . CYS A 1 33 ? -12.059 4.556   -8.339  1.00 50.33  ? 145 CYS A N   1 
ATOM   241  C  CA  . CYS A 1 33 ? -12.575 4.245   -7.008  1.00 49.86  ? 145 CYS A CA  1 
ATOM   242  C  C   . CYS A 1 33 ? -11.466 4.299   -5.956  1.00 48.03  ? 145 CYS A C   1 
ATOM   243  O  O   . CYS A 1 33 ? -10.460 3.584   -6.061  1.00 47.66  ? 145 CYS A O   1 
ATOM   244  C  CB  . CYS A 1 33 ? -13.287 2.896   -7.029  1.00 51.14  ? 145 CYS A CB  1 
ATOM   245  S  SG  . CYS A 1 33 ? -14.606 2.862   -8.270  1.00 54.68  ? 145 CYS A SG  1 
ATOM   246  N  N   . VAL A 1 34 ? -11.646 5.168   -4.960  1.00 46.88  ? 146 VAL A N   1 
ATOM   247  C  CA  . VAL A 1 34 ? -10.580 5.468   -3.988  1.00 45.50  ? 146 VAL A CA  1 
ATOM   248  C  C   . VAL A 1 34 ? -11.073 5.506   -2.538  1.00 45.60  ? 146 VAL A C   1 
ATOM   249  O  O   . VAL A 1 34 ? -12.272 5.662   -2.287  1.00 46.17  ? 146 VAL A O   1 
ATOM   250  C  CB  . VAL A 1 34 ? -9.853  6.804   -4.308  1.00 44.69  ? 146 VAL A CB  1 
ATOM   251  C  CG1 . VAL A 1 34 ? -9.044  6.686   -5.592  1.00 44.86  ? 146 VAL A CG1 1 
ATOM   252  C  CG2 . VAL A 1 34 ? -10.846 7.976   -4.386  1.00 44.61  ? 146 VAL A CG2 1 
ATOM   253  N  N   . LEU A 1 35 ? -10.128 5.374   -1.601  1.00 44.86  ? 147 LEU A N   1 
ATOM   254  C  CA  . LEU A 1 35 ? -10.389 5.399   -0.156  1.00 45.23  ? 147 LEU A CA  1 
ATOM   255  C  C   . LEU A 1 35 ? -9.425  6.353   0.548   1.00 45.07  ? 147 LEU A C   1 
ATOM   256  O  O   . LEU A 1 35 ? -8.233  6.344   0.256   1.00 43.86  ? 147 LEU A O   1 
ATOM   257  C  CB  . LEU A 1 35 ? -10.190 3.992   0.441   1.00 46.08  ? 147 LEU A CB  1 
ATOM   258  C  CG  . LEU A 1 35 ? -11.183 2.891   0.067   1.00 46.21  ? 147 LEU A CG  1 
ATOM   259  C  CD1 . LEU A 1 35 ? -10.723 1.536   0.578   1.00 46.28  ? 147 LEU A CD1 1 
ATOM   260  C  CD2 . LEU A 1 35 ? -12.569 3.218   0.610   1.00 45.36  ? 147 LEU A CD2 1 
ATOM   261  N  N   . CYS A 1 36 ? -9.925  7.160   1.486   1.00 45.73  ? 148 CYS A N   1 
ATOM   262  C  CA  . CYS A 1 36 ? -9.031  7.984   2.319   1.00 46.41  ? 148 CYS A CA  1 
ATOM   263  C  C   . CYS A 1 36 ? -8.293  7.120   3.362   1.00 47.38  ? 148 CYS A C   1 
ATOM   264  O  O   . CYS A 1 36 ? -8.588  5.931   3.496   1.00 47.32  ? 148 CYS A O   1 
ATOM   265  C  CB  . CYS A 1 36 ? -9.814  9.115   2.995   1.00 46.87  ? 148 CYS A CB  1 
ATOM   266  S  SG  . CYS A 1 36 ? -10.808 8.608   4.417   1.00 50.46  ? 148 CYS A SG  1 
ATOM   267  N  N   . ILE A 1 37 ? -7.350  7.713   4.100   1.00 48.62  ? 149 ILE A N   1 
ATOM   268  C  CA  . ILE A 1 37 ? -6.581  6.964   5.120   1.00 50.59  ? 149 ILE A CA  1 
ATOM   269  C  C   . ILE A 1 37 ? -7.389  6.564   6.355   1.00 52.38  ? 149 ILE A C   1 
ATOM   270  O  O   . ILE A 1 37 ? -7.080  5.566   7.010   1.00 53.48  ? 149 ILE A O   1 
ATOM   271  C  CB  . ILE A 1 37 ? -5.304  7.698   5.608   1.00 51.73  ? 149 ILE A CB  1 
ATOM   272  C  CG1 . ILE A 1 37 ? -5.597  9.154   5.981   1.00 52.14  ? 149 ILE A CG1 1 
ATOM   273  C  CG2 . ILE A 1 37 ? -4.182  7.566   4.588   1.00 52.13  ? 149 ILE A CG2 1 
ATOM   274  C  CD1 . ILE A 1 37 ? -4.583  9.752   6.952   1.00 55.34  ? 149 ILE A CD1 1 
ATOM   275  N  N   . HIS A 1 38 ? -8.415  7.346   6.673   1.00 52.75  ? 150 HIS A N   1 
ATOM   276  C  CA  . HIS A 1 38 ? -9.225  7.087   7.858   1.00 54.95  ? 150 HIS A CA  1 
ATOM   277  C  C   . HIS A 1 38 ? -10.188 5.926   7.621   1.00 54.92  ? 150 HIS A C   1 
ATOM   278  O  O   . HIS A 1 38 ? -10.693 5.319   8.563   1.00 56.99  ? 150 HIS A O   1 
ATOM   279  C  CB  . HIS A 1 38 ? -9.965  8.357   8.279   1.00 55.64  ? 150 HIS A CB  1 
ATOM   280  C  CG  . HIS A 1 38 ? -9.067  9.547   8.421   1.00 56.45  ? 150 HIS A CG  1 
ATOM   281  N  ND1 . HIS A 1 38 ? -9.130  10.633  7.576   1.00 55.91  ? 150 HIS A ND1 1 
ATOM   282  C  CD2 . HIS A 1 38 ? -8.060  9.805   9.290   1.00 59.05  ? 150 HIS A CD2 1 
ATOM   283  C  CE1 . HIS A 1 38 ? -8.213  11.518  7.929   1.00 57.17  ? 150 HIS A CE1 1 
ATOM   284  N  NE2 . HIS A 1 38 ? -7.548  11.037  8.964   1.00 59.28  ? 150 HIS A NE2 1 
ATOM   285  N  N   . CYS A 1 39 ? -10.394 5.600   6.349   1.00 52.92  ? 151 CYS A N   1 
ATOM   286  C  CA  . CYS A 1 39 ? -11.354 4.582   5.946   1.00 52.79  ? 151 CYS A CA  1 
ATOM   287  C  C   . CYS A 1 39 ? -10.709 3.260   5.497   1.00 52.99  ? 151 CYS A C   1 
ATOM   288  O  O   . CYS A 1 39 ? -11.224 2.180   5.806   1.00 54.40  ? 151 CYS A O   1 
ATOM   289  C  CB  . CYS A 1 39 ? -12.259 5.148   4.851   1.00 51.04  ? 151 CYS A CB  1 
ATOM   290  S  SG  . CYS A 1 39 ? -13.479 6.373   5.444   1.00 50.33  ? 151 CYS A SG  1 
ATOM   291  N  N   . PHE A 1 40 ? -9.590  3.336   4.778   1.00 51.84  ? 152 PHE A N   1 
ATOM   292  C  CA  . PHE A 1 40 ? -8.923  2.126   4.280   1.00 52.11  ? 152 PHE A CA  1 
ATOM   293  C  C   . PHE A 1 40 ? -8.600  1.149   5.414   1.00 54.73  ? 152 PHE A C   1 
ATOM   294  O  O   . PHE A 1 40 ? -7.863  1.480   6.345   1.00 56.06  ? 152 PHE A O   1 
ATOM   295  C  CB  . PHE A 1 40 ? -7.656  2.466   3.483   1.00 50.56  ? 152 PHE A CB  1 
ATOM   296  C  CG  . PHE A 1 40 ? -6.859  1.251   3.043   1.00 50.44  ? 152 PHE A CG  1 
ATOM   297  C  CD1 . PHE A 1 40 ? -7.156  0.604   1.847   1.00 48.98  ? 152 PHE A CD1 1 
ATOM   298  C  CD2 . PHE A 1 40 ? -5.817  0.763   3.825   1.00 51.64  ? 152 PHE A CD2 1 
ATOM   299  C  CE1 . PHE A 1 40 ? -6.425  -0.506  1.431   1.00 48.73  ? 152 PHE A CE1 1 
ATOM   300  C  CE2 . PHE A 1 40 ? -5.077  -0.361  3.425   1.00 51.96  ? 152 PHE A CE2 1 
ATOM   301  C  CZ  . PHE A 1 40 ? -5.384  -0.997  2.226   1.00 50.38  ? 152 PHE A CZ  1 
ATOM   302  N  N   . ASN A 1 41 ? -9.155  -0.054  5.319   1.00 56.09  ? 153 ASN A N   1 
ATOM   303  C  CA  . ASN A 1 41 ? -8.898  -1.099  6.302   1.00 59.16  ? 153 ASN A CA  1 
ATOM   304  C  C   . ASN A 1 41 ? -8.080  -2.224  5.667   1.00 59.48  ? 153 ASN A C   1 
ATOM   305  O  O   . ASN A 1 41 ? -8.558  -2.883  4.742   1.00 59.08  ? 153 ASN A O   1 
ATOM   306  C  CB  . ASN A 1 41 ? -10.219 -1.635  6.868   1.00 60.92  ? 153 ASN A CB  1 
ATOM   307  C  CG  . ASN A 1 41 ? -10.032 -2.532  8.100   1.00 64.57  ? 153 ASN A CG  1 
ATOM   308  O  OD1 . ASN A 1 41 ? -8.932  -3.009  8.397   1.00 65.01  ? 153 ASN A OD1 1 
ATOM   309  N  ND2 . ASN A 1 41 ? -11.123 -2.760  8.820   1.00 67.11  ? 153 ASN A ND2 1 
ATOM   310  N  N   . PRO A 1 42 ? -6.839  -2.434  6.150   1.00 60.76  ? 154 PRO A N   1 
ATOM   311  C  CA  . PRO A 1 42 ? -5.971  -3.505  5.641   1.00 61.73  ? 154 PRO A CA  1 
ATOM   312  C  C   . PRO A 1 42 ? -6.644  -4.882  5.653   1.00 63.98  ? 154 PRO A C   1 
ATOM   313  O  O   . PRO A 1 42 ? -6.405  -5.694  4.757   1.00 64.06  ? 154 PRO A O   1 
ATOM   314  C  CB  . PRO A 1 42 ? -4.789  -3.489  6.617   1.00 63.44  ? 154 PRO A CB  1 
ATOM   315  C  CG  . PRO A 1 42 ? -4.722  -2.081  7.084   1.00 62.71  ? 154 PRO A CG  1 
ATOM   316  C  CD  . PRO A 1 42 ? -6.146  -1.599  7.151   1.00 61.48  ? 154 PRO A CD  1 
ATOM   317  N  N   . LYS A 1 43 ? -7.489  -5.125  6.652   1.00 66.47  ? 155 LYS A N   1 
ATOM   318  C  CA  . LYS A 1 43 ? -8.184  -6.407  6.811   1.00 69.21  ? 155 LYS A CA  1 
ATOM   319  C  C   . LYS A 1 43 ? -9.202  -6.707  5.699   1.00 67.97  ? 155 LYS A C   1 
ATOM   320  O  O   . LYS A 1 43 ? -9.727  -7.821  5.621   1.00 69.97  ? 155 LYS A O   1 
ATOM   321  C  CB  . LYS A 1 43 ? -8.863  -6.466  8.184   1.00 72.26  ? 155 LYS A CB  1 
ATOM   322  C  CG  . LYS A 1 43 ? -7.890  -6.636  9.343   1.00 75.84  ? 155 LYS A CG  1 
ATOM   323  C  CD  . LYS A 1 43 ? -8.424  -5.944  10.587  1.00 79.35  ? 155 LYS A CD  1 
ATOM   324  C  CE  . LYS A 1 43 ? -7.350  -5.845  11.663  1.00 82.30  ? 155 LYS A CE  1 
ATOM   325  N  NZ  . LYS A 1 43 ? -7.711  -4.798  12.662  1.00 83.90  ? 155 LYS A NZ  1 
ATOM   326  N  N   . ASP A 1 44 ? -9.473  -5.715  4.852   1.00 64.86  ? 156 ASP A N   1 
ATOM   327  C  CA  . ASP A 1 44 ? -10.351 -5.882  3.692   1.00 63.63  ? 156 ASP A CA  1 
ATOM   328  C  C   . ASP A 1 44 ? -9.576  -6.312  2.438   1.00 61.91  ? 156 ASP A C   1 
ATOM   329  O  O   . ASP A 1 44 ? -10.171 -6.764  1.455   1.00 61.99  ? 156 ASP A O   1 
ATOM   330  C  CB  . ASP A 1 44 ? -11.092 -4.574  3.391   1.00 61.81  ? 156 ASP A CB  1 
ATOM   331  C  CG  . ASP A 1 44 ? -12.323 -4.366  4.265   1.00 63.85  ? 156 ASP A CG  1 
ATOM   332  O  OD1 . ASP A 1 44 ? -12.915 -5.358  4.735   1.00 66.56  ? 156 ASP A OD1 1 
ATOM   333  O  OD2 . ASP A 1 44 ? -12.712 -3.193  4.458   1.00 62.65  ? 156 ASP A OD2 1 
ATOM   334  N  N   . HIS A 1 45 ? -8.254  -6.163  2.473   1.00 60.36  ? 157 HIS A N   1 
ATOM   335  C  CA  . HIS A 1 45 ? -7.431  -6.311  1.270   1.00 58.45  ? 157 HIS A CA  1 
ATOM   336  C  C   . HIS A 1 45 ? -6.166  -7.118  1.521   1.00 59.86  ? 157 HIS A C   1 
ATOM   337  O  O   . HIS A 1 45 ? -5.085  -6.740  1.063   1.00 58.71  ? 157 HIS A O   1 
ATOM   338  C  CB  . HIS A 1 45 ? -7.057  -4.930  0.725   1.00 55.34  ? 157 HIS A CB  1 
ATOM   339  C  CG  . HIS A 1 45 ? -8.197  -3.965  0.710   1.00 52.75  ? 157 HIS A CG  1 
ATOM   340  N  ND1 . HIS A 1 45 ? -9.160  -3.979  -0.272  1.00 49.03  ? 157 HIS A ND1 1 
ATOM   341  C  CD2 . HIS A 1 45 ? -8.539  -2.973  1.564   1.00 51.11  ? 157 HIS A CD2 1 
ATOM   342  C  CE1 . HIS A 1 45 ? -10.050 -3.031  -0.022  1.00 51.96  ? 157 HIS A CE1 1 
ATOM   343  N  NE2 . HIS A 1 45 ? -9.692  -2.403  1.085   1.00 51.55  ? 157 HIS A NE2 1 
ATOM   344  N  N   . VAL A 1 46 ? -6.314  -8.235  2.231   1.00 62.81  ? 158 VAL A N   1 
ATOM   345  C  CA  . VAL A 1 46 ? -5.172  -9.031  2.704   1.00 64.69  ? 158 VAL A CA  1 
ATOM   346  C  C   . VAL A 1 46 ? -4.213  -9.483  1.589   1.00 64.51  ? 158 VAL A C   1 
ATOM   347  O  O   . VAL A 1 46 ? -2.998  -9.237  1.667   1.00 64.54  ? 158 VAL A O   1 
ATOM   348  C  CB  . VAL A 1 46 ? -5.636  -10.219 3.597   1.00 67.99  ? 158 VAL A CB  1 
ATOM   349  C  CG1 . VAL A 1 46 ? -4.525  -11.275 3.770   1.00 70.34  ? 158 VAL A CG1 1 
ATOM   350  C  CG2 . VAL A 1 46 ? -6.088  -9.701  4.957   1.00 68.71  ? 158 VAL A CG2 1 
ATOM   351  N  N   . ASN A 1 47 ? -4.743  -10.141 0.564   1.00 64.59  ? 159 ASN A N   1 
ATOM   352  C  CA  . ASN A 1 47 ? -3.890  -10.572 -0.543  1.00 64.44  ? 159 ASN A CA  1 
ATOM   353  C  C   . ASN A 1 47 ? -4.230  -9.850  -1.844  1.00 61.67  ? 159 ASN A C   1 
ATOM   354  O  O   . ASN A 1 47 ? -4.079  -10.395 -2.938  1.00 61.82  ? 159 ASN A O   1 
ATOM   355  C  CB  . ASN A 1 47 ? -3.889  -12.103 -0.697  1.00 67.48  ? 159 ASN A CB  1 
ATOM   356  C  CG  . ASN A 1 47 ? -2.754  -12.778 0.081   1.00 71.26  ? 159 ASN A CG  1 
ATOM   357  O  OD1 . ASN A 1 47 ? -2.363  -12.326 1.162   1.00 73.95  ? 159 ASN A OD1 1 
ATOM   358  N  ND2 . ASN A 1 47 ? -2.224  -13.871 -0.468  1.00 73.41  ? 159 ASN A ND2 1 
ATOM   359  N  N   . HIS A 1 48 ? -4.679  -8.606  -1.699  1.00 59.41  ? 160 HIS A N   1 
ATOM   360  C  CA  . HIS A 1 48 ? -5.059  -7.771  -2.833  1.00 57.15  ? 160 HIS A CA  1 
ATOM   361  C  C   . HIS A 1 48 ? -3.895  -6.896  -3.313  1.00 55.35  ? 160 HIS A C   1 
ATOM   362  O  O   . HIS A 1 48 ? -2.858  -6.802  -2.650  1.00 55.50  ? 160 HIS A O   1 
ATOM   363  C  CB  . HIS A 1 48 ? -6.299  -6.928  -2.493  1.00 56.29  ? 160 HIS A CB  1 
ATOM   364  C  CG  . HIS A 1 48 ? -7.526  -7.741  -2.205  1.00 58.12  ? 160 HIS A CG  1 
ATOM   365  N  ND1 . HIS A 1 48 ? -8.689  -7.189  -1.714  1.00 58.45  ? 160 HIS A ND1 1 
ATOM   366  C  CD2 . HIS A 1 48 ? -7.763  -9.071  -2.319  1.00 60.89  ? 160 HIS A CD2 1 
ATOM   367  C  CE1 . HIS A 1 48 ? -9.595  -8.137  -1.556  1.00 60.27  ? 160 HIS A CE1 1 
ATOM   368  N  NE2 . HIS A 1 48 ? -9.058  -9.289  -1.915  1.00 62.27  ? 160 HIS A NE2 1 
ATOM   369  N  N   . HIS A 1 49 ? -4.066  -6.287  -4.481  1.00 53.90  ? 161 HIS A N   1 
ATOM   370  C  CA  . HIS A 1 49 ? -3.068  -5.384  -5.046  1.00 52.33  ? 161 HIS A CA  1 
ATOM   371  C  C   . HIS A 1 49 ? -3.495  -3.943  -4.779  1.00 50.71  ? 161 HIS A C   1 
ATOM   372  O  O   . HIS A 1 49 ? -4.348  -3.394  -5.477  1.00 49.76  ? 161 HIS A O   1 
ATOM   373  C  CB  . HIS A 1 49 ? -2.898  -5.647  -6.544  1.00 52.29  ? 161 HIS A CB  1 
ATOM   374  C  CG  . HIS A 1 49 ? -2.339  -6.999  -6.859  1.00 54.40  ? 161 HIS A CG  1 
ATOM   375  N  ND1 . HIS A 1 49 ? -3.078  -8.157  -6.742  1.00 55.62  ? 161 HIS A ND1 1 
ATOM   376  C  CD2 . HIS A 1 49 ? -1.111  -7.379  -7.282  1.00 54.79  ? 161 HIS A CD2 1 
ATOM   377  C  CE1 . HIS A 1 49 ? -2.332  -9.190  -7.085  1.00 56.72  ? 161 HIS A CE1 1 
ATOM   378  N  NE2 . HIS A 1 49 ? -1.133  -8.747  -7.413  1.00 57.06  ? 161 HIS A NE2 1 
ATOM   379  N  N   . VAL A 1 50 ? -2.901  -3.350  -3.746  1.00 50.53  ? 162 VAL A N   1 
ATOM   380  C  CA  . VAL A 1 50 ? -3.253  -2.012  -3.276  1.00 48.93  ? 162 VAL A CA  1 
ATOM   381  C  C   . VAL A 1 50 ? -2.132  -1.041  -3.624  1.00 48.17  ? 162 VAL A C   1 
ATOM   382  O  O   . VAL A 1 50 ? -0.957  -1.355  -3.430  1.00 48.76  ? 162 VAL A O   1 
ATOM   383  C  CB  . VAL A 1 50 ? -3.501  -2.005  -1.736  1.00 49.91  ? 162 VAL A CB  1 
ATOM   384  C  CG1 . VAL A 1 50 ? -3.763  -0.585  -1.204  1.00 49.14  ? 162 VAL A CG1 1 
ATOM   385  C  CG2 . VAL A 1 50 ? -4.670  -2.916  -1.380  1.00 51.08  ? 162 VAL A CG2 1 
ATOM   386  N  N   . CYS A 1 51 ? -2.497  0.118   -4.164  1.00 46.72  ? 163 CYS A N   1 
ATOM   387  C  CA  . CYS A 1 51 ? -1.542  1.195   -4.416  1.00 46.48  ? 163 CYS A CA  1 
ATOM   388  C  C   . CYS A 1 51 ? -1.951  2.466   -3.699  1.00 45.56  ? 163 CYS A C   1 
ATOM   389  O  O   . CYS A 1 51 ? -3.126  2.863   -3.731  1.00 44.90  ? 163 CYS A O   1 
ATOM   390  C  CB  . CYS A 1 51 ? -1.390  1.466   -5.916  1.00 46.21  ? 163 CYS A CB  1 
ATOM   391  S  SG  . CYS A 1 51 ? -0.576  0.114   -6.803  1.00 49.02  ? 163 CYS A SG  1 
ATOM   392  N  N   . THR A 1 52 ? -0.981  3.086   -3.034  1.00 45.78  ? 164 THR A N   1 
ATOM   393  C  CA  . THR A 1 52 ? -1.172  4.388   -2.411  1.00 45.44  ? 164 THR A CA  1 
ATOM   394  C  C   . THR A 1 52 ? -0.798  5.480   -3.410  1.00 45.12  ? 164 THR A C   1 
ATOM   395  O  O   . THR A 1 52 ? 0.180   5.350   -4.147  1.00 45.63  ? 164 THR A O   1 
ATOM   396  C  CB  . THR A 1 52 ? -0.311  4.560   -1.147  1.00 46.98  ? 164 THR A CB  1 
ATOM   397  O  OG1 . THR A 1 52 ? 1.076   4.495   -1.498  1.00 47.62  ? 164 THR A OG1 1 
ATOM   398  C  CG2 . THR A 1 52 ? -0.618  3.474   -0.119  1.00 48.02  ? 164 THR A CG2 1 
ATOM   399  N  N   . ASP A 1 53 ? -1.584  6.552   -3.430  1.00 44.38  ? 165 ASP A N   1 
ATOM   400  C  CA  . ASP A 1 53 ? -1.319  7.679   -4.311  1.00 44.30  ? 165 ASP A CA  1 
ATOM   401  C  C   . ASP A 1 53 ? -1.356  8.964   -3.478  1.00 44.37  ? 165 ASP A C   1 
ATOM   402  O  O   . ASP A 1 53 ? -1.649  8.921   -2.277  1.00 44.45  ? 165 ASP A O   1 
ATOM   403  C  CB  . ASP A 1 53 ? -2.361  7.708   -5.434  1.00 43.80  ? 165 ASP A CB  1 
ATOM   404  C  CG  . ASP A 1 53 ? -1.867  8.418   -6.693  1.00 45.62  ? 165 ASP A CG  1 
ATOM   405  O  OD1 . ASP A 1 53 ? -0.889  9.197   -6.636  1.00 47.43  ? 165 ASP A OD1 1 
ATOM   406  O  OD2 . ASP A 1 53 ? -2.476  8.192   -7.756  1.00 47.35  ? 165 ASP A OD2 1 
ATOM   407  N  N   . ILE A 1 54 ? -1.033  10.095  -4.103  1.00 44.18  ? 166 ILE A N   1 
ATOM   408  C  CA  . ILE A 1 54 ? -1.121  11.398  -3.444  1.00 44.71  ? 166 ILE A CA  1 
ATOM   409  C  C   . ILE A 1 54 ? -1.911  12.379  -4.312  1.00 44.17  ? 166 ILE A C   1 
ATOM   410  O  O   . ILE A 1 54 ? -1.631  12.543  -5.497  1.00 44.58  ? 166 ILE A O   1 
ATOM   411  C  CB  . ILE A 1 54 ? 0.281   11.956  -3.065  1.00 46.37  ? 166 ILE A CB  1 
ATOM   412  C  CG1 . ILE A 1 54 ? 0.764   11.338  -1.749  1.00 47.71  ? 166 ILE A CG1 1 
ATOM   413  C  CG2 . ILE A 1 54 ? 0.265   13.461  -2.880  1.00 47.14  ? 166 ILE A CG2 1 
ATOM   414  C  CD1 . ILE A 1 54 ? 1.531   10.079  -1.927  1.00 47.89  ? 166 ILE A CD1 1 
ATOM   415  N  N   . CYS A 1 55 ? -2.915  13.007  -3.714  1.00 43.99  ? 167 CYS A N   1 
ATOM   416  C  CA  . CYS A 1 55 ? -3.708  14.017  -4.402  1.00 43.89  ? 167 CYS A CA  1 
ATOM   417  C  C   . CYS A 1 55 ? -2.818  15.186  -4.817  1.00 45.04  ? 167 CYS A C   1 
ATOM   418  O  O   . CYS A 1 55 ? -2.171  15.822  -3.978  1.00 46.28  ? 167 CYS A O   1 
ATOM   419  C  CB  . CYS A 1 55 ? -4.836  14.509  -3.502  1.00 44.11  ? 167 CYS A CB  1 
ATOM   420  S  SG  . CYS A 1 55 ? -5.866  15.777  -4.271  1.00 46.09  ? 167 CYS A SG  1 
ATOM   421  N  N   . THR A 1 56 ? -2.767  15.449  -6.117  1.00 44.76  ? 168 THR A N   1 
ATOM   422  C  CA  . THR A 1 56 ? -1.984  16.564  -6.616  1.00 46.08  ? 168 THR A CA  1 
ATOM   423  C  C   . THR A 1 56 ? -2.890  17.741  -6.962  1.00 47.10  ? 168 THR A C   1 
ATOM   424  O  O   . THR A 1 56 ? -4.117  17.669  -6.834  1.00 45.72  ? 168 THR A O   1 
ATOM   425  C  CB  . THR A 1 56 ? -1.173  16.184  -7.869  1.00 46.41  ? 168 THR A CB  1 
ATOM   426  O  OG1 . THR A 1 56 ? -2.067  16.020  -8.975  1.00 45.32  ? 168 THR A OG1 1 
ATOM   427  C  CG2 . THR A 1 56 ? -0.373  14.884  -7.647  1.00 46.07  ? 168 THR A CG2 1 
ATOM   428  N  N   . GLU A 1 57 ? -2.255  18.816  -7.414  1.00 49.19  ? 169 GLU A N   1 
ATOM   429  C  CA  . GLU A 1 57 ? -2.924  19.981  -7.964  1.00 51.38  ? 169 GLU A CA  1 
ATOM   430  C  C   . GLU A 1 57 ? -3.818  19.617  -9.156  1.00 51.16  ? 169 GLU A C   1 
ATOM   431  O  O   . GLU A 1 57 ? -4.826  20.278  -9.416  1.00 51.53  ? 169 GLU A O   1 
ATOM   432  C  CB  . GLU A 1 57 ? -1.853  20.954  -8.436  1.00 53.70  ? 169 GLU A CB  1 
ATOM   433  C  CG  . GLU A 1 57 ? -2.286  22.382  -8.458  1.00 56.30  ? 169 GLU A CG  1 
ATOM   434  C  CD  . GLU A 1 57 ? -1.592  23.142  -9.553  1.00 58.02  ? 169 GLU A CD  1 
ATOM   435  O  OE1 . GLU A 1 57 ? -2.290  23.886  -10.266 1.00 60.33  ? 169 GLU A OE1 1 
ATOM   436  O  OE2 . GLU A 1 57 ? -0.362  22.979  -9.708  1.00 58.47  ? 169 GLU A OE2 1 
ATOM   437  N  N   . PHE A 1 58 ? -3.432  18.556  -9.862  1.00 50.62  ? 170 PHE A N   1 
ATOM   438  C  CA  . PHE A 1 58 ? -4.047  18.167  -11.129 1.00 51.26  ? 170 PHE A CA  1 
ATOM   439  C  C   . PHE A 1 58 ? -5.087  17.070  -10.946 1.00 50.10  ? 170 PHE A C   1 
ATOM   440  O  O   . PHE A 1 58 ? -5.623  16.532  -11.913 1.00 50.13  ? 170 PHE A O   1 
ATOM   441  C  CB  . PHE A 1 58 ? -2.950  17.715  -12.097 1.00 51.93  ? 170 PHE A CB  1 
ATOM   442  C  CG  . PHE A 1 58 ? -1.770  18.655  -12.149 1.00 53.43  ? 170 PHE A CG  1 
ATOM   443  C  CD1 . PHE A 1 58 ? -0.556  18.301  -11.573 1.00 53.17  ? 170 PHE A CD1 1 
ATOM   444  C  CD2 . PHE A 1 58 ? -1.887  19.907  -12.740 1.00 55.75  ? 170 PHE A CD2 1 
ATOM   445  C  CE1 . PHE A 1 58 ? 0.531   19.169  -11.607 1.00 55.18  ? 170 PHE A CE1 1 
ATOM   446  C  CE2 . PHE A 1 58 ? -0.799  20.785  -12.779 1.00 57.82  ? 170 PHE A CE2 1 
ATOM   447  C  CZ  . PHE A 1 58 ? 0.409   20.413  -12.209 1.00 57.64  ? 170 PHE A CZ  1 
ATOM   448  N  N   . THR A 1 59 ? -5.378  16.773  -9.686  1.00 49.34  ? 171 THR A N   1 
ATOM   449  C  CA  . THR A 1 59 ? -6.178  15.630  -9.292  1.00 48.89  ? 171 THR A CA  1 
ATOM   450  C  C   . THR A 1 59 ? -7.225  16.136  -8.298  1.00 48.71  ? 171 THR A C   1 
ATOM   451  O  O   . THR A 1 59 ? -6.918  16.995  -7.467  1.00 49.50  ? 171 THR A O   1 
ATOM   452  C  CB  . THR A 1 59 ? -5.239  14.561  -8.661  1.00 47.65  ? 171 THR A CB  1 
ATOM   453  O  OG1 . THR A 1 59 ? -4.726  13.700  -9.690  1.00 49.84  ? 171 THR A OG1 1 
ATOM   454  C  CG2 . THR A 1 59 ? -5.926  13.745  -7.647  1.00 47.01  ? 171 THR A CG2 1 
ATOM   455  N  N   . SER A 1 60 ? -8.463  15.646  -8.402  1.00 48.42  ? 172 SER A N   1 
ATOM   456  C  CA  . SER A 1 60 ? -9.495  15.976  -7.408  1.00 48.15  ? 172 SER A CA  1 
ATOM   457  C  C   . SER A 1 60 ? -10.577 14.907  -7.241  1.00 47.36  ? 172 SER A C   1 
ATOM   458  O  O   . SER A 1 60 ? -10.841 14.120  -8.151  1.00 47.80  ? 172 SER A O   1 
ATOM   459  C  CB  . SER A 1 60 ? -10.130 17.345  -7.689  1.00 49.56  ? 172 SER A CB  1 
ATOM   460  O  OG  . SER A 1 60 ? -11.093 17.274  -8.725  1.00 51.42  ? 172 SER A OG  1 
ATOM   461  N  N   . GLY A 1 61 ? -11.187 14.882  -6.061  1.00 46.71  ? 173 GLY A N   1 
ATOM   462  C  CA  . GLY A 1 61 ? -12.320 14.003  -5.799  1.00 45.74  ? 173 GLY A CA  1 
ATOM   463  C  C   . GLY A 1 61 ? -12.455 13.563  -4.354  1.00 44.47  ? 173 GLY A C   1 
ATOM   464  O  O   . GLY A 1 61 ? -11.874 14.169  -3.452  1.00 43.89  ? 173 GLY A O   1 
ATOM   465  N  N   . ILE A 1 62 ? -13.224 12.494  -4.152  1.00 44.11  ? 174 ILE A N   1 
ATOM   466  C  CA  . ILE A 1 62 ? -13.706 12.104  -2.825  1.00 43.89  ? 174 ILE A CA  1 
ATOM   467  C  C   . ILE A 1 62 ? -13.555 10.611  -2.547  1.00 43.26  ? 174 ILE A C   1 
ATOM   468  O  O   . ILE A 1 62 ? -13.597 9.800   -3.473  1.00 42.96  ? 174 ILE A O   1 
ATOM   469  C  CB  . ILE A 1 62 ? -15.208 12.495  -2.613  1.00 45.52  ? 174 ILE A CB  1 
ATOM   470  C  CG1 . ILE A 1 62 ? -16.139 11.670  -3.518  1.00 46.62  ? 174 ILE A CG1 1 
ATOM   471  C  CG2 . ILE A 1 62 ? -15.431 14.011  -2.797  1.00 45.46  ? 174 ILE A CG2 1 
ATOM   472  C  CD1 . ILE A 1 62 ? -17.637 11.911  -3.274  1.00 48.16  ? 174 ILE A CD1 1 
ATOM   473  N  N   . CYS A 1 63 ? -13.400 10.273  -1.262  1.00 43.09  ? 175 CYS A N   1 
ATOM   474  C  CA  . CYS A 1 63 ? -13.390 8.901   -0.765  1.00 43.06  ? 175 CYS A CA  1 
ATOM   475  C  C   . CYS A 1 63 ? -14.728 8.208   -1.054  1.00 44.88  ? 175 CYS A C   1 
ATOM   476  O  O   . CYS A 1 63 ? -15.788 8.776   -0.830  1.00 45.25  ? 175 CYS A O   1 
ATOM   477  C  CB  . CYS A 1 63 ? -13.067 8.901   0.751   1.00 43.58  ? 175 CYS A CB  1 
ATOM   478  S  SG  . CYS A 1 63 ? -13.188 7.329   1.716   1.00 41.08  ? 175 CYS A SG  1 
ATOM   479  N  N   . ASP A 1 64 ? -14.658 6.972   -1.551  1.00 45.82  ? 176 ASP A N   1 
ATOM   480  C  CA  . ASP A 1 64 ? -15.851 6.203   -1.919  1.00 47.62  ? 176 ASP A CA  1 
ATOM   481  C  C   . ASP A 1 64 ? -16.293 5.188   -0.858  1.00 48.94  ? 176 ASP A C   1 
ATOM   482  O  O   . ASP A 1 64 ? -17.235 4.429   -1.098  1.00 50.80  ? 176 ASP A O   1 
ATOM   483  C  CB  . ASP A 1 64 ? -15.621 5.470   -3.247  1.00 47.82  ? 176 ASP A CB  1 
ATOM   484  C  CG  . ASP A 1 64 ? -15.376 6.416   -4.408  1.00 46.94  ? 176 ASP A CG  1 
ATOM   485  O  OD1 . ASP A 1 64 ? -16.297 7.149   -4.783  1.00 46.42  ? 176 ASP A OD1 1 
ATOM   486  O  OD2 . ASP A 1 64 ? -14.263 6.404   -4.966  1.00 46.28  ? 176 ASP A OD2 1 
ATOM   487  N  N   . CYS A 1 65 ? -15.611 5.154   0.295   1.00 48.93  ? 177 CYS A N   1 
ATOM   488  C  CA  . CYS A 1 65 ? -16.020 4.286   1.425   1.00 49.92  ? 177 CYS A CA  1 
ATOM   489  C  C   . CYS A 1 65 ? -17.508 4.500   1.722   1.00 52.68  ? 177 CYS A C   1 
ATOM   490  O  O   . CYS A 1 65 ? -17.944 5.627   1.968   1.00 52.70  ? 177 CYS A O   1 
ATOM   491  C  CB  . CYS A 1 65 ? -15.166 4.569   2.675   1.00 49.52  ? 177 CYS A CB  1 
ATOM   492  S  SG  . CYS A 1 65 ? -15.579 3.663   4.237   1.00 46.90  ? 177 CYS A SG  1 
ATOM   493  N  N   . GLY A 1 66 ? -18.285 3.418   1.651   1.00 55.22  ? 178 GLY A N   1 
ATOM   494  C  CA  . GLY A 1 66 ? -19.733 3.483   1.885   1.00 58.42  ? 178 GLY A CA  1 
ATOM   495  C  C   . GLY A 1 66 ? -20.598 3.689   0.649   1.00 59.83  ? 178 GLY A C   1 
ATOM   496  O  O   . GLY A 1 66 ? -21.826 3.703   0.746   1.00 61.97  ? 178 GLY A O   1 
ATOM   497  N  N   . ASP A 1 67 ? -19.967 3.872   -0.511  1.00 58.96  ? 179 ASP A N   1 
ATOM   498  C  CA  . ASP A 1 67 ? -20.687 3.924   -1.786  1.00 60.46  ? 179 ASP A CA  1 
ATOM   499  C  C   . ASP A 1 67 ? -20.550 2.558   -2.447  1.00 61.73  ? 179 ASP A C   1 
ATOM   500  O  O   . ASP A 1 67 ? -19.483 2.222   -2.970  1.00 60.30  ? 179 ASP A O   1 
ATOM   501  C  CB  . ASP A 1 67 ? -20.115 5.032   -2.687  1.00 58.58  ? 179 ASP A CB  1 
ATOM   502  C  CG  . ASP A 1 67 ? -20.880 5.190   -4.008  1.00 59.58  ? 179 ASP A CG  1 
ATOM   503  O  OD1 . ASP A 1 67 ? -21.733 4.338   -4.343  1.00 60.37  ? 179 ASP A OD1 1 
ATOM   504  O  OD2 . ASP A 1 67 ? -20.613 6.178   -4.727  1.00 58.86  ? 179 ASP A OD2 1 
ATOM   505  N  N   . GLU A 1 68 ? -21.626 1.774   -2.421  1.00 65.02  ? 180 GLU A N   1 
ATOM   506  C  CA  . GLU A 1 68 ? -21.569 0.359   -2.824  1.00 67.23  ? 180 GLU A CA  1 
ATOM   507  C  C   . GLU A 1 68 ? -21.353 0.171   -4.325  1.00 67.16  ? 180 GLU A C   1 
ATOM   508  O  O   . GLU A 1 68 ? -20.864 -0.878  -4.760  1.00 67.50  ? 180 GLU A O   1 
ATOM   509  C  CB  . GLU A 1 68 ? -22.820 -0.412  -2.370  1.00 70.90  ? 180 GLU A CB  1 
ATOM   510  C  CG  . GLU A 1 68 ? -23.468 0.060   -1.054  1.00 73.74  ? 180 GLU A CG  1 
ATOM   511  C  CD  . GLU A 1 68 ? -22.589 -0.112  0.190   1.00 74.22  ? 180 GLU A CD  1 
ATOM   512  O  OE1 . GLU A 1 68 ? -21.534 -0.790  0.132   1.00 72.85  ? 180 GLU A OE1 1 
ATOM   513  O  OE2 . GLU A 1 68 ? -22.978 0.441   1.246   1.00 75.84  ? 180 GLU A OE2 1 
ATOM   514  N  N   . GLU A 1 69 ? -21.716 1.190   -5.102  1.00 67.09  ? 181 GLU A N   1 
ATOM   515  C  CA  . GLU A 1 69 ? -21.500 1.204   -6.550  1.00 67.55  ? 181 GLU A CA  1 
ATOM   516  C  C   . GLU A 1 69 ? -20.016 1.185   -6.933  1.00 65.00  ? 181 GLU A C   1 
ATOM   517  O  O   . GLU A 1 69 ? -19.666 0.811   -8.054  1.00 65.45  ? 181 GLU A O   1 
ATOM   518  C  CB  . GLU A 1 69 ? -22.151 2.440   -7.174  1.00 68.15  ? 181 GLU A CB  1 
ATOM   519  C  CG  . GLU A 1 69 ? -23.671 2.509   -7.050  1.00 71.84  ? 181 GLU A CG  1 
ATOM   520  C  CD  . GLU A 1 69 ? -24.253 3.736   -7.736  1.00 73.77  ? 181 GLU A CD  1 
ATOM   521  O  OE1 . GLU A 1 69 ? -25.102 4.423   -7.126  1.00 75.59  ? 181 GLU A OE1 1 
ATOM   522  O  OE2 . GLU A 1 69 ? -23.859 4.021   -8.889  1.00 74.17  ? 181 GLU A OE2 1 
ATOM   523  N  N   . ALA A 1 70 ? -19.155 1.593   -6.003  1.00 62.69  ? 182 ALA A N   1 
ATOM   524  C  CA  . ALA A 1 70 ? -17.725 1.743   -6.275  1.00 60.35  ? 182 ALA A CA  1 
ATOM   525  C  C   . ALA A 1 70 ? -16.901 0.482   -6.006  1.00 60.22  ? 182 ALA A C   1 
ATOM   526  O  O   . ALA A 1 70 ? -15.748 0.399   -6.434  1.00 58.72  ? 182 ALA A O   1 
ATOM   527  C  CB  . ALA A 1 70 ? -17.158 2.920   -5.486  1.00 58.22  ? 182 ALA A CB  1 
ATOM   528  N  N   . TRP A 1 71 ? -17.494 -0.495  -5.316  1.00 62.03  ? 183 TRP A N   1 
ATOM   529  C  CA  . TRP A 1 71 ? -16.747 -1.667  -4.846  1.00 62.11  ? 183 TRP A CA  1 
ATOM   530  C  C   . TRP A 1 71 ? -17.378 -3.008  -5.214  1.00 64.93  ? 183 TRP A C   1 
ATOM   531  O  O   . TRP A 1 71 ? -18.583 -3.204  -5.064  1.00 67.17  ? 183 TRP A O   1 
ATOM   532  C  CB  . TRP A 1 71 ? -16.526 -1.579  -3.334  1.00 61.62  ? 183 TRP A CB  1 
ATOM   533  C  CG  . TRP A 1 71 ? -16.000 -0.248  -2.928  1.00 59.37  ? 183 TRP A CG  1 
ATOM   534  C  CD1 . TRP A 1 71 ? -16.691 0.751   -2.311  1.00 59.03  ? 183 TRP A CD1 1 
ATOM   535  C  CD2 . TRP A 1 71 ? -14.678 0.255   -3.151  1.00 57.03  ? 183 TRP A CD2 1 
ATOM   536  N  NE1 . TRP A 1 71 ? -15.879 1.841   -2.118  1.00 56.60  ? 183 TRP A NE1 1 
ATOM   537  C  CE2 . TRP A 1 71 ? -14.637 1.564   -2.627  1.00 55.60  ? 183 TRP A CE2 1 
ATOM   538  C  CE3 . TRP A 1 71 ? -13.520 -0.279  -3.734  1.00 57.10  ? 183 TRP A CE3 1 
ATOM   539  C  CZ2 . TRP A 1 71 ? -13.486 2.352   -2.669  1.00 53.65  ? 183 TRP A CZ2 1 
ATOM   540  C  CZ3 . TRP A 1 71 ? -12.370 0.503   -3.771  1.00 55.36  ? 183 TRP A CZ3 1 
ATOM   541  C  CH2 . TRP A 1 71 ? -12.365 1.807   -3.240  1.00 54.28  ? 183 TRP A CH2 1 
ATOM   542  N  N   . ASN A 1 72 ? -16.538 -3.928  -5.684  1.00 65.10  ? 184 ASN A N   1 
ATOM   543  C  CA  . ASN A 1 72 ? -16.953 -5.280  -6.061  1.00 67.96  ? 184 ASN A CA  1 
ATOM   544  C  C   . ASN A 1 72 ? -17.285 -6.150  -4.847  1.00 69.92  ? 184 ASN A C   1 
ATOM   545  O  O   . ASN A 1 72 ? -17.986 -7.158  -4.963  1.00 72.88  ? 184 ASN A O   1 
ATOM   546  C  CB  . ASN A 1 72 ? -15.859 -5.950  -6.904  1.00 67.48  ? 184 ASN A CB  1 
ATOM   547  C  CG  . ASN A 1 72 ? -15.602 -5.227  -8.218  1.00 66.26  ? 184 ASN A CG  1 
ATOM   548  O  OD1 . ASN A 1 72 ? -16.531 -4.759  -8.880  1.00 67.66  ? 184 ASN A OD1 1 
ATOM   549  N  ND2 . ASN A 1 72 ? -14.335 -5.139  -8.604  1.00 63.57  ? 184 ASN A ND2 1 
ATOM   550  N  N   . SER A 1 73 ? -16.772 -5.746  -3.688  1.00 68.70  ? 185 SER A N   1 
ATOM   551  C  CA  . SER A 1 73 ? -16.959 -6.468  -2.433  1.00 70.73  ? 185 SER A CA  1 
ATOM   552  C  C   . SER A 1 73 ? -17.315 -5.481  -1.317  1.00 70.08  ? 185 SER A C   1 
ATOM   553  O  O   . SER A 1 73 ? -16.844 -4.342  -1.333  1.00 67.66  ? 185 SER A O   1 
ATOM   554  C  CB  . SER A 1 73 ? -15.679 -7.234  -2.082  1.00 70.23  ? 185 SER A CB  1 
ATOM   555  O  OG  . SER A 1 73 ? -15.669 -7.637  -0.725  1.00 72.20  ? 185 SER A OG  1 
ATOM   556  N  N   . PRO A 1 74 ? -18.161 -5.906  -0.354  1.00 72.69  ? 186 PRO A N   1 
ATOM   557  C  CA  . PRO A 1 74 ? -18.469 -5.036  0.784   1.00 72.27  ? 186 PRO A CA  1 
ATOM   558  C  C   . PRO A 1 74 ? -17.216 -4.659  1.585   1.00 70.17  ? 186 PRO A C   1 
ATOM   559  O  O   . PRO A 1 74 ? -16.317 -5.487  1.769   1.00 70.34  ? 186 PRO A O   1 
ATOM   560  C  CB  . PRO A 1 74 ? -19.432 -5.881  1.634   1.00 76.11  ? 186 PRO A CB  1 
ATOM   561  C  CG  . PRO A 1 74 ? -19.278 -7.286  1.138   1.00 78.05  ? 186 PRO A CG  1 
ATOM   562  C  CD  . PRO A 1 74 ? -18.936 -7.158  -0.310  1.00 76.29  ? 186 PRO A CD  1 
ATOM   563  N  N   . LEU A 1 75 ? -17.161 -3.405  2.027   1.00 68.27  ? 187 LEU A N   1 
ATOM   564  C  CA  . LEU A 1 75 ? -16.024 -2.887  2.783   1.00 66.33  ? 187 LEU A CA  1 
ATOM   565  C  C   . LEU A 1 75 ? -16.351 -2.799  4.263   1.00 68.05  ? 187 LEU A C   1 
ATOM   566  O  O   . LEU A 1 75 ? -17.513 -2.690  4.641   1.00 70.15  ? 187 LEU A O   1 
ATOM   567  C  CB  . LEU A 1 75 ? -15.608 -1.504  2.257   1.00 63.16  ? 187 LEU A CB  1 
ATOM   568  C  CG  . LEU A 1 75 ? -14.916 -1.439  0.891   1.00 60.89  ? 187 LEU A CG  1 
ATOM   569  C  CD1 . LEU A 1 75 ? -14.519 -0.010  0.559   1.00 57.99  ? 187 LEU A CD1 1 
ATOM   570  C  CD2 . LEU A 1 75 ? -13.695 -2.361  0.830   1.00 60.25  ? 187 LEU A CD2 1 
ATOM   571  N  N   . HIS A 1 76 ? -15.320 -2.849  5.096   1.00 67.80  ? 188 HIS A N   1 
ATOM   572  C  CA  . HIS A 1 76 ? -15.490 -2.696  6.532   1.00 69.57  ? 188 HIS A CA  1 
ATOM   573  C  C   . HIS A 1 76 ? -14.661 -1.514  6.999   1.00 67.76  ? 188 HIS A C   1 
ATOM   574  O  O   . HIS A 1 76 ? -13.450 -1.618  7.184   1.00 67.16  ? 188 HIS A O   1 
ATOM   575  C  CB  . HIS A 1 76 ? -15.124 -3.990  7.256   1.00 72.16  ? 188 HIS A CB  1 
ATOM   576  C  CG  . HIS A 1 76 ? -15.864 -5.183  6.739   1.00 74.31  ? 188 HIS A CG  1 
ATOM   577  N  ND1 . HIS A 1 76 ? -15.369 -5.986  5.733   1.00 73.52  ? 188 HIS A ND1 1 
ATOM   578  C  CD2 . HIS A 1 76 ? -17.081 -5.686  7.056   1.00 77.24  ? 188 HIS A CD2 1 
ATOM   579  C  CE1 . HIS A 1 76 ? -16.239 -6.945  5.469   1.00 76.38  ? 188 HIS A CE1 1 
ATOM   580  N  NE2 . HIS A 1 76 ? -17.287 -6.785  6.258   1.00 78.75  ? 188 HIS A NE2 1 
ATOM   581  N  N   . CYS A 1 77 ? -15.336 -0.381  7.167   1.00 67.30  ? 189 CYS A N   1 
ATOM   582  C  CA  . CYS A 1 77 ? -14.686 0.902   7.410   1.00 65.71  ? 189 CYS A CA  1 
ATOM   583  C  C   . CYS A 1 77 ? -13.816 0.894   8.663   1.00 67.47  ? 189 CYS A C   1 
ATOM   584  O  O   . CYS A 1 77 ? -14.265 0.478   9.730   1.00 70.50  ? 189 CYS A O   1 
ATOM   585  C  CB  . CYS A 1 77 ? -15.733 2.019   7.487   1.00 65.56  ? 189 CYS A CB  1 
ATOM   586  S  SG  . CYS A 1 77 ? -15.041 3.640   7.846   1.00 62.42  ? 189 CYS A SG  1 
ATOM   587  N  N   . LYS A 1 78 ? -12.576 1.357   8.516   1.00 66.24  ? 190 LYS A N   1 
ATOM   588  C  CA  . LYS A 1 78 ? -11.614 1.393   9.621   1.00 68.23  ? 190 LYS A CA  1 
ATOM   589  C  C   . LYS A 1 78 ? -12.081 2.284   10.768  1.00 70.15  ? 190 LYS A C   1 
ATOM   590  O  O   . LYS A 1 78 ? -11.873 1.956   11.937  1.00 72.64  ? 190 LYS A O   1 
ATOM   591  C  CB  . LYS A 1 78 ? -10.235 1.845   9.134   1.00 66.46  ? 190 LYS A CB  1 
ATOM   592  C  CG  . LYS A 1 78 ? -9.165  1.839   10.228  1.00 69.36  ? 190 LYS A CG  1 
ATOM   593  C  CD  . LYS A 1 78 ? -7.768  1.745   9.654   1.00 68.70  ? 190 LYS A CD  1 
ATOM   594  C  CE  . LYS A 1 78 ? -6.752  2.410   10.570  1.00 71.06  ? 190 LYS A CE  1 
ATOM   595  N  NZ  . LYS A 1 78 ? -6.815  3.896   10.443  1.00 70.46  ? 190 LYS A NZ  1 
ATOM   596  N  N   . ALA A 1 79 ? -12.711 3.409   10.425  1.00 69.02  ? 191 ALA A N   1 
ATOM   597  C  CA  . ALA A 1 79 ? -13.227 4.350   11.418  1.00 71.18  ? 191 ALA A CA  1 
ATOM   598  C  C   . ALA A 1 79 ? -14.294 3.733   12.333  1.00 74.57  ? 191 ALA A C   1 
ATOM   599  O  O   . ALA A 1 79 ? -14.524 4.227   13.440  1.00 76.92  ? 191 ALA A O   1 
ATOM   600  C  CB  . ALA A 1 79 ? -13.767 5.606   10.732  1.00 69.05  ? 191 ALA A CB  1 
ATOM   601  N  N   . GLU A 1 80 ? -14.937 2.663   11.866  1.00 75.40  ? 192 GLU A N   1 
ATOM   602  C  CA  . GLU A 1 80 ? -15.941 1.946   12.657  1.00 79.28  ? 192 GLU A CA  1 
ATOM   603  C  C   . GLU A 1 80 ? -15.317 1.166   13.814  1.00 82.82  ? 192 GLU A C   1 
ATOM   604  O  O   . GLU A 1 80 ? -15.946 0.997   14.859  1.00 86.21  ? 192 GLU A O   1 
ATOM   605  C  CB  . GLU A 1 80 ? -16.770 1.000   11.777  1.00 79.05  ? 192 GLU A CB  1 
ATOM   606  C  CG  . GLU A 1 80 ? -17.674 1.687   10.746  1.00 77.57  ? 192 GLU A CG  1 
ATOM   607  C  CD  . GLU A 1 80 ? -18.881 2.389   11.356  1.00 79.70  ? 192 GLU A CD  1 
ATOM   608  O  OE1 . GLU A 1 80 ? -19.230 2.101   12.520  1.00 82.92  ? 192 GLU A OE1 1 
ATOM   609  O  OE2 . GLU A 1 80 ? -19.487 3.232   10.661  1.00 78.73  ? 192 GLU A OE2 1 
ATOM   610  N  N   . GLU A 1 81 ? -14.082 0.697   13.618  1.00 82.52  ? 193 GLU A N   1 
ATOM   611  C  CA  . GLU A 1 81 ? -13.363 -0.074  14.636  1.00 86.15  ? 193 GLU A CA  1 
ATOM   612  C  C   . GLU A 1 81 ? -13.076 0.743   15.892  1.00 88.72  ? 193 GLU A C   1 
ATOM   613  O  O   . GLU A 1 81 ? -12.798 1.944   15.816  1.00 87.05  ? 193 GLU A O   1 
ATOM   614  C  CB  . GLU A 1 81 ? -12.049 -0.627  14.076  1.00 84.83  ? 193 GLU A CB  1 
ATOM   615  C  CG  . GLU A 1 81 ? -12.213 -1.698  13.006  1.00 84.24  ? 193 GLU A CG  1 
ATOM   616  C  CD  . GLU A 1 81 ? -10.886 -2.205  12.463  1.00 84.41  ? 193 GLU A CD  1 
ATOM   617  O  OE1 . GLU A 1 81 ? -10.910 -3.101  11.591  1.00 84.06  ? 193 GLU A OE1 1 
ATOM   618  O  OE2 . GLU A 1 81 ? -9.818  -1.719  12.901  1.00 84.98  ? 193 GLU A OE2 1 
ATOM   619  N  N   . GLN A 1 82 ? -13.142 0.072   17.041  1.00 93.26  ? 194 GLN A N   1 
ATOM   620  C  CA  . GLN A 1 82 ? -12.879 0.699   18.336  1.00 96.66  ? 194 GLN A CA  1 
ATOM   621  C  C   . GLN A 1 82 ? -11.402 0.616   18.719  1.00 97.61  ? 194 GLN A C   1 
ATOM   622  O  O   . GLN A 1 82 ? -10.754 1.645   18.916  1.00 97.15  ? 194 GLN A O   1 
ATOM   623  C  CB  . GLN A 1 82 ? -13.776 0.108   19.441  1.00 101.31 ? 194 GLN A CB  1 
ATOM   624  C  CG  . GLN A 1 82 ? -13.803 -1.425  19.530  1.00 103.69 ? 194 GLN A CG  1 
ATOM   625  C  CD  . GLN A 1 82 ? -14.710 -1.942  20.645  1.00 109.10 ? 194 GLN A CD  1 
ATOM   626  O  OE1 . GLN A 1 82 ? -14.415 -2.958  21.279  1.00 112.14 ? 194 GLN A OE1 1 
ATOM   627  N  NE2 . GLN A 1 82 ? -15.819 -1.244  20.885  1.00 109.90 ? 194 GLN A NE2 1 
ATOM   628  O  OXT . GLN A 1 82 ? -10.816 -0.464  18.830  1.00 99.20  ? 194 GLN A OXT 1 
ATOM   629  N  N   . VAL B 1 3  ? 14.108  -13.493 14.498  1.00 83.58  ? 115 VAL B N   1 
ATOM   630  C  CA  . VAL B 1 3  ? 14.840  -14.323 13.492  1.00 81.64  ? 115 VAL B CA  1 
ATOM   631  C  C   . VAL B 1 3  ? 14.781  -13.665 12.113  1.00 76.67  ? 115 VAL B C   1 
ATOM   632  O  O   . VAL B 1 3  ? 15.594  -13.956 11.232  1.00 74.92  ? 115 VAL B O   1 
ATOM   633  C  CB  . VAL B 1 3  ? 14.293  -15.787 13.441  1.00 84.08  ? 115 VAL B CB  1 
ATOM   634  C  CG1 . VAL B 1 3  ? 12.809  -15.818 13.045  1.00 83.38  ? 115 VAL B CG1 1 
ATOM   635  C  CG2 . VAL B 1 3  ? 15.135  -16.668 12.511  1.00 83.14  ? 115 VAL B CG2 1 
ATOM   636  N  N   . HIS B 1 4  ? 13.815  -12.765 11.948  1.00 74.67  ? 116 HIS B N   1 
ATOM   637  C  CA  . HIS B 1 4  ? 13.591  -12.077 10.683  1.00 70.28  ? 116 HIS B CA  1 
ATOM   638  C  C   . HIS B 1 4  ? 14.361  -10.755 10.613  1.00 68.42  ? 116 HIS B C   1 
ATOM   639  O  O   . HIS B 1 4  ? 14.384  -10.093 9.574   1.00 65.70  ? 116 HIS B O   1 
ATOM   640  C  CB  . HIS B 1 4  ? 12.086  -11.899 10.442  1.00 69.58  ? 116 HIS B CB  1 
ATOM   641  C  CG  . HIS B 1 4  ? 11.304  -13.170 10.595  1.00 71.69  ? 116 HIS B CG  1 
ATOM   642  N  ND1 . HIS B 1 4  ? 10.247  -13.293 11.476  1.00 75.04  ? 116 HIS B ND1 1 
ATOM   643  C  CD2 . HIS B 1 4  ? 11.458  -14.390 10.006  1.00 72.43  ? 116 HIS B CD2 1 
ATOM   644  C  CE1 . HIS B 1 4  ? 9.768   -14.526 11.408  1.00 76.86  ? 116 HIS B CE1 1 
ATOM   645  N  NE2 . HIS B 1 4  ? 10.490  -15.213 10.528  1.00 75.70  ? 116 HIS B NE2 1 
ATOM   646  N  N   . LYS B 1 5  ? 14.991  -10.392 11.729  1.00 70.39  ? 117 LYS B N   1 
ATOM   647  C  CA  . LYS B 1 5  ? 15.934  -9.279  11.791  1.00 69.36  ? 117 LYS B CA  1 
ATOM   648  C  C   . LYS B 1 5  ? 17.242  -9.731  11.147  1.00 67.69  ? 117 LYS B C   1 
ATOM   649  O  O   . LYS B 1 5  ? 17.631  -10.892 11.272  1.00 68.79  ? 117 LYS B O   1 
ATOM   650  C  CB  . LYS B 1 5  ? 16.166  -8.864  13.250  1.00 73.66  ? 117 LYS B CB  1 
ATOM   651  C  CG  . LYS B 1 5  ? 17.201  -7.756  13.459  1.00 74.78  ? 117 LYS B CG  1 
ATOM   652  C  CD  . LYS B 1 5  ? 17.604  -7.632  14.928  1.00 80.48  ? 117 LYS B CD  1 
ATOM   653  C  CE  . LYS B 1 5  ? 16.658  -6.723  15.693  1.00 83.44  ? 117 LYS B CE  1 
ATOM   654  N  NZ  . LYS B 1 5  ? 17.023  -6.606  17.131  1.00 89.63  ? 117 LYS B NZ  1 
ATOM   655  N  N   . HIS B 1 6  ? 17.915  -8.810  10.465  1.00 64.89  ? 118 HIS B N   1 
ATOM   656  C  CA  . HIS B 1 6  ? 19.096  -9.144  9.682   1.00 63.10  ? 118 HIS B CA  1 
ATOM   657  C  C   . HIS B 1 6  ? 20.159  -8.038  9.761   1.00 63.10  ? 118 HIS B C   1 
ATOM   658  O  O   . HIS B 1 6  ? 20.768  -7.673  8.748   1.00 61.18  ? 118 HIS B O   1 
ATOM   659  C  CB  . HIS B 1 6  ? 18.684  -9.409  8.230   1.00 59.92  ? 118 HIS B CB  1 
ATOM   660  C  CG  . HIS B 1 6  ? 17.981  -8.255  7.588   1.00 57.35  ? 118 HIS B CG  1 
ATOM   661  N  ND1 . HIS B 1 6  ? 18.653  -7.249  6.926   1.00 56.53  ? 118 HIS B ND1 1 
ATOM   662  C  CD2 . HIS B 1 6  ? 16.668  -7.932  7.530   1.00 56.01  ? 118 HIS B CD2 1 
ATOM   663  C  CE1 . HIS B 1 6  ? 17.782  -6.361  6.479   1.00 52.80  ? 118 HIS B CE1 1 
ATOM   664  N  NE2 . HIS B 1 6  ? 16.573  -6.755  6.830   1.00 53.73  ? 118 HIS B NE2 1 
ATOM   665  N  N   . THR B 1 7  ? 20.379  -7.520  10.969  1.00 65.33  ? 119 THR B N   1 
ATOM   666  C  CA  . THR B 1 7  ? 21.322  -6.421  11.207  1.00 66.18  ? 119 THR B CA  1 
ATOM   667  C  C   . THR B 1 7  ? 22.687  -6.675  10.556  1.00 65.35  ? 119 THR B C   1 
ATOM   668  O  O   . THR B 1 7  ? 23.258  -7.755  10.701  1.00 65.95  ? 119 THR B O   1 
ATOM   669  C  CB  . THR B 1 7  ? 21.516  -6.164  12.725  1.00 70.60  ? 119 THR B CB  1 
ATOM   670  O  OG1 . THR B 1 7  ? 20.243  -6.146  13.380  1.00 71.22  ? 119 THR B OG1 1 
ATOM   671  C  CG2 . THR B 1 7  ? 22.230  -4.834  12.973  1.00 72.49  ? 119 THR B CG2 1 
ATOM   672  N  N   . GLY B 1 8  ? 23.184  -5.683  9.822   1.00 63.93  ? 120 GLY B N   1 
ATOM   673  C  CA  . GLY B 1 8  ? 24.526  -5.747  9.235   1.00 63.66  ? 120 GLY B CA  1 
ATOM   674  C  C   . GLY B 1 8  ? 24.597  -6.439  7.886   1.00 60.41  ? 120 GLY B C   1 
ATOM   675  O  O   . GLY B 1 8  ? 25.676  -6.573  7.313   1.00 60.85  ? 120 GLY B O   1 
ATOM   676  N  N   . ARG B 1 9  ? 23.449  -6.881  7.380   1.00 57.65  ? 121 ARG B N   1 
ATOM   677  C  CA  . ARG B 1 9  ? 23.383  -7.576  6.095   1.00 54.99  ? 121 ARG B CA  1 
ATOM   678  C  C   . ARG B 1 9  ? 22.048  -7.329  5.407   1.00 52.42  ? 121 ARG B C   1 
ATOM   679  O  O   . ARG B 1 9  ? 21.214  -6.573  5.908   1.00 52.30  ? 121 ARG B O   1 
ATOM   680  C  CB  . ARG B 1 9  ? 23.650  -9.086  6.257   1.00 55.86  ? 121 ARG B CB  1 
ATOM   681  C  CG  . ARG B 1 9  ? 22.834  -9.788  7.338   1.00 56.92  ? 121 ARG B CG  1 
ATOM   682  C  CD  . ARG B 1 9  ? 22.709  -11.286 7.075   1.00 56.56  ? 121 ARG B CD  1 
ATOM   683  N  NE  . ARG B 1 9  ? 21.765  -11.568 5.992   1.00 54.76  ? 121 ARG B NE  1 
ATOM   684  C  CZ  . ARG B 1 9  ? 21.148  -12.734 5.810   1.00 55.41  ? 121 ARG B CZ  1 
ATOM   685  N  NH1 . ARG B 1 9  ? 21.371  -13.747 6.634   1.00 58.65  ? 121 ARG B NH1 1 
ATOM   686  N  NH2 . ARG B 1 9  ? 20.299  -12.891 4.801   1.00 53.30  ? 121 ARG B NH2 1 
ATOM   687  N  N   . ASN B 1 10 ? 21.859  -7.950  4.247   1.00 50.70  ? 122 ASN B N   1 
ATOM   688  C  CA  . ASN B 1 10 ? 20.590  -7.873  3.536   1.00 48.57  ? 122 ASN B CA  1 
ATOM   689  C  C   . ASN B 1 10 ? 19.593  -8.865  4.107   1.00 48.62  ? 122 ASN B C   1 
ATOM   690  O  O   . ASN B 1 10 ? 19.973  -9.792  4.832   1.00 50.01  ? 122 ASN B O   1 
ATOM   691  C  CB  . ASN B 1 10 ? 20.791  -8.176  2.055   1.00 48.07  ? 122 ASN B CB  1 
ATOM   692  C  CG  . ASN B 1 10 ? 21.194  -9.617  1.810   1.00 48.85  ? 122 ASN B CG  1 
ATOM   693  O  OD1 . ASN B 1 10 ? 22.163  -10.108 2.385   1.00 49.20  ? 122 ASN B OD1 1 
ATOM   694  N  ND2 . ASN B 1 10 ? 20.447  -10.302 0.952   1.00 48.86  ? 122 ASN B ND2 1 
ATOM   695  N  N   . CYS B 1 11 ? 18.320  -8.673  3.764   1.00 46.87  ? 123 CYS B N   1 
ATOM   696  C  CA  . CYS B 1 11 ? 17.273  -9.625  4.121   1.00 46.94  ? 123 CYS B CA  1 
ATOM   697  C  C   . CYS B 1 11 ? 17.372  -10.858 3.234   1.00 47.52  ? 123 CYS B C   1 
ATOM   698  O  O   . CYS B 1 11 ? 17.669  -11.950 3.716   1.00 49.63  ? 123 CYS B O   1 
ATOM   699  C  CB  . CYS B 1 11 ? 15.887  -8.988  3.962   1.00 45.11  ? 123 CYS B CB  1 
ATOM   700  S  SG  . CYS B 1 11 ? 14.561  -10.146 4.346   1.00 44.58  ? 123 CYS B SG  1 
ATOM   701  N  N   . GLY B 1 12 ? 17.126  -10.671 1.938   1.00 46.69  ? 124 GLY B N   1 
ATOM   702  C  CA  . GLY B 1 12 ? 17.252  -11.742 0.948   1.00 48.09  ? 124 GLY B CA  1 
ATOM   703  C  C   . GLY B 1 12 ? 16.213  -12.850 1.031   1.00 49.51  ? 124 GLY B C   1 
ATOM   704  O  O   . GLY B 1 12 ? 16.425  -13.934 0.484   1.00 51.02  ? 124 GLY B O   1 
ATOM   705  N  N   . ARG B 1 13 ? 15.102  -12.584 1.717   1.00 49.32  ? 125 ARG B N   1 
ATOM   706  C  CA  . ARG B 1 13 ? 13.999  -13.547 1.839   1.00 51.15  ? 125 ARG B CA  1 
ATOM   707  C  C   . ARG B 1 13 ? 13.443  -13.894 0.460   1.00 51.36  ? 125 ARG B C   1 
ATOM   708  O  O   . ARG B 1 13 ? 13.041  -13.005 -0.288  1.00 49.98  ? 125 ARG B O   1 
ATOM   709  C  CB  . ARG B 1 13 ? 12.876  -12.969 2.719   1.00 50.62  ? 125 ARG B CB  1 
ATOM   710  C  CG  . ARG B 1 13 ? 11.730  -13.936 3.033   1.00 53.40  ? 125 ARG B CG  1 
ATOM   711  C  CD  . ARG B 1 13 ? 10.558  -13.190 3.672   1.00 55.13  ? 125 ARG B CD  1 
ATOM   712  N  NE  . ARG B 1 13 ? 9.432   -14.001 4.167   1.00 59.73  ? 125 ARG B NE  1 
ATOM   713  C  CZ  . ARG B 1 13 ? 9.213   -15.299 3.948   1.00 63.02  ? 125 ARG B CZ  1 
ATOM   714  N  NH1 . ARG B 1 13 ? 10.027  -16.033 3.205   1.00 65.44  ? 125 ARG B NH1 1 
ATOM   715  N  NH2 . ARG B 1 13 ? 8.141   -15.870 4.469   1.00 66.20  ? 125 ARG B NH2 1 
ATOM   716  N  N   . LYS B 1 14 ? 13.427  -15.180 0.125   1.00 53.96  ? 126 LYS B N   1 
ATOM   717  C  CA  . LYS B 1 14 ? 12.826  -15.620 -1.127  1.00 55.47  ? 126 LYS B CA  1 
ATOM   718  C  C   . LYS B 1 14 ? 11.323  -15.753 -0.926  1.00 56.28  ? 126 LYS B C   1 
ATOM   719  O  O   . LYS B 1 14 ? 10.869  -16.456 -0.022  1.00 57.86  ? 126 LYS B O   1 
ATOM   720  C  CB  . LYS B 1 14 ? 13.436  -16.937 -1.619  1.00 58.44  ? 126 LYS B CB  1 
ATOM   721  C  CG  . LYS B 1 14 ? 12.981  -17.334 -3.020  1.00 60.97  ? 126 LYS B CG  1 
ATOM   722  C  CD  . LYS B 1 14 ? 13.376  -18.764 -3.367  1.00 65.67  ? 126 LYS B CD  1 
ATOM   723  C  CE  . LYS B 1 14 ? 12.553  -19.299 -4.542  1.00 69.18  ? 126 LYS B CE  1 
ATOM   724  N  NZ  . LYS B 1 14 ? 12.960  -18.726 -5.857  1.00 69.16  ? 126 LYS B NZ  1 
ATOM   725  N  N   . PHE B 1 15 ? 10.556  -15.059 -1.760  1.00 55.31  ? 127 PHE B N   1 
ATOM   726  C  CA  . PHE B 1 15 ? 9.103   -15.073 -1.642  1.00 56.24  ? 127 PHE B CA  1 
ATOM   727  C  C   . PHE B 1 15 ? 8.513   -16.423 -2.041  1.00 60.15  ? 127 PHE B C   1 
ATOM   728  O  O   . PHE B 1 15 ? 9.018   -17.096 -2.944  1.00 61.84  ? 127 PHE B O   1 
ATOM   729  C  CB  . PHE B 1 15 ? 8.481   -13.950 -2.475  1.00 54.29  ? 127 PHE B CB  1 
ATOM   730  C  CG  . PHE B 1 15 ? 8.911   -12.567 -2.056  1.00 51.09  ? 127 PHE B CG  1 
ATOM   731  C  CD1 . PHE B 1 15 ? 8.329   -11.944 -0.952  1.00 50.27  ? 127 PHE B CD1 1 
ATOM   732  C  CD2 . PHE B 1 15 ? 9.891   -11.880 -2.773  1.00 49.67  ? 127 PHE B CD2 1 
ATOM   733  C  CE1 . PHE B 1 15 ? 8.720   -10.659 -0.562  1.00 48.03  ? 127 PHE B CE1 1 
ATOM   734  C  CE2 . PHE B 1 15 ? 10.288  -10.594 -2.394  1.00 47.04  ? 127 PHE B CE2 1 
ATOM   735  C  CZ  . PHE B 1 15 ? 9.702   -9.984  -1.288  1.00 46.30  ? 127 PHE B CZ  1 
ATOM   736  N  N   . LYS B 1 16 ? 7.449   -16.808 -1.342  1.00 62.18  ? 128 LYS B N   1 
ATOM   737  C  CA  . LYS B 1 16 ? 6.683   -18.007 -1.657  1.00 66.42  ? 128 LYS B CA  1 
ATOM   738  C  C   . LYS B 1 16 ? 5.499   -17.628 -2.537  1.00 66.90  ? 128 LYS B C   1 
ATOM   739  O  O   . LYS B 1 16 ? 5.078   -16.469 -2.555  1.00 64.34  ? 128 LYS B O   1 
ATOM   740  C  CB  . LYS B 1 16 ? 6.189   -18.680 -0.371  1.00 68.45  ? 128 LYS B CB  1 
ATOM   741  C  CG  . LYS B 1 16 ? 7.290   -19.344 0.443   1.00 69.71  ? 128 LYS B CG  1 
ATOM   742  C  CD  . LYS B 1 16 ? 6.822   -19.678 1.859   1.00 71.57  ? 128 LYS B CD  1 
ATOM   743  C  CE  . LYS B 1 16 ? 7.923   -20.381 2.650   1.00 74.55  ? 128 LYS B CE  1 
ATOM   744  N  NZ  . LYS B 1 16 ? 9.144   -19.530 2.840   1.00 70.85  ? 128 LYS B NZ  1 
ATOM   745  N  N   . ILE B 1 17 ? 4.975   -18.607 -3.271  1.00 70.80  ? 129 ILE B N   1 
ATOM   746  C  CA  . ILE B 1 17 ? 3.806   -18.407 -4.134  1.00 72.10  ? 129 ILE B CA  1 
ATOM   747  C  C   . ILE B 1 17 ? 2.579   -18.019 -3.308  1.00 71.50  ? 129 ILE B C   1 
ATOM   748  O  O   . ILE B 1 17 ? 2.097   -18.802 -2.493  1.00 73.92  ? 129 ILE B O   1 
ATOM   749  C  CB  . ILE B 1 17 ? 3.509   -19.650 -5.037  1.00 77.26  ? 129 ILE B CB  1 
ATOM   750  C  CG1 . ILE B 1 17 ? 3.597   -20.976 -4.249  1.00 80.90  ? 129 ILE B CG1 1 
ATOM   751  C  CG2 . ILE B 1 17 ? 4.435   -19.663 -6.261  1.00 78.25  ? 129 ILE B CG2 1 
ATOM   752  C  CD1 . ILE B 1 17 ? 5.020   -21.556 -4.046  1.00 81.58  ? 129 ILE B CD1 1 
ATOM   753  N  N   . GLY B 1 18 ? 2.103   -16.792 -3.505  1.00 68.60  ? 130 GLY B N   1 
ATOM   754  C  CA  . GLY B 1 18 ? 0.983   -16.259 -2.732  1.00 67.97  ? 130 GLY B CA  1 
ATOM   755  C  C   . GLY B 1 18 ? 1.364   -15.196 -1.713  1.00 64.47  ? 130 GLY B C   1 
ATOM   756  O  O   . GLY B 1 18 ? 0.493   -14.529 -1.152  1.00 63.69  ? 130 GLY B O   1 
ATOM   757  N  N   . GLU B 1 19 ? 2.665   -15.031 -1.482  1.00 62.73  ? 131 GLU B N   1 
ATOM   758  C  CA  . GLU B 1 19 ? 3.169   -14.078 -0.491  1.00 60.12  ? 131 GLU B CA  1 
ATOM   759  C  C   . GLU B 1 19 ? 3.095   -12.637 -1.001  1.00 57.50  ? 131 GLU B C   1 
ATOM   760  O  O   . GLU B 1 19 ? 3.378   -12.376 -2.175  1.00 56.90  ? 131 GLU B O   1 
ATOM   761  C  CB  . GLU B 1 19 ? 4.604   -14.436 -0.093  1.00 59.86  ? 131 GLU B CB  1 
ATOM   762  C  CG  . GLU B 1 19 ? 5.080   -13.826 1.222   1.00 58.72  ? 131 GLU B CG  1 
ATOM   763  C  CD  . GLU B 1 19 ? 6.479   -14.263 1.604   1.00 59.46  ? 131 GLU B CD  1 
ATOM   764  O  OE1 . GLU B 1 19 ? 7.171   -13.485 2.292   1.00 58.60  ? 131 GLU B OE1 1 
ATOM   765  O  OE2 . GLU B 1 19 ? 6.892   -15.379 1.222   1.00 61.66  ? 131 GLU B OE2 1 
ATOM   766  N  N   . PRO B 1 20 ? 2.694   -11.693 -0.124  1.00 56.33  ? 132 PRO B N   1 
ATOM   767  C  CA  . PRO B 1 20 ? 2.691   -10.300 -0.546  1.00 54.17  ? 132 PRO B CA  1 
ATOM   768  C  C   . PRO B 1 20 ? 4.064   -9.648  -0.402  1.00 52.17  ? 132 PRO B C   1 
ATOM   769  O  O   . PRO B 1 20 ? 4.915   -10.139 0.335   1.00 52.68  ? 132 PRO B O   1 
ATOM   770  C  CB  . PRO B 1 20 ? 1.668   -9.647  0.391   1.00 54.31  ? 132 PRO B CB  1 
ATOM   771  C  CG  . PRO B 1 20 ? 1.714   -10.463 1.622   1.00 56.44  ? 132 PRO B CG  1 
ATOM   772  C  CD  . PRO B 1 20 ? 2.161   -11.858 1.243   1.00 57.56  ? 132 PRO B CD  1 
ATOM   773  N  N   . LEU B 1 21 ? 4.265   -8.558  -1.129  1.00 50.67  ? 133 LEU B N   1 
ATOM   774  C  CA  . LEU B 1 21 ? 5.513   -7.803  -1.115  1.00 48.97  ? 133 LEU B CA  1 
ATOM   775  C  C   . LEU B 1 21 ? 5.189   -6.337  -1.382  1.00 47.88  ? 133 LEU B C   1 
ATOM   776  O  O   . LEU B 1 21 ? 4.059   -6.009  -1.753  1.00 48.16  ? 133 LEU B O   1 
ATOM   777  C  CB  . LEU B 1 21 ? 6.472   -8.325  -2.181  1.00 49.33  ? 133 LEU B CB  1 
ATOM   778  C  CG  . LEU B 1 21 ? 5.902   -8.484  -3.591  1.00 50.69  ? 133 LEU B CG  1 
ATOM   779  C  CD1 . LEU B 1 21 ? 6.835   -7.853  -4.591  1.00 51.64  ? 133 LEU B CD1 1 
ATOM   780  C  CD2 . LEU B 1 21 ? 5.649   -9.952  -3.924  1.00 53.46  ? 133 LEU B CD2 1 
ATOM   781  N  N   . TYR B 1 22 ? 6.180   -5.468  -1.203  1.00 46.48  ? 134 TYR B N   1 
ATOM   782  C  CA  . TYR B 1 22 ? 5.973   -4.033  -1.315  1.00 45.58  ? 134 TYR B CA  1 
ATOM   783  C  C   . TYR B 1 22 ? 6.954   -3.383  -2.287  1.00 44.93  ? 134 TYR B C   1 
ATOM   784  O  O   . TYR B 1 22 ? 8.154   -3.685  -2.288  1.00 44.67  ? 134 TYR B O   1 
ATOM   785  C  CB  . TYR B 1 22 ? 6.087   -3.364  0.061   1.00 45.99  ? 134 TYR B CB  1 
ATOM   786  C  CG  . TYR B 1 22 ? 5.041   -3.774  1.097   1.00 47.38  ? 134 TYR B CG  1 
ATOM   787  C  CD1 . TYR B 1 22 ? 3.924   -2.977  1.343   1.00 49.36  ? 134 TYR B CD1 1 
ATOM   788  C  CD2 . TYR B 1 22 ? 5.191   -4.939  1.849   1.00 49.39  ? 134 TYR B CD2 1 
ATOM   789  C  CE1 . TYR B 1 22 ? 2.967   -3.341  2.307   1.00 51.04  ? 134 TYR B CE1 1 
ATOM   790  C  CE2 . TYR B 1 22 ? 4.244   -5.312  2.811   1.00 50.70  ? 134 TYR B CE2 1 
ATOM   791  C  CZ  . TYR B 1 22 ? 3.138   -4.512  3.033   1.00 52.45  ? 134 TYR B CZ  1 
ATOM   792  O  OH  . TYR B 1 22 ? 2.207   -4.886  3.987   1.00 55.17  ? 134 TYR B OH  1 
ATOM   793  N  N   . ARG B 1 23 ? 6.423   -2.495  -3.118  1.00 44.73  ? 135 ARG B N   1 
ATOM   794  C  CA  . ARG B 1 23 ? 7.233   -1.651  -3.982  1.00 44.84  ? 135 ARG B CA  1 
ATOM   795  C  C   . ARG B 1 23 ? 6.955   -0.197  -3.636  1.00 44.64  ? 135 ARG B C   1 
ATOM   796  O  O   . ARG B 1 23 ? 5.797   0.193   -3.523  1.00 44.63  ? 135 ARG B O   1 
ATOM   797  C  CB  . ARG B 1 23 ? 6.902   -1.921  -5.449  1.00 46.05  ? 135 ARG B CB  1 
ATOM   798  C  CG  . ARG B 1 23 ? 7.292   -3.318  -5.918  1.00 48.16  ? 135 ARG B CG  1 
ATOM   799  C  CD  . ARG B 1 23 ? 7.289   -3.404  -7.435  1.00 51.78  ? 135 ARG B CD  1 
ATOM   800  N  NE  . ARG B 1 23 ? 7.695   -4.737  -7.880  1.00 54.17  ? 135 ARG B NE  1 
ATOM   801  C  CZ  . ARG B 1 23 ? 6.844   -5.704  -8.204  1.00 55.16  ? 135 ARG B CZ  1 
ATOM   802  N  NH1 . ARG B 1 23 ? 5.536   -5.482  -8.150  1.00 54.75  ? 135 ARG B NH1 1 
ATOM   803  N  NH2 . ARG B 1 23 ? 7.301   -6.888  -8.595  1.00 55.26  ? 135 ARG B NH2 1 
ATOM   804  N  N   . CYS B 1 24 ? 8.009   0.594   -3.448  1.00 44.60  ? 136 CYS B N   1 
ATOM   805  C  CA  . CYS B 1 24 ? 7.870   2.044   -3.254  1.00 45.05  ? 136 CYS B CA  1 
ATOM   806  C  C   . CYS B 1 24 ? 8.471   2.759   -4.454  1.00 46.99  ? 136 CYS B C   1 
ATOM   807  O  O   . CYS B 1 24 ? 9.654   2.576   -4.763  1.00 47.19  ? 136 CYS B O   1 
ATOM   808  C  CB  . CYS B 1 24 ? 8.546   2.514   -1.959  1.00 45.12  ? 136 CYS B CB  1 
ATOM   809  S  SG  . CYS B 1 24 ? 8.564   4.332   -1.696  1.00 43.50  ? 136 CYS B SG  1 
ATOM   810  N  N   . HIS B 1 25 ? 7.657   3.574   -5.122  1.00 48.52  ? 137 HIS B N   1 
ATOM   811  C  CA  . HIS B 1 25 ? 8.095   4.263   -6.334  1.00 50.90  ? 137 HIS B CA  1 
ATOM   812  C  C   . HIS B 1 25 ? 9.215   5.265   -6.067  1.00 52.15  ? 137 HIS B C   1 
ATOM   813  O  O   . HIS B 1 25 ? 10.167  5.332   -6.834  1.00 53.32  ? 137 HIS B O   1 
ATOM   814  C  CB  . HIS B 1 25 ? 6.922   4.927   -7.070  1.00 52.72  ? 137 HIS B CB  1 
ATOM   815  C  CG  . HIS B 1 25 ? 7.352   5.779   -8.225  1.00 56.67  ? 137 HIS B CG  1 
ATOM   816  N  ND1 . HIS B 1 25 ? 7.939   5.256   -9.359  1.00 58.87  ? 137 HIS B ND1 1 
ATOM   817  C  CD2 . HIS B 1 25 ? 7.312   7.121   -8.409  1.00 59.35  ? 137 HIS B CD2 1 
ATOM   818  C  CE1 . HIS B 1 25 ? 8.230   6.235   -10.195 1.00 61.08  ? 137 HIS B CE1 1 
ATOM   819  N  NE2 . HIS B 1 25 ? 7.862   7.377   -9.641  1.00 62.64  ? 137 HIS B NE2 1 
ATOM   820  N  N   . GLU B 1 26 ? 9.099   6.029   -4.979  1.00 52.50  ? 138 GLU B N   1 
ATOM   821  C  CA  . GLU B 1 26 ? 10.133  6.996   -4.584  1.00 54.23  ? 138 GLU B CA  1 
ATOM   822  C  C   . GLU B 1 26 ? 11.438  6.330   -4.116  1.00 53.70  ? 138 GLU B C   1 
ATOM   823  O  O   . GLU B 1 26 ? 12.531  6.790   -4.449  1.00 55.47  ? 138 GLU B O   1 
ATOM   824  C  CB  . GLU B 1 26 ? 9.611   7.932   -3.483  1.00 55.11  ? 138 GLU B CB  1 
ATOM   825  C  CG  . GLU B 1 26 ? 8.565   8.972   -3.939  1.00 56.61  ? 138 GLU B CG  1 
ATOM   826  C  CD  . GLU B 1 26 ? 7.130   8.462   -3.861  1.00 54.29  ? 138 GLU B CD  1 
ATOM   827  O  OE1 . GLU B 1 26 ? 6.922   7.240   -3.694  1.00 50.08  ? 138 GLU B OE1 1 
ATOM   828  O  OE2 . GLU B 1 26 ? 6.201   9.294   -3.970  1.00 56.06  ? 138 GLU B OE2 1 
ATOM   829  N  N   . CYS B 1 27 ? 11.320  5.253   -3.345  1.00 51.67  ? 139 CYS B N   1 
ATOM   830  C  CA  . CYS B 1 27 ? 12.481  4.662   -2.689  1.00 51.47  ? 139 CYS B CA  1 
ATOM   831  C  C   . CYS B 1 27 ? 13.248  3.666   -3.551  1.00 51.12  ? 139 CYS B C   1 
ATOM   832  O  O   . CYS B 1 27 ? 14.482  3.643   -3.517  1.00 51.60  ? 139 CYS B O   1 
ATOM   833  C  CB  . CYS B 1 27 ? 12.090  4.030   -1.349  1.00 50.14  ? 139 CYS B CB  1 
ATOM   834  S  SG  . CYS B 1 27 ? 11.896  5.250   -0.028  1.00 51.60  ? 139 CYS B SG  1 
ATOM   835  N  N   . GLY B 1 28 ? 12.522  2.856   -4.319  1.00 50.56  ? 140 GLY B N   1 
ATOM   836  C  CA  . GLY B 1 28 ? 13.139  1.810   -5.142  1.00 51.17  ? 140 GLY B CA  1 
ATOM   837  C  C   . GLY B 1 28 ? 13.973  2.372   -6.280  1.00 53.84  ? 140 GLY B C   1 
ATOM   838  O  O   . GLY B 1 28 ? 13.576  3.346   -6.925  1.00 55.38  ? 140 GLY B O   1 
ATOM   839  N  N   . CYS B 1 29 ? 15.131  1.764   -6.524  1.00 54.61  ? 141 CYS B N   1 
ATOM   840  C  CA  . CYS B 1 29 ? 15.991  2.185   -7.627  1.00 57.65  ? 141 CYS B CA  1 
ATOM   841  C  C   . CYS B 1 29 ? 15.346  1.927   -8.980  1.00 58.84  ? 141 CYS B C   1 
ATOM   842  O  O   . CYS B 1 29 ? 15.484  2.730   -9.907  1.00 61.50  ? 141 CYS B O   1 
ATOM   843  C  CB  . CYS B 1 29 ? 17.361  1.515   -7.535  1.00 58.19  ? 141 CYS B CB  1 
ATOM   844  S  SG  . CYS B 1 29 ? 18.523  2.488   -6.574  1.00 60.71  ? 141 CYS B SG  1 
ATOM   845  N  N   . ASP B 1 30 ? 14.646  0.801   -9.082  1.00 57.63  ? 142 ASP B N   1 
ATOM   846  C  CA  . ASP B 1 30 ? 13.807  0.500   -10.238 1.00 59.11  ? 142 ASP B CA  1 
ATOM   847  C  C   . ASP B 1 30 ? 12.589  -0.318  -9.803  1.00 57.31  ? 142 ASP B C   1 
ATOM   848  O  O   . ASP B 1 30 ? 12.385  -0.551  -8.607  1.00 55.13  ? 142 ASP B O   1 
ATOM   849  C  CB  . ASP B 1 30 ? 14.614  -0.204  -11.350 1.00 61.40  ? 142 ASP B CB  1 
ATOM   850  C  CG  . ASP B 1 30 ? 15.327  -1.463  -10.864 1.00 60.24  ? 142 ASP B CG  1 
ATOM   851  O  OD1 . ASP B 1 30 ? 14.707  -2.274  -10.142 1.00 58.59  ? 142 ASP B OD1 1 
ATOM   852  O  OD2 . ASP B 1 30 ? 16.510  -1.644  -11.219 1.00 60.98  ? 142 ASP B OD2 1 
ATOM   853  N  N   . ASP B 1 31 ? 11.792  -0.757  -10.773 1.00 58.72  ? 143 ASP B N   1 
ATOM   854  C  CA  . ASP B 1 31 ? 10.548  -1.482  -10.501 1.00 57.60  ? 143 ASP B CA  1 
ATOM   855  C  C   . ASP B 1 31 ? 10.752  -2.920  -9.999  1.00 55.92  ? 143 ASP B C   1 
ATOM   856  O  O   . ASP B 1 31 ? 9.778   -3.627  -9.735  1.00 55.53  ? 143 ASP B O   1 
ATOM   857  C  CB  . ASP B 1 31 ? 9.634   -1.462  -11.739 1.00 60.34  ? 143 ASP B CB  1 
ATOM   858  C  CG  . ASP B 1 31 ? 8.998   -0.096  -11.984 1.00 62.87  ? 143 ASP B CG  1 
ATOM   859  O  OD1 . ASP B 1 31 ? 8.824   0.677   -11.015 1.00 62.99  ? 143 ASP B OD1 1 
ATOM   860  O  OD2 . ASP B 1 31 ? 8.659   0.206   -13.151 1.00 67.27  ? 143 ASP B OD2 1 
ATOM   861  N  N   . THR B 1 32 ? 12.008  -3.349  -9.858  1.00 55.32  ? 144 THR B N   1 
ATOM   862  C  CA  . THR B 1 32 ? 12.306  -4.702  -9.372  1.00 53.95  ? 144 THR B CA  1 
ATOM   863  C  C   . THR B 1 32 ? 12.726  -4.719  -7.900  1.00 51.37  ? 144 THR B C   1 
ATOM   864  O  O   . THR B 1 32 ? 12.959  -5.793  -7.328  1.00 51.18  ? 144 THR B O   1 
ATOM   865  C  CB  . THR B 1 32 ? 13.411  -5.398  -10.201 1.00 56.15  ? 144 THR B CB  1 
ATOM   866  O  OG1 . THR B 1 32 ? 14.690  -4.853  -9.857  1.00 55.26  ? 144 THR B OG1 1 
ATOM   867  C  CG2 . THR B 1 32 ? 13.165  -5.249  -11.702 1.00 58.95  ? 144 THR B CG2 1 
ATOM   868  N  N   . CYS B 1 33 ? 12.839  -3.538  -7.298  1.00 49.49  ? 145 CYS B N   1 
ATOM   869  C  CA  . CYS B 1 33 ? 13.297  -3.413  -5.918  1.00 47.54  ? 145 CYS B CA  1 
ATOM   870  C  C   . CYS B 1 33 ? 12.125  -3.574  -4.954  1.00 45.71  ? 145 CYS B C   1 
ATOM   871  O  O   . CYS B 1 33 ? 11.206  -2.755  -4.939  1.00 45.36  ? 145 CYS B O   1 
ATOM   872  C  CB  . CYS B 1 33 ? 14.010  -2.075  -5.708  1.00 47.95  ? 145 CYS B CB  1 
ATOM   873  S  SG  . CYS B 1 33 ? 15.470  -1.864  -6.757  1.00 50.52  ? 145 CYS B SG  1 
ATOM   874  N  N   . VAL B 1 34 ? 12.175  -4.636  -4.154  1.00 44.59  ? 146 VAL B N   1 
ATOM   875  C  CA  . VAL B 1 34 ? 11.027  -5.079  -3.351  1.00 43.41  ? 146 VAL B CA  1 
ATOM   876  C  C   . VAL B 1 34 ? 11.379  -5.328  -1.876  1.00 42.57  ? 146 VAL B C   1 
ATOM   877  O  O   . VAL B 1 34 ? 12.542  -5.600  -1.544  1.00 42.19  ? 146 VAL B O   1 
ATOM   878  C  CB  . VAL B 1 34 ? 10.389  -6.362  -3.956  1.00 44.17  ? 146 VAL B CB  1 
ATOM   879  C  CG1 . VAL B 1 34 ? 9.887   -6.093  -5.364  1.00 45.11  ? 146 VAL B CG1 1 
ATOM   880  C  CG2 . VAL B 1 34 ? 11.393  -7.525  -3.975  1.00 45.29  ? 146 VAL B CG2 1 
ATOM   881  N  N   . LEU B 1 35 ? 10.362  -5.232  -1.015  1.00 41.93  ? 147 LEU B N   1 
ATOM   882  C  CA  . LEU B 1 35 ? 10.478  -5.475  0.433   1.00 41.96  ? 147 LEU B CA  1 
ATOM   883  C  C   . LEU B 1 35 ? 9.460   -6.502  0.898   1.00 42.45  ? 147 LEU B C   1 
ATOM   884  O  O   . LEU B 1 35 ? 8.324   -6.487  0.445   1.00 42.00  ? 147 LEU B O   1 
ATOM   885  C  CB  . LEU B 1 35 ? 10.228  -4.183  1.223   1.00 41.88  ? 147 LEU B CB  1 
ATOM   886  C  CG  . LEU B 1 35 ? 11.234  -3.040  1.053   1.00 41.42  ? 147 LEU B CG  1 
ATOM   887  C  CD1 . LEU B 1 35 ? 10.641  -1.714  1.537   1.00 40.00  ? 147 LEU B CD1 1 
ATOM   888  C  CD2 . LEU B 1 35 ? 12.542  -3.365  1.768   1.00 40.35  ? 147 LEU B CD2 1 
ATOM   889  N  N   . CYS B 1 36 ? 9.862   -7.396  1.802   1.00 43.54  ? 148 CYS B N   1 
ATOM   890  C  CA  . CYS B 1 36 ? 8.898   -8.338  2.369   1.00 44.81  ? 148 CYS B CA  1 
ATOM   891  C  C   . CYS B 1 36 ? 8.074   -7.698  3.493   1.00 45.30  ? 148 CYS B C   1 
ATOM   892  O  O   . CYS B 1 36 ? 8.341   -6.567  3.904   1.00 44.69  ? 148 CYS B O   1 
ATOM   893  C  CB  . CYS B 1 36 ? 9.593   -9.595  2.869   1.00 45.50  ? 148 CYS B CB  1 
ATOM   894  S  SG  . CYS B 1 36 ? 10.436  -9.355  4.436   1.00 47.72  ? 148 CYS B SG  1 
ATOM   895  N  N   . ILE B 1 37 ? 7.091   -8.436  4.002   1.00 47.28  ? 149 ILE B N   1 
ATOM   896  C  CA  . ILE B 1 37 ? 6.215   -7.926  5.071   1.00 49.36  ? 149 ILE B CA  1 
ATOM   897  C  C   . ILE B 1 37 ? 6.971   -7.680  6.388   1.00 50.65  ? 149 ILE B C   1 
ATOM   898  O  O   . ILE B 1 37 ? 6.646   -6.750  7.129   1.00 51.72  ? 149 ILE B O   1 
ATOM   899  C  CB  . ILE B 1 37 ? 4.957   -8.826  5.308   1.00 51.39  ? 149 ILE B CB  1 
ATOM   900  C  CG1 . ILE B 1 37 ? 5.342   -10.272 5.651   1.00 54.26  ? 149 ILE B CG1 1 
ATOM   901  C  CG2 . ILE B 1 37 ? 4.004   -8.763  4.116   1.00 50.98  ? 149 ILE B CG2 1 
ATOM   902  C  CD1 . ILE B 1 37 ? 6.128   -11.034 4.564   1.00 56.05  ? 149 ILE B CD1 1 
ATOM   903  N  N   . HIS B 1 38 ? 7.981   -8.504  6.661   1.00 50.97  ? 150 HIS B N   1 
ATOM   904  C  CA  . HIS B 1 38 ? 8.826   -8.337  7.847   1.00 52.44  ? 150 HIS B CA  1 
ATOM   905  C  C   . HIS B 1 38 ? 9.643   -7.044  7.805   1.00 51.03  ? 150 HIS B C   1 
ATOM   906  O  O   . HIS B 1 38 ? 9.905   -6.436  8.843   1.00 52.87  ? 150 HIS B O   1 
ATOM   907  C  CB  . HIS B 1 38 ? 9.791   -9.518  8.002   1.00 53.24  ? 150 HIS B CB  1 
ATOM   908  C  CG  . HIS B 1 38 ? 9.119   -10.831 8.259   1.00 55.54  ? 150 HIS B CG  1 
ATOM   909  N  ND1 . HIS B 1 38 ? 8.251   -11.033 9.313   1.00 57.73  ? 150 HIS B ND1 1 
ATOM   910  C  CD2 . HIS B 1 38 ? 9.219   -12.021 7.619   1.00 56.52  ? 150 HIS B CD2 1 
ATOM   911  C  CE1 . HIS B 1 38 ? 7.832   -12.285 9.301   1.00 60.18  ? 150 HIS B CE1 1 
ATOM   912  N  NE2 . HIS B 1 38 ? 8.405   -12.907 8.284   1.00 59.16  ? 150 HIS B NE2 1 
ATOM   913  N  N   . CYS B 1 39 ? 10.025  -6.636  6.599   1.00 48.19  ? 151 CYS B N   1 
ATOM   914  C  CA  . CYS B 1 39 ? 10.954  -5.522  6.392   1.00 47.19  ? 151 CYS B CA  1 
ATOM   915  C  C   . CYS B 1 39 ? 10.235  -4.172  6.185   1.00 47.45  ? 151 CYS B C   1 
ATOM   916  O  O   . CYS B 1 39 ? 10.567  -3.178  6.840   1.00 48.92  ? 151 CYS B O   1 
ATOM   917  C  CB  . CYS B 1 39 ? 11.920  -5.838  5.230   1.00 44.88  ? 151 CYS B CB  1 
ATOM   918  S  SG  . CYS B 1 39 ? 13.150  -7.268  5.479   1.00 41.63  ? 151 CYS B SG  1 
ATOM   919  N  N   . PHE B 1 40 ? 9.254   -4.133  5.288   1.00 46.56  ? 152 PHE B N   1 
ATOM   920  C  CA  . PHE B 1 40 ? 8.537   -2.882  4.996   1.00 47.08  ? 152 PHE B CA  1 
ATOM   921  C  C   . PHE B 1 40 ? 8.131   -2.102  6.253   1.00 49.41  ? 152 PHE B C   1 
ATOM   922  O  O   . PHE B 1 40 ? 7.487   -2.645  7.158   1.00 51.13  ? 152 PHE B O   1 
ATOM   923  C  CB  . PHE B 1 40 ? 7.311   -3.136  4.107   1.00 46.13  ? 152 PHE B CB  1 
ATOM   924  C  CG  . PHE B 1 40 ? 6.562   -1.878  3.729   1.00 46.65  ? 152 PHE B CG  1 
ATOM   925  C  CD1 . PHE B 1 40 ? 6.997   -1.087  2.667   1.00 45.84  ? 152 PHE B CD1 1 
ATOM   926  C  CD2 . PHE B 1 40 ? 5.432   -1.484  4.443   1.00 48.02  ? 152 PHE B CD2 1 
ATOM   927  C  CE1 . PHE B 1 40 ? 6.313   0.075   2.315   1.00 47.27  ? 152 PHE B CE1 1 
ATOM   928  C  CE2 . PHE B 1 40 ? 4.745   -0.317  4.106   1.00 48.76  ? 152 PHE B CE2 1 
ATOM   929  C  CZ  . PHE B 1 40 ? 5.187   0.464   3.036   1.00 47.63  ? 152 PHE B CZ  1 
ATOM   930  N  N   . ASN B 1 41 ? 8.522   -0.831  6.296   1.00 50.23  ? 153 ASN B N   1 
ATOM   931  C  CA  . ASN B 1 41 ? 8.191   0.062   7.406   1.00 53.09  ? 153 ASN B CA  1 
ATOM   932  C  C   . ASN B 1 41 ? 7.440   1.306   6.916   1.00 53.40  ? 153 ASN B C   1 
ATOM   933  O  O   . ASN B 1 41 ? 8.003   2.100   6.151   1.00 52.70  ? 153 ASN B O   1 
ATOM   934  C  CB  . ASN B 1 41 ? 9.467   0.473   8.158   1.00 54.85  ? 153 ASN B CB  1 
ATOM   935  C  CG  . ASN B 1 41 ? 9.180   1.164   9.496   1.00 58.23  ? 153 ASN B CG  1 
ATOM   936  O  OD1 . ASN B 1 41 ? 8.114   1.740   9.707   1.00 58.71  ? 153 ASN B OD1 1 
ATOM   937  N  ND2 . ASN B 1 41 ? 10.150  1.113   10.401  1.00 60.30  ? 153 ASN B ND2 1 
ATOM   938  N  N   . PRO B 1 42 ? 6.175   1.485   7.361   1.00 54.91  ? 154 PRO B N   1 
ATOM   939  C  CA  . PRO B 1 42 ? 5.387   2.658   6.961   1.00 55.72  ? 154 PRO B CA  1 
ATOM   940  C  C   . PRO B 1 42 ? 6.090   3.987   7.252   1.00 58.11  ? 154 PRO B C   1 
ATOM   941  O  O   . PRO B 1 42 ? 6.007   4.904   6.436   1.00 57.95  ? 154 PRO B O   1 
ATOM   942  C  CB  . PRO B 1 42 ? 4.107   2.529   7.799   1.00 57.68  ? 154 PRO B CB  1 
ATOM   943  C  CG  . PRO B 1 42 ? 3.990   1.073   8.078   1.00 56.97  ? 154 PRO B CG  1 
ATOM   944  C  CD  . PRO B 1 42 ? 5.402   0.588   8.245   1.00 56.07  ? 154 PRO B CD  1 
ATOM   945  N  N   . LYS B 1 43 ? 6.789   4.063   8.390   1.00 60.91  ? 155 LYS B N   1 
ATOM   946  C  CA  . LYS B 1 43 ? 7.543   5.256   8.818   1.00 64.01  ? 155 LYS B CA  1 
ATOM   947  C  C   . LYS B 1 43 ? 8.414   5.881   7.724   1.00 62.58  ? 155 LYS B C   1 
ATOM   948  O  O   . LYS B 1 43 ? 8.535   7.106   7.643   1.00 65.04  ? 155 LYS B O   1 
ATOM   949  C  CB  . LYS B 1 43 ? 8.434   4.935   10.031  1.00 66.64  ? 155 LYS B CB  1 
ATOM   950  C  CG  . LYS B 1 43 ? 7.799   5.179   11.397  1.00 71.78  ? 155 LYS B CG  1 
ATOM   951  C  CD  . LYS B 1 43 ? 7.017   3.973   11.887  1.00 72.20  ? 155 LYS B CD  1 
ATOM   952  C  CE  . LYS B 1 43 ? 6.569   4.157   13.323  1.00 77.54  ? 155 LYS B CE  1 
ATOM   953  N  NZ  . LYS B 1 43 ? 5.589   3.108   13.717  1.00 77.78  ? 155 LYS B NZ  1 
ATOM   954  N  N   . ASP B 1 44 ? 9.022   5.039   6.895   1.00 59.38  ? 156 ASP B N   1 
ATOM   955  C  CA  . ASP B 1 44 ? 9.911   5.509   5.831   1.00 58.18  ? 156 ASP B CA  1 
ATOM   956  C  C   . ASP B 1 44 ? 9.201   5.872   4.534   1.00 55.99  ? 156 ASP B C   1 
ATOM   957  O  O   . ASP B 1 44 ? 9.836   6.373   3.605   1.00 55.95  ? 156 ASP B O   1 
ATOM   958  C  CB  . ASP B 1 44 ? 10.997  4.474   5.545   1.00 56.75  ? 156 ASP B CB  1 
ATOM   959  C  CG  . ASP B 1 44 ? 12.174  4.591   6.488   1.00 60.12  ? 156 ASP B CG  1 
ATOM   960  O  OD1 . ASP B 1 44 ? 12.529  5.727   6.885   1.00 64.93  ? 156 ASP B OD1 1 
ATOM   961  O  OD2 . ASP B 1 44 ? 12.747  3.541   6.829   1.00 60.31  ? 156 ASP B OD2 1 
ATOM   962  N  N   . HIS B 1 45 ? 7.893   5.623   4.468   1.00 54.45  ? 157 HIS B N   1 
ATOM   963  C  CA  . HIS B 1 45 ? 7.141   5.850   3.234   1.00 52.44  ? 157 HIS B CA  1 
ATOM   964  C  C   . HIS B 1 45 ? 5.849   6.640   3.466   1.00 54.03  ? 157 HIS B C   1 
ATOM   965  O  O   . HIS B 1 45 ? 4.867   6.468   2.733   1.00 52.47  ? 157 HIS B O   1 
ATOM   966  C  CB  . HIS B 1 45 ? 6.863   4.516   2.535   1.00 49.16  ? 157 HIS B CB  1 
ATOM   967  C  CG  . HIS B 1 45 ? 8.057   3.607   2.479   1.00 47.92  ? 157 HIS B CG  1 
ATOM   968  N  ND1 . HIS B 1 45 ? 9.091   3.794   1.589   1.00 45.89  ? 157 HIS B ND1 1 
ATOM   969  C  CD2 . HIS B 1 45 ? 8.386   2.522   3.218   1.00 46.49  ? 157 HIS B CD2 1 
ATOM   970  C  CE1 . HIS B 1 45 ? 10.004  2.854   1.778   1.00 46.61  ? 157 HIS B CE1 1 
ATOM   971  N  NE2 . HIS B 1 45 ? 9.600   2.071   2.760   1.00 46.24  ? 157 HIS B NE2 1 
ATOM   972  N  N   . VAL B 1 46 ? 5.885   7.527   4.464   1.00 57.21  ? 158 VAL B N   1 
ATOM   973  C  CA  . VAL B 1 46 ? 4.715   8.286   4.942   1.00 59.91  ? 158 VAL B CA  1 
ATOM   974  C  C   . VAL B 1 46 ? 3.780   8.800   3.836   1.00 59.77  ? 158 VAL B C   1 
ATOM   975  O  O   . VAL B 1 46 ? 2.561   8.582   3.885   1.00 60.15  ? 158 VAL B O   1 
ATOM   976  C  CB  . VAL B 1 46 ? 5.134   9.474   5.872   1.00 64.03  ? 158 VAL B CB  1 
ATOM   977  C  CG1 . VAL B 1 46 ? 3.926   10.362  6.220   1.00 66.67  ? 158 VAL B CG1 1 
ATOM   978  C  CG2 . VAL B 1 46 ? 5.795   8.965   7.144   1.00 65.33  ? 158 VAL B CG2 1 
ATOM   979  N  N   . ASN B 1 47 ? 4.338   9.502   2.857   1.00 59.95  ? 159 ASN B N   1 
ATOM   980  C  CA  . ASN B 1 47 ? 3.525   10.024  1.762   1.00 59.61  ? 159 ASN B CA  1 
ATOM   981  C  C   . ASN B 1 47 ? 4.136   9.608   0.422   1.00 57.47  ? 159 ASN B C   1 
ATOM   982  O  O   . ASN B 1 47 ? 4.233   10.407  -0.508  1.00 58.50  ? 159 ASN B O   1 
ATOM   983  C  CB  . ASN B 1 47 ? 3.346   11.549  1.882   1.00 63.21  ? 159 ASN B CB  1 
ATOM   984  C  CG  . ASN B 1 47 ? 2.114   11.954  2.725   1.00 65.72  ? 159 ASN B CG  1 
ATOM   985  O  OD1 . ASN B 1 47 ? 2.170   12.909  3.502   1.00 69.01  ? 159 ASN B OD1 1 
ATOM   986  N  ND2 . ASN B 1 47 ? 1.002   11.240  2.554   1.00 63.38  ? 159 ASN B ND2 1 
ATOM   987  N  N   . HIS B 1 48 ? 4.553   8.342   0.351   1.00 54.67  ? 160 HIS B N   1 
ATOM   988  C  CA  . HIS B 1 48 ? 5.131   7.755   -0.858  1.00 52.86  ? 160 HIS B CA  1 
ATOM   989  C  C   . HIS B 1 48 ? 4.075   7.000   -1.682  1.00 51.37  ? 160 HIS B C   1 
ATOM   990  O  O   . HIS B 1 48 ? 2.969   6.729   -1.200  1.00 50.85  ? 160 HIS B O   1 
ATOM   991  C  CB  . HIS B 1 48 ? 6.324   6.844   -0.491  1.00 51.52  ? 160 HIS B CB  1 
ATOM   992  C  CG  . HIS B 1 48 ? 7.521   7.589   0.021   1.00 53.13  ? 160 HIS B CG  1 
ATOM   993  N  ND1 . HIS B 1 48 ? 8.814   7.142   -0.158  1.00 53.79  ? 160 HIS B ND1 1 
ATOM   994  C  CD2 . HIS B 1 48 ? 7.621   8.765   0.687   1.00 56.04  ? 160 HIS B CD2 1 
ATOM   995  C  CE1 . HIS B 1 48 ? 9.656   8.003   0.387   1.00 55.99  ? 160 HIS B CE1 1 
ATOM   996  N  NE2 . HIS B 1 48 ? 8.957   8.999   0.904   1.00 58.34  ? 160 HIS B NE2 1 
ATOM   997  N  N   . HIS B 1 49 ? 4.414   6.695   -2.934  1.00 50.90  ? 161 HIS B N   1 
ATOM   998  C  CA  . HIS B 1 49 ? 3.583   5.859   -3.804  1.00 49.97  ? 161 HIS B CA  1 
ATOM   999  C  C   . HIS B 1 49 ? 4.010   4.399   -3.662  1.00 48.22  ? 161 HIS B C   1 
ATOM   1000 O  O   . HIS B 1 49 ? 4.968   3.955   -4.306  1.00 48.21  ? 161 HIS B O   1 
ATOM   1001 C  CB  . HIS B 1 49 ? 3.706   6.308   -5.264  1.00 50.91  ? 161 HIS B CB  1 
ATOM   1002 C  CG  . HIS B 1 49 ? 3.215   7.698   -5.513  1.00 53.15  ? 161 HIS B CG  1 
ATOM   1003 N  ND1 . HIS B 1 49 ? 3.940   8.817   -5.168  1.00 54.29  ? 161 HIS B ND1 1 
ATOM   1004 C  CD2 . HIS B 1 49 ? 2.067   8.150   -6.072  1.00 53.68  ? 161 HIS B CD2 1 
ATOM   1005 C  CE1 . HIS B 1 49 ? 3.260   9.899   -5.503  1.00 56.74  ? 161 HIS B CE1 1 
ATOM   1006 N  NE2 . HIS B 1 49 ? 2.119   9.522   -6.052  1.00 56.15  ? 161 HIS B NE2 1 
ATOM   1007 N  N   . VAL B 1 50 ? 3.307   3.663   -2.804  1.00 47.77  ? 162 VAL B N   1 
ATOM   1008 C  CA  . VAL B 1 50 ? 3.628   2.265   -2.502  1.00 46.63  ? 162 VAL B CA  1 
ATOM   1009 C  C   . VAL B 1 50 ? 2.563   1.342   -3.085  1.00 46.77  ? 162 VAL B C   1 
ATOM   1010 O  O   . VAL B 1 50 ? 1.365   1.600   -2.932  1.00 47.37  ? 162 VAL B O   1 
ATOM   1011 C  CB  . VAL B 1 50 ? 3.720   2.031   -0.963  1.00 46.64  ? 162 VAL B CB  1 
ATOM   1012 C  CG1 . VAL B 1 50 ? 4.097   0.583   -0.631  1.00 45.44  ? 162 VAL B CG1 1 
ATOM   1013 C  CG2 . VAL B 1 50 ? 4.712   2.999   -0.321  1.00 47.70  ? 162 VAL B CG2 1 
ATOM   1014 N  N   . CYS B 1 51 ? 2.995   0.277   -3.760  1.00 46.53  ? 163 CYS B N   1 
ATOM   1015 C  CA  . CYS B 1 51 ? 2.076   -0.767  -4.216  1.00 47.25  ? 163 CYS B CA  1 
ATOM   1016 C  C   . CYS B 1 51 ? 2.400   -2.114  -3.591  1.00 47.03  ? 163 CYS B C   1 
ATOM   1017 O  O   . CYS B 1 51 ? 3.566   -2.522  -3.539  1.00 46.59  ? 163 CYS B O   1 
ATOM   1018 C  CB  . CYS B 1 51 ? 2.086   -0.905  -5.739  1.00 48.35  ? 163 CYS B CB  1 
ATOM   1019 S  SG  . CYS B 1 51 ? 1.418   0.501   -6.634  1.00 49.84  ? 163 CYS B SG  1 
ATOM   1020 N  N   . THR B 1 52 ? 1.364   -2.803  -3.120  1.00 47.75  ? 164 THR B N   1 
ATOM   1021 C  CA  . THR B 1 52 ? 1.509   -4.178  -2.653  1.00 48.27  ? 164 THR B CA  1 
ATOM   1022 C  C   . THR B 1 52 ? 1.315   -5.099  -3.846  1.00 49.46  ? 164 THR B C   1 
ATOM   1023 O  O   . THR B 1 52 ? 0.488   -4.831  -4.717  1.00 50.35  ? 164 THR B O   1 
ATOM   1024 C  CB  . THR B 1 52 ? 0.477   -4.546  -1.560  1.00 49.12  ? 164 THR B CB  1 
ATOM   1025 O  OG1 . THR B 1 52 ? -0.848  -4.454  -2.100  1.00 50.56  ? 164 THR B OG1 1 
ATOM   1026 C  CG2 . THR B 1 52 ? 0.589   -3.615  -0.357  1.00 49.00  ? 164 THR B CG2 1 
ATOM   1027 N  N   . ASP B 1 53 ? 2.089   -6.178  -3.886  1.00 50.12  ? 165 ASP B N   1 
ATOM   1028 C  CA  . ASP B 1 53 ? 1.982   -7.167  -4.949  1.00 52.12  ? 165 ASP B CA  1 
ATOM   1029 C  C   . ASP B 1 53 ? 1.893   -8.573  -4.346  1.00 53.38  ? 165 ASP B C   1 
ATOM   1030 O  O   . ASP B 1 53 ? 2.013   -8.745  -3.131  1.00 52.53  ? 165 ASP B O   1 
ATOM   1031 C  CB  . ASP B 1 53 ? 3.175   -7.046  -5.910  1.00 52.24  ? 165 ASP B CB  1 
ATOM   1032 C  CG  . ASP B 1 53 ? 2.839   -7.485  -7.333  1.00 55.33  ? 165 ASP B CG  1 
ATOM   1033 O  OD1 . ASP B 1 53 ? 1.791   -8.128  -7.553  1.00 57.91  ? 165 ASP B OD1 1 
ATOM   1034 O  OD2 . ASP B 1 53 ? 3.636   -7.183  -8.244  1.00 57.03  ? 165 ASP B OD2 1 
ATOM   1035 N  N   . ILE B 1 54 ? 1.654   -9.567  -5.198  1.00 55.91  ? 166 ILE B N   1 
ATOM   1036 C  CA  . ILE B 1 54 ? 1.577   -10.958 -4.774  1.00 58.27  ? 166 ILE B CA  1 
ATOM   1037 C  C   . ILE B 1 54 ? 2.507   -11.811 -5.644  1.00 60.04  ? 166 ILE B C   1 
ATOM   1038 O  O   . ILE B 1 54 ? 2.401   -11.806 -6.872  1.00 61.50  ? 166 ILE B O   1 
ATOM   1039 C  CB  . ILE B 1 54 ? 0.123   -11.512 -4.842  1.00 60.56  ? 166 ILE B CB  1 
ATOM   1040 C  CG1 . ILE B 1 54 ? -0.867  -10.613 -4.078  1.00 60.10  ? 166 ILE B CG1 1 
ATOM   1041 C  CG2 . ILE B 1 54 ? 0.066   -12.957 -4.347  1.00 63.14  ? 166 ILE B CG2 1 
ATOM   1042 C  CD1 . ILE B 1 54 ? -0.720  -10.622 -2.548  1.00 60.22  ? 166 ILE B CD1 1 
ATOM   1043 N  N   . CYS B 1 55 ? 3.420   -12.529 -4.998  1.00 60.51  ? 167 CYS B N   1 
ATOM   1044 C  CA  . CYS B 1 55 ? 4.323   -13.444 -5.693  1.00 63.11  ? 167 CYS B CA  1 
ATOM   1045 C  C   . CYS B 1 55 ? 3.542   -14.606 -6.310  1.00 67.32  ? 167 CYS B C   1 
ATOM   1046 O  O   . CYS B 1 55 ? 2.789   -15.297 -5.615  1.00 68.77  ? 167 CYS B O   1 
ATOM   1047 C  CB  . CYS B 1 55 ? 5.396   -13.959 -4.733  1.00 62.27  ? 167 CYS B CB  1 
ATOM   1048 S  SG  . CYS B 1 55 ? 6.530   -15.177 -5.443  1.00 65.97  ? 167 CYS B SG  1 
ATOM   1049 N  N   . THR B 1 56 ? 3.704   -14.796 -7.619  1.00 70.08  ? 168 THR B N   1 
ATOM   1050 C  CA  . THR B 1 56 ? 3.011   -15.870 -8.345  1.00 75.13  ? 168 THR B CA  1 
ATOM   1051 C  C   . THR B 1 56 ? 3.970   -16.993 -8.742  1.00 78.41  ? 168 THR B C   1 
ATOM   1052 O  O   . THR B 1 56 ? 5.150   -16.971 -8.369  1.00 76.76  ? 168 THR B O   1 
ATOM   1053 C  CB  . THR B 1 56 ? 2.243   -15.343 -9.599  1.00 76.89  ? 168 THR B CB  1 
ATOM   1054 O  OG1 . THR B 1 56 ? 3.167   -14.825 -10.565 1.00 76.89  ? 168 THR B OG1 1 
ATOM   1055 C  CG2 . THR B 1 56 ? 1.244   -14.258 -9.216  1.00 74.37  ? 168 THR B CG2 1 
ATOM   1056 N  N   . GLU B 1 57 ? 3.457   -17.975 -9.485  1.00 83.62  ? 169 GLU B N   1 
ATOM   1057 C  CA  . GLU B 1 57 ? 4.270   -19.084 -9.986  1.00 87.78  ? 169 GLU B CA  1 
ATOM   1058 C  C   . GLU B 1 57 ? 5.311   -18.586 -10.994 1.00 87.86  ? 169 GLU B C   1 
ATOM   1059 O  O   . GLU B 1 57 ? 6.471   -18.999 -10.954 1.00 88.16  ? 169 GLU B O   1 
ATOM   1060 C  CB  . GLU B 1 57 ? 3.379   -20.162 -10.613 1.00 93.57  ? 169 GLU B CB  1 
ATOM   1061 C  CG  . GLU B 1 57 ? 4.079   -21.497 -10.868 1.00 98.34  ? 169 GLU B CG  1 
ATOM   1062 C  CD  . GLU B 1 57 ? 3.187   -22.515 -11.566 1.00 105.08 ? 169 GLU B CD  1 
ATOM   1063 O  OE1 . GLU B 1 57 ? 3.610   -23.687 -11.685 1.00 109.51 ? 169 GLU B OE1 1 
ATOM   1064 O  OE2 . GLU B 1 57 ? 2.070   -22.151 -11.995 1.00 106.11 ? 169 GLU B OE2 1 
ATOM   1065 N  N   . PHE B 1 58 ? 4.885   -17.684 -11.879 1.00 88.05  ? 170 PHE B N   1 
ATOM   1066 C  CA  . PHE B 1 58 ? 5.764   -17.073 -12.880 1.00 88.62  ? 170 PHE B CA  1 
ATOM   1067 C  C   . PHE B 1 58 ? 6.501   -15.870 -12.276 1.00 83.48  ? 170 PHE B C   1 
ATOM   1068 O  O   . PHE B 1 58 ? 6.642   -14.823 -12.918 1.00 82.71  ? 170 PHE B O   1 
ATOM   1069 C  CB  . PHE B 1 58 ? 4.958   -16.628 -14.113 1.00 91.56  ? 170 PHE B CB  1 
ATOM   1070 C  CG  . PHE B 1 58 ? 3.668   -17.384 -14.318 1.00 95.60  ? 170 PHE B CG  1 
ATOM   1071 C  CD1 . PHE B 1 58 ? 2.450   -16.811 -13.955 1.00 93.99  ? 170 PHE B CD1 1 
ATOM   1072 C  CD2 . PHE B 1 58 ? 3.668   -18.661 -14.878 1.00 101.34 ? 170 PHE B CD2 1 
ATOM   1073 C  CE1 . PHE B 1 58 ? 1.251   -17.499 -14.141 1.00 98.03  ? 170 PHE B CE1 1 
ATOM   1074 C  CE2 . PHE B 1 58 ? 2.474   -19.360 -15.067 1.00 105.52 ? 170 PHE B CE2 1 
ATOM   1075 C  CZ  . PHE B 1 58 ? 1.263   -18.776 -14.699 1.00 103.76 ? 170 PHE B CZ  1 
ATOM   1076 N  N   . THR B 1 59 ? 6.968   -16.030 -11.038 1.00 80.59  ? 171 THR B N   1 
ATOM   1077 C  CA  . THR B 1 59 ? 7.528   -14.931 -10.251 1.00 75.79  ? 171 THR B CA  1 
ATOM   1078 C  C   . THR B 1 59 ? 8.466   -15.482 -9.177  1.00 74.23  ? 171 THR B C   1 
ATOM   1079 O  O   . THR B 1 59 ? 8.040   -16.204 -8.270  1.00 74.83  ? 171 THR B O   1 
ATOM   1080 C  CB  . THR B 1 59 ? 6.397   -14.064 -9.612  1.00 73.26  ? 171 THR B CB  1 
ATOM   1081 O  OG1 . THR B 1 59 ? 5.820   -13.208 -10.607 1.00 74.02  ? 171 THR B OG1 1 
ATOM   1082 C  CG2 . THR B 1 59 ? 6.916   -13.207 -8.477  1.00 69.06  ? 171 THR B CG2 1 
ATOM   1083 N  N   . SER B 1 60 ? 9.749   -15.156 -9.303  1.00 72.74  ? 172 SER B N   1 
ATOM   1084 C  CA  . SER B 1 60 ? 10.746  -15.547 -8.313  1.00 70.85  ? 172 SER B CA  1 
ATOM   1085 C  C   . SER B 1 60 ? 11.611  -14.344 -7.966  1.00 66.94  ? 172 SER B C   1 
ATOM   1086 O  O   . SER B 1 60 ? 11.688  -13.384 -8.735  1.00 66.71  ? 172 SER B O   1 
ATOM   1087 C  CB  . SER B 1 60 ? 11.598  -16.711 -8.824  1.00 74.43  ? 172 SER B CB  1 
ATOM   1088 O  OG  . SER B 1 60 ? 12.292  -16.361 -10.009 1.00 76.30  ? 172 SER B OG  1 
ATOM   1089 N  N   . GLY B 1 61 ? 12.250  -14.392 -6.802  1.00 64.26  ? 173 GLY B N   1 
ATOM   1090 C  CA  . GLY B 1 61 ? 13.034  -13.259 -6.324  1.00 60.09  ? 173 GLY B CA  1 
ATOM   1091 C  C   . GLY B 1 61 ? 12.980  -13.046 -4.824  1.00 56.84  ? 173 GLY B C   1 
ATOM   1092 O  O   . GLY B 1 61 ? 12.310  -13.786 -4.098  1.00 57.60  ? 173 GLY B O   1 
ATOM   1093 N  N   . ILE B 1 62 ? 13.687  -12.019 -4.362  1.00 53.54  ? 174 ILE B N   1 
ATOM   1094 C  CA  . ILE B 1 62 ? 13.987  -11.874 -2.942  1.00 51.08  ? 174 ILE B CA  1 
ATOM   1095 C  C   . ILE B 1 62 ? 13.825  -10.446 -2.448  1.00 48.18  ? 174 ILE B C   1 
ATOM   1096 O  O   . ILE B 1 62 ? 13.883  -9.493  -3.232  1.00 46.95  ? 174 ILE B O   1 
ATOM   1097 C  CB  . ILE B 1 62 ? 15.440  -12.369 -2.596  1.00 52.03  ? 174 ILE B CB  1 
ATOM   1098 C  CG1 . ILE B 1 62 ? 16.507  -11.422 -3.167  1.00 51.96  ? 174 ILE B CG1 1 
ATOM   1099 C  CG2 . ILE B 1 62 ? 15.647  -13.838 -3.006  1.00 53.33  ? 174 ILE B CG2 1 
ATOM   1100 C  CD1 . ILE B 1 62 ? 16.951  -11.705 -4.603  1.00 56.58  ? 174 ILE B CD1 1 
ATOM   1101 N  N   . CYS B 1 63 ? 13.645  -10.312 -1.136  1.00 46.78  ? 175 CYS B N   1 
ATOM   1102 C  CA  . CYS B 1 63 ? 13.513  -9.012  -0.481  1.00 44.73  ? 175 CYS B CA  1 
ATOM   1103 C  C   . CYS B 1 63 ? 14.849  -8.265  -0.479  1.00 44.20  ? 175 CYS B C   1 
ATOM   1104 O  O   . CYS B 1 63 ? 15.885  -8.844  -0.144  1.00 44.09  ? 175 CYS B O   1 
ATOM   1105 C  CB  . CYS B 1 63 ? 13.002  -9.200  0.953   1.00 45.22  ? 175 CYS B CB  1 
ATOM   1106 S  SG  . CYS B 1 63 ? 13.106  -7.721  1.987   1.00 43.21  ? 175 CYS B SG  1 
ATOM   1107 N  N   . ASP B 1 64 ? 14.808  -6.981  -0.836  1.00 43.16  ? 176 ASP B N   1 
ATOM   1108 C  CA  . ASP B 1 64 ? 16.018  -6.162  -1.006  1.00 43.15  ? 176 ASP B CA  1 
ATOM   1109 C  C   . ASP B 1 64 ? 16.353  -5.267  0.189   1.00 43.36  ? 176 ASP B C   1 
ATOM   1110 O  O   . ASP B 1 64 ? 17.273  -4.454  0.101   1.00 43.72  ? 176 ASP B O   1 
ATOM   1111 C  CB  . ASP B 1 64 ? 15.915  -5.278  -2.258  1.00 43.17  ? 176 ASP B CB  1 
ATOM   1112 C  CG  . ASP B 1 64 ? 15.867  -6.074  -3.544  1.00 43.81  ? 176 ASP B CG  1 
ATOM   1113 O  OD1 . ASP B 1 64 ? 16.832  -6.813  -3.855  1.00 44.55  ? 176 ASP B OD1 1 
ATOM   1114 O  OD2 . ASP B 1 64 ? 14.860  -5.936  -4.259  1.00 43.94  ? 176 ASP B OD2 1 
ATOM   1115 N  N   . CYS B 1 65 ? 15.603  -5.389  1.289   1.00 43.46  ? 177 CYS B N   1 
ATOM   1116 C  CA  . CYS B 1 65 ? 15.954  -4.686  2.530   1.00 44.60  ? 177 CYS B CA  1 
ATOM   1117 C  C   . CYS B 1 65 ? 17.405  -4.988  2.899   1.00 45.82  ? 177 CYS B C   1 
ATOM   1118 O  O   . CYS B 1 65 ? 17.844  -6.132  2.823   1.00 45.46  ? 177 CYS B O   1 
ATOM   1119 C  CB  . CYS B 1 65 ? 15.047  -5.126  3.674   1.00 45.29  ? 177 CYS B CB  1 
ATOM   1120 S  SG  . CYS B 1 65 ? 15.148  -4.130  5.198   1.00 47.96  ? 177 CYS B SG  1 
ATOM   1121 N  N   . GLY B 1 66 ? 18.146  -3.953  3.279   1.00 47.22  ? 178 GLY B N   1 
ATOM   1122 C  CA  . GLY B 1 66 ? 19.542  -4.122  3.671   1.00 49.11  ? 178 GLY B CA  1 
ATOM   1123 C  C   . GLY B 1 66 ? 20.527  -4.138  2.511   1.00 49.46  ? 178 GLY B C   1 
ATOM   1124 O  O   . GLY B 1 66 ? 21.733  -4.236  2.728   1.00 50.33  ? 178 GLY B O   1 
ATOM   1125 N  N   . ASP B 1 67 ? 20.022  -4.058  1.281   1.00 48.81  ? 179 ASP B N   1 
ATOM   1126 C  CA  . ASP B 1 67 ? 20.893  -3.944  0.106   1.00 49.86  ? 179 ASP B CA  1 
ATOM   1127 C  C   . ASP B 1 67 ? 20.803  -2.499  -0.380  1.00 50.77  ? 179 ASP B C   1 
ATOM   1128 O  O   . ASP B 1 67 ? 19.854  -2.123  -1.074  1.00 49.68  ? 179 ASP B O   1 
ATOM   1129 C  CB  . ASP B 1 67 ? 20.483  -4.947  -0.985  1.00 48.90  ? 179 ASP B CB  1 
ATOM   1130 C  CG  . ASP B 1 67 ? 21.278  -4.784  -2.279  1.00 49.71  ? 179 ASP B CG  1 
ATOM   1131 O  OD1 . ASP B 1 67 ? 22.231  -3.980  -2.319  1.00 50.39  ? 179 ASP B OD1 1 
ATOM   1132 O  OD2 . ASP B 1 67 ? 20.942  -5.473  -3.268  1.00 49.35  ? 179 ASP B OD2 1 
ATOM   1133 N  N   . GLU B 1 68 ? 21.802  -1.702  -0.005  1.00 53.01  ? 180 GLU B N   1 
ATOM   1134 C  CA  . GLU B 1 68 ? 21.784  -0.251  -0.226  1.00 55.16  ? 180 GLU B CA  1 
ATOM   1135 C  C   . GLU B 1 68 ? 21.862  0.158   -1.707  1.00 55.55  ? 180 GLU B C   1 
ATOM   1136 O  O   . GLU B 1 68 ? 21.588  1.308   -2.054  1.00 57.02  ? 180 GLU B O   1 
ATOM   1137 C  CB  . GLU B 1 68 ? 22.866  0.448   0.624   1.00 57.49  ? 180 GLU B CB  1 
ATOM   1138 C  CG  . GLU B 1 68 ? 24.320  0.273   0.152   1.00 61.40  ? 180 GLU B CG  1 
ATOM   1139 C  CD  . GLU B 1 68 ? 24.845  -1.161  0.233   1.00 62.81  ? 180 GLU B CD  1 
ATOM   1140 O  OE1 . GLU B 1 68 ? 24.451  -1.924  1.149   1.00 62.58  ? 180 GLU B OE1 1 
ATOM   1141 O  OE2 . GLU B 1 68 ? 25.673  -1.524  -0.631  1.00 64.97  ? 180 GLU B OE2 1 
ATOM   1142 N  N   . GLU B 1 69 ? 22.208  -0.799  -2.568  1.00 55.19  ? 181 GLU B N   1 
ATOM   1143 C  CA  . GLU B 1 69 ? 22.203  -0.608  -4.019  1.00 55.80  ? 181 GLU B CA  1 
ATOM   1144 C  C   . GLU B 1 69 ? 20.785  -0.570  -4.599  1.00 54.52  ? 181 GLU B C   1 
ATOM   1145 O  O   . GLU B 1 69 ? 20.590  -0.098  -5.722  1.00 55.37  ? 181 GLU B O   1 
ATOM   1146 C  CB  . GLU B 1 69 ? 23.012  -1.717  -4.708  1.00 56.92  ? 181 GLU B CB  1 
ATOM   1147 C  CG  . GLU B 1 69 ? 24.530  -1.629  -4.516  1.00 58.71  ? 181 GLU B CG  1 
ATOM   1148 C  CD  . GLU B 1 69 ? 25.269  -2.854  -5.037  1.00 61.52  ? 181 GLU B CD  1 
ATOM   1149 O  OE1 . GLU B 1 69 ? 26.487  -2.970  -4.766  1.00 64.03  ? 181 GLU B OE1 1 
ATOM   1150 O  OE2 . GLU B 1 69 ? 24.647  -3.705  -5.710  1.00 61.09  ? 181 GLU B OE2 1 
ATOM   1151 N  N   . ALA B 1 70 ? 19.806  -1.068  -3.838  1.00 52.24  ? 182 ALA B N   1 
ATOM   1152 C  CA  . ALA B 1 70 ? 18.412  -1.133  -4.296  1.00 50.99  ? 182 ALA B CA  1 
ATOM   1153 C  C   . ALA B 1 70 ? 17.564  0.079   -3.918  1.00 50.99  ? 182 ALA B C   1 
ATOM   1154 O  O   . ALA B 1 70 ? 16.410  0.189   -4.348  1.00 49.86  ? 182 ALA B O   1 
ATOM   1155 C  CB  . ALA B 1 70 ? 17.739  -2.413  -3.793  1.00 49.30  ? 182 ALA B CB  1 
ATOM   1156 N  N   . TRP B 1 71 ? 18.121  0.984   -3.116  1.00 52.41  ? 183 TRP B N   1 
ATOM   1157 C  CA  . TRP B 1 71 ? 17.319  2.074   -2.543  1.00 53.22  ? 183 TRP B CA  1 
ATOM   1158 C  C   . TRP B 1 71 ? 17.934  3.464   -2.705  1.00 56.22  ? 183 TRP B C   1 
ATOM   1159 O  O   . TRP B 1 71 ? 19.139  3.643   -2.531  1.00 57.53  ? 183 TRP B O   1 
ATOM   1160 C  CB  . TRP B 1 71 ? 16.992  1.766   -1.074  1.00 52.25  ? 183 TRP B CB  1 
ATOM   1161 C  CG  . TRP B 1 71 ? 16.452  0.375   -0.911  1.00 50.20  ? 183 TRP B CG  1 
ATOM   1162 C  CD1 . TRP B 1 71 ? 17.116  -0.711  -0.415  1.00 49.54  ? 183 TRP B CD1 1 
ATOM   1163 C  CD2 . TRP B 1 71 ? 15.153  -0.093  -1.306  1.00 47.82  ? 183 TRP B CD2 1 
ATOM   1164 N  NE1 . TRP B 1 71 ? 16.304  -1.821  -0.452  1.00 48.11  ? 183 TRP B NE1 1 
ATOM   1165 C  CE2 . TRP B 1 71 ? 15.095  -1.470  -0.997  1.00 47.16  ? 183 TRP B CE2 1 
ATOM   1166 C  CE3 . TRP B 1 71 ? 14.030  0.521   -1.880  1.00 47.94  ? 183 TRP B CE3 1 
ATOM   1167 C  CZ2 . TRP B 1 71 ? 13.962  -2.247  -1.247  1.00 45.69  ? 183 TRP B CZ2 1 
ATOM   1168 C  CZ3 . TRP B 1 71 ? 12.896  -0.250  -2.126  1.00 46.84  ? 183 TRP B CZ3 1 
ATOM   1169 C  CH2 . TRP B 1 71 ? 12.872  -1.621  -1.805  1.00 46.22  ? 183 TRP B CH2 1 
ATOM   1170 N  N   . ASN B 1 72 ? 17.085  4.435   -3.053  1.00 57.74  ? 184 ASN B N   1 
ATOM   1171 C  CA  . ASN B 1 72 ? 17.479  5.842   -3.204  1.00 61.58  ? 184 ASN B CA  1 
ATOM   1172 C  C   . ASN B 1 72 ? 17.664  6.540   -1.859  1.00 63.63  ? 184 ASN B C   1 
ATOM   1173 O  O   . ASN B 1 72 ? 18.252  7.620   -1.776  1.00 66.75  ? 184 ASN B O   1 
ATOM   1174 C  CB  . ASN B 1 72 ? 16.419  6.619   -4.003  1.00 62.43  ? 184 ASN B CB  1 
ATOM   1175 C  CG  . ASN B 1 72 ? 16.324  6.180   -5.454  1.00 62.22  ? 184 ASN B CG  1 
ATOM   1176 O  OD1 . ASN B 1 72 ? 17.328  6.066   -6.149  1.00 64.28  ? 184 ASN B OD1 1 
ATOM   1177 N  ND2 . ASN B 1 72 ? 15.102  5.961   -5.925  1.00 60.89  ? 184 ASN B ND2 1 
ATOM   1178 N  N   . SER B 1 73 ? 17.136  5.911   -0.814  1.00 62.72  ? 185 SER B N   1 
ATOM   1179 C  CA  . SER B 1 73 ? 17.057  6.488   0.517   1.00 64.98  ? 185 SER B CA  1 
ATOM   1180 C  C   . SER B 1 73 ? 17.340  5.372   1.519   1.00 63.96  ? 185 SER B C   1 
ATOM   1181 O  O   . SER B 1 73 ? 16.970  4.221   1.276   1.00 61.25  ? 185 SER B O   1 
ATOM   1182 C  CB  . SER B 1 73 ? 15.656  7.076   0.731   1.00 65.20  ? 185 SER B CB  1 
ATOM   1183 O  OG  . SER B 1 73 ? 15.409  7.395   2.091   1.00 67.74  ? 185 SER B OG  1 
ATOM   1184 N  N   . PRO B 1 74 ? 18.022  5.695   2.636   1.00 66.56  ? 186 PRO B N   1 
ATOM   1185 C  CA  . PRO B 1 74 ? 18.291  4.657   3.634   1.00 66.14  ? 186 PRO B CA  1 
ATOM   1186 C  C   . PRO B 1 74 ? 17.015  4.237   4.361   1.00 65.14  ? 186 PRO B C   1 
ATOM   1187 O  O   . PRO B 1 74 ? 16.228  5.090   4.784   1.00 66.78  ? 186 PRO B O   1 
ATOM   1188 C  CB  . PRO B 1 74 ? 19.281  5.333   4.597   1.00 69.91  ? 186 PRO B CB  1 
ATOM   1189 C  CG  . PRO B 1 74 ? 19.812  6.525   3.843   1.00 72.01  ? 186 PRO B CG  1 
ATOM   1190 C  CD  . PRO B 1 74 ? 18.672  6.969   2.989   1.00 70.36  ? 186 PRO B CD  1 
ATOM   1191 N  N   . LEU B 1 75 ? 16.814  2.929   4.479   1.00 62.87  ? 187 LEU B N   1 
ATOM   1192 C  CA  . LEU B 1 75 ? 15.603  2.379   5.074   1.00 62.04  ? 187 LEU B CA  1 
ATOM   1193 C  C   . LEU B 1 75 ? 15.816  2.006   6.535   1.00 64.20  ? 187 LEU B C   1 
ATOM   1194 O  O   . LEU B 1 75 ? 16.942  1.759   6.964   1.00 65.38  ? 187 LEU B O   1 
ATOM   1195 C  CB  . LEU B 1 75 ? 15.127  1.154   4.283   1.00 58.98  ? 187 LEU B CB  1 
ATOM   1196 C  CG  . LEU B 1 75 ? 14.851  1.293   2.782   1.00 56.82  ? 187 LEU B CG  1 
ATOM   1197 C  CD1 . LEU B 1 75 ? 14.514  -0.063  2.207   1.00 54.52  ? 187 LEU B CD1 1 
ATOM   1198 C  CD2 . LEU B 1 75 ? 13.729  2.289   2.490   1.00 56.85  ? 187 LEU B CD2 1 
ATOM   1199 N  N   . HIS B 1 76 ? 14.723  1.975   7.291   1.00 65.04  ? 188 HIS B N   1 
ATOM   1200 C  CA  . HIS B 1 76 ? 14.757  1.537   8.681   1.00 67.80  ? 188 HIS B CA  1 
ATOM   1201 C  C   . HIS B 1 76 ? 13.940  0.259   8.825   1.00 66.40  ? 188 HIS B C   1 
ATOM   1202 O  O   . HIS B 1 76 ? 12.727  0.304   9.027   1.00 66.43  ? 188 HIS B O   1 
ATOM   1203 C  CB  . HIS B 1 76 ? 14.231  2.634   9.615   1.00 71.25  ? 188 HIS B CB  1 
ATOM   1204 C  CG  . HIS B 1 76 ? 15.001  3.915   9.535   1.00 73.76  ? 188 HIS B CG  1 
ATOM   1205 N  ND1 . HIS B 1 76 ? 14.683  4.921   8.648   1.00 73.08  ? 188 HIS B ND1 1 
ATOM   1206 C  CD2 . HIS B 1 76 ? 16.079  4.353   10.229  1.00 77.03  ? 188 HIS B CD2 1 
ATOM   1207 C  CE1 . HIS B 1 76 ? 15.530  5.923   8.800   1.00 76.28  ? 188 HIS B CE1 1 
ATOM   1208 N  NE2 . HIS B 1 76 ? 16.387  5.604   9.754   1.00 78.63  ? 188 HIS B NE2 1 
ATOM   1209 N  N   . CYS B 1 77 ? 14.622  -0.878  8.705   1.00 65.73  ? 189 CYS B N   1 
ATOM   1210 C  CA  . CYS B 1 77 ? 13.988  -2.193  8.772   1.00 64.88  ? 189 CYS B CA  1 
ATOM   1211 C  C   . CYS B 1 77 ? 13.002  -2.293  9.943   1.00 67.50  ? 189 CYS B C   1 
ATOM   1212 O  O   . CYS B 1 77 ? 13.323  -1.924  11.077  1.00 70.58  ? 189 CYS B O   1 
ATOM   1213 C  CB  . CYS B 1 77 ? 15.053  -3.295  8.849   1.00 64.83  ? 189 CYS B CB  1 
ATOM   1214 S  SG  . CYS B 1 77 ? 14.426  -4.987  8.742   1.00 63.14  ? 189 CYS B SG  1 
ATOM   1215 N  N   . LYS B 1 78 ? 11.798  -2.769  9.638   1.00 66.69  ? 190 LYS B N   1 
ATOM   1216 C  CA  . LYS B 1 78 ? 10.725  -2.928  10.622  1.00 69.40  ? 190 LYS B CA  1 
ATOM   1217 C  C   . LYS B 1 78 ? 11.113  -3.929  11.704  1.00 72.11  ? 190 LYS B C   1 
ATOM   1218 O  O   . LYS B 1 78 ? 10.842  -3.714  12.887  1.00 75.55  ? 190 LYS B O   1 
ATOM   1219 C  CB  . LYS B 1 78 ? 9.451   -3.402  9.918   1.00 67.48  ? 190 LYS B CB  1 
ATOM   1220 C  CG  . LYS B 1 78 ? 8.265   -3.665  10.825  1.00 70.63  ? 190 LYS B CG  1 
ATOM   1221 C  CD  . LYS B 1 78 ? 7.207   -2.598  10.674  1.00 71.80  ? 190 LYS B CD  1 
ATOM   1222 C  CE  . LYS B 1 78 ? 5.824   -3.225  10.660  1.00 73.52  ? 190 LYS B CE  1 
ATOM   1223 N  NZ  . LYS B 1 78 ? 5.725   -4.270  9.593   1.00 71.64  ? 190 LYS B NZ  1 
ATOM   1224 N  N   . ALA B 1 79 ? 11.755  -5.016  11.282  1.00 71.06  ? 191 ALA B N   1 
ATOM   1225 C  CA  . ALA B 1 79 ? 12.180  -6.078  12.185  1.00 73.88  ? 191 ALA B CA  1 
ATOM   1226 C  C   . ALA B 1 79 ? 13.181  -5.604  13.243  1.00 77.37  ? 191 ALA B C   1 
ATOM   1227 O  O   . ALA B 1 79 ? 13.384  -6.283  14.251  1.00 80.57  ? 191 ALA B O   1 
ATOM   1228 C  CB  . ALA B 1 79 ? 12.748  -7.243  11.389  1.00 71.99  ? 191 ALA B CB  1 
ATOM   1229 N  N   . GLU B 1 80 ? 13.797  -4.443  13.014  1.00 77.24  ? 192 GLU B N   1 
ATOM   1230 C  CA  . GLU B 1 80 ? 14.712  -3.845  13.992  1.00 81.15  ? 192 GLU B CA  1 
ATOM   1231 C  C   . GLU B 1 80 ? 13.969  -3.253  15.196  1.00 85.64  ? 192 GLU B C   1 
ATOM   1232 O  O   . GLU B 1 80 ? 14.553  -3.104  16.272  1.00 89.85  ? 192 GLU B O   1 
ATOM   1233 C  CB  . GLU B 1 80 ? 15.599  -2.772  13.348  1.00 79.92  ? 192 GLU B CB  1 
ATOM   1234 C  CG  . GLU B 1 80 ? 16.544  -3.274  12.248  1.00 76.72  ? 192 GLU B CG  1 
ATOM   1235 C  CD  . GLU B 1 80 ? 17.795  -3.976  12.768  1.00 78.61  ? 192 GLU B CD  1 
ATOM   1236 O  OE1 . GLU B 1 80 ? 18.071  -3.928  13.989  1.00 82.40  ? 192 GLU B OE1 1 
ATOM   1237 O  OE2 . GLU B 1 80 ? 18.514  -4.576  11.941  1.00 76.13  ? 192 GLU B OE2 1 
ATOM   1238 N  N   . GLU B 1 81 ? 12.691  -2.919  15.011  1.00 85.23  ? 193 GLU B N   1 
ATOM   1239 C  CA  . GLU B 1 81 ? 11.875  -2.343  16.082  1.00 89.82  ? 193 GLU B CA  1 
ATOM   1240 C  C   . GLU B 1 81 ? 11.362  -3.415  17.053  1.00 93.16  ? 193 GLU B C   1 
ATOM   1241 O  O   . GLU B 1 81 ? 10.162  -3.700  17.105  1.00 93.46  ? 193 GLU B O   1 
ATOM   1242 C  CB  . GLU B 1 81 ? 10.708  -1.525  15.505  1.00 88.17  ? 193 GLU B CB  1 
ATOM   1243 C  CG  . GLU B 1 81 ? 11.126  -0.292  14.692  1.00 86.78  ? 193 GLU B CG  1 
ATOM   1244 C  CD  . GLU B 1 81 ? 9.949   0.433   14.037  1.00 85.50  ? 193 GLU B CD  1 
ATOM   1245 O  OE1 . GLU B 1 81 ? 10.175  1.513   13.449  1.00 85.04  ? 193 GLU B OE1 1 
ATOM   1246 O  OE2 . GLU B 1 81 ? 8.805   -0.069  14.101  1.00 85.27  ? 193 GLU B OE2 1 
ATOM   1247 N  N   . GLN B 1 82 ? 12.280  -3.998  17.822  1.00 96.33  ? 194 GLN B N   1 
ATOM   1248 C  CA  . GLN B 1 82 ? 11.942  -5.038  18.801  1.00 100.34 ? 194 GLN B CA  1 
ATOM   1249 C  C   . GLN B 1 82 ? 11.630  -4.411  20.161  1.00 106.55 ? 194 GLN B C   1 
ATOM   1250 O  O   . GLN B 1 82 ? 10.798  -3.508  20.254  1.00 107.46 ? 194 GLN B O   1 
ATOM   1251 C  CB  . GLN B 1 82 ? 13.080  -6.064  18.934  1.00 100.91 ? 194 GLN B CB  1 
ATOM   1252 C  CG  . GLN B 1 82 ? 13.753  -6.468  17.620  1.00 95.95  ? 194 GLN B CG  1 
ATOM   1253 C  CD  . GLN B 1 82 ? 13.133  -7.688  16.941  1.00 93.92  ? 194 GLN B CD  1 
ATOM   1254 O  OE1 . GLN B 1 82 ? 13.851  -8.546  16.418  1.00 92.16  ? 194 GLN B OE1 1 
ATOM   1255 N  NE2 . GLN B 1 82 ? 11.802  -7.762  16.932  1.00 94.00  ? 194 GLN B NE2 1 
ATOM   1256 O  OXT . GLN B 1 82 ? 12.191  -4.780  21.199  1.00 111.36 ? 194 GLN B OXT 1 
ATOM   1257 N  N   . ARG C 2 1  ? -15.150 9.242   -5.960  1.00 49.70  ? 1   ARG D N   1 
ATOM   1258 C  CA  . ARG C 2 1  ? -14.210 8.942   -7.074  1.00 49.96  ? 1   ARG D CA  1 
ATOM   1259 C  C   . ARG C 2 1  ? -13.106 9.983   -7.149  1.00 50.14  ? 1   ARG D C   1 
ATOM   1260 O  O   . ARG C 2 1  ? -13.242 11.083  -6.608  1.00 49.75  ? 1   ARG D O   1 
ATOM   1261 C  CB  . ARG C 2 1  ? -14.932 8.887   -8.427  1.00 49.78  ? 1   ARG D CB  1 
ATOM   1262 C  CG  . ARG C 2 1  ? -16.154 7.994   -8.488  1.00 49.86  ? 1   ARG D CG  1 
ATOM   1263 C  CD  . ARG C 2 1  ? -15.855 6.548   -8.109  1.00 49.43  ? 1   ARG D CD  1 
ATOM   1264 N  NE  . ARG C 2 1  ? -16.910 5.653   -8.581  1.00 48.85  ? 1   ARG D NE  1 
ATOM   1265 C  CZ  . ARG C 2 1  ? -18.085 5.471   -7.982  1.00 48.26  ? 1   ARG D CZ  1 
ATOM   1266 N  NH1 . ARG C 2 1  ? -18.388 6.123   -6.863  1.00 47.06  ? 1   ARG D NH1 1 
ATOM   1267 N  NH2 . ARG C 2 1  ? -18.966 4.632   -8.514  1.00 47.54  ? 1   ARG D NH2 1 
ATOM   1268 N  N   . LEU C 2 2  ? -12.013 9.621   -7.819  1.00 50.52  ? 2   LEU D N   1 
ATOM   1269 C  CA  . LEU C 2 2  ? -10.932 10.556  -8.106  1.00 51.45  ? 2   LEU D CA  1 
ATOM   1270 C  C   . LEU C 2 2  ? -10.778 10.733  -9.614  1.00 51.97  ? 2   LEU D C   1 
ATOM   1271 O  O   . LEU C 2 2  ? -10.800 9.755   -10.365 1.00 51.99  ? 2   LEU D O   1 
ATOM   1272 C  CB  . LEU C 2 2  ? -9.618  10.073  -7.489  1.00 51.33  ? 2   LEU D CB  1 
ATOM   1273 C  CG  . LEU C 2 2  ? -8.516  11.118  -7.322  1.00 51.40  ? 2   LEU D CG  1 
ATOM   1274 C  CD1 . LEU C 2 2  ? -8.742  11.971  -6.075  1.00 50.96  ? 2   LEU D CD1 1 
ATOM   1275 C  CD2 . LEU C 2 2  ? -7.158  10.434  -7.268  1.00 51.86  ? 2   LEU D CD2 1 
ATOM   1276 N  N   . GLY C 2 3  ? -10.628 11.984  -10.048 1.00 52.79  ? 3   GLY D N   1 
ATOM   1277 C  CA  . GLY C 2 3  ? -10.458 12.295  -11.471 1.00 53.61  ? 3   GLY D CA  1 
ATOM   1278 C  C   . GLY C 2 3  ? -9.813  13.643  -11.737 1.00 54.24  ? 3   GLY D C   1 
ATOM   1279 O  O   . GLY C 2 3  ? -9.041  14.143  -10.910 1.00 53.88  ? 3   GLY D O   1 
ATOM   1280 N  N   . GLU C 2 4  ? -10.135 14.210  -12.905 1.00 55.13  ? 4   GLU D N   1 
ATOM   1281 C  CA  . GLU C 2 4  ? -9.735  15.570  -13.319 1.00 56.01  ? 4   GLU D CA  1 
ATOM   1282 C  C   . GLU C 2 4  ? -8.239  15.655  -13.626 1.00 56.32  ? 4   GLU D C   1 
ATOM   1283 O  O   . GLU C 2 4  ? -7.445  14.845  -13.137 1.00 56.65  ? 4   GLU D O   1 
ATOM   1284 C  CB  . GLU C 2 4  ? -10.179 16.632  -12.284 1.00 56.15  ? 4   GLU D CB  1 
ATOM   1285 C  CG  . GLU C 2 4  ? -10.013 18.108  -12.701 1.00 57.25  ? 4   GLU D CG  1 
ATOM   1286 C  CD  . GLU C 2 4  ? -8.835  18.799  -12.019 1.00 58.72  ? 4   GLU D CD  1 
ATOM   1287 O  OE1 . GLU C 2 4  ? -8.658  18.620  -10.793 1.00 58.33  ? 4   GLU D OE1 1 
ATOM   1288 O  OE2 . GLU C 2 4  ? -8.092  19.539  -12.708 1.00 59.83  ? 4   GLU D OE2 1 
ATOM   1289 N  N   . ARG D 2 1  ? 15.585  -8.624  -5.323  1.00 58.46  ? 1   ARG E N   1 
ATOM   1290 C  CA  . ARG D 2 1  ? 14.789  -8.142  -6.477  1.00 58.91  ? 1   ARG E CA  1 
ATOM   1291 C  C   . ARG D 2 1  ? 13.837  -9.208  -6.983  1.00 59.32  ? 1   ARG E C   1 
ATOM   1292 O  O   . ARG D 2 1  ? 14.128  -10.400 -6.904  1.00 59.24  ? 1   ARG E O   1 
ATOM   1293 C  CB  . ARG D 2 1  ? 15.702  -7.649  -7.602  1.00 58.69  ? 1   ARG E CB  1 
ATOM   1294 C  CG  . ARG D 2 1  ? 16.243  -6.254  -7.357  1.00 58.59  ? 1   ARG E CG  1 
ATOM   1295 C  CD  . ARG D 2 1  ? 17.539  -6.059  -8.097  1.00 58.62  ? 1   ARG E CD  1 
ATOM   1296 N  NE  . ARG D 2 1  ? 18.259  -4.843  -7.719  1.00 56.95  ? 1   ARG E NE  1 
ATOM   1297 C  CZ  . ARG D 2 1  ? 18.891  -4.653  -6.565  1.00 57.03  ? 1   ARG E CZ  1 
ATOM   1298 N  NH1 . ARG D 2 1  ? 18.881  -5.581  -5.611  1.00 56.49  ? 1   ARG E NH1 1 
ATOM   1299 N  NH2 . ARG D 2 1  ? 19.534  -3.514  -6.360  1.00 56.92  ? 1   ARG E NH2 1 
ATOM   1300 N  N   . LEU D 2 2  ? 12.701  -8.764  -7.514  1.00 59.84  ? 2   LEU E N   1 
ATOM   1301 C  CA  . LEU D 2 2  ? 11.639  -9.669  -7.922  1.00 60.66  ? 2   LEU E CA  1 
ATOM   1302 C  C   . LEU D 2 2  ? 11.532  -9.761  -9.443  1.00 61.14  ? 2   LEU E C   1 
ATOM   1303 O  O   . LEU D 2 2  ? 11.149  -8.793  -10.108 1.00 61.18  ? 2   LEU E O   1 
ATOM   1304 C  CB  . LEU D 2 2  ? 10.314  -9.218  -7.296  1.00 60.80  ? 2   LEU E CB  1 
ATOM   1305 C  CG  . LEU D 2 2  ? 9.130   -10.176 -7.113  1.00 61.28  ? 2   LEU E CG  1 
ATOM   1306 C  CD1 . LEU D 2 2  ? 8.311   -10.285 -8.395  1.00 62.19  ? 2   LEU E CD1 1 
ATOM   1307 C  CD2 . LEU D 2 2  ? 9.569   -11.545 -6.596  1.00 61.48  ? 2   LEU E CD2 1 
ATOM   1308 N  N   . GLY D 2 3  ? 11.871  -10.933 -9.982  1.00 61.67  ? 3   GLY E N   1 
ATOM   1309 C  CA  . GLY D 2 3  ? 11.860  -11.172 -11.428 1.00 62.18  ? 3   GLY E CA  1 
ATOM   1310 C  C   . GLY D 2 3  ? 10.829  -12.189 -11.890 1.00 62.54  ? 3   GLY E C   1 
ATOM   1311 O  O   . GLY D 2 3  ? 9.741   -12.313 -11.316 1.00 62.83  ? 3   GLY E O   1 
HETATM 1312 ZN ZN  . ZN  E 3 .  ? -13.001 8.120   3.757   1.00 42.71  ? 1   ZN  A ZN  1 
HETATM 1313 ZN ZN  . ZN  F 3 .  ? -15.209 4.941   5.844   1.00 52.83  ? 2   ZN  A ZN  1 
HETATM 1314 ZN ZN  . ZN  G 3 .  ? -9.182  -5.026  -1.925  1.00 46.75  ? 3   ZN  A ZN  1 
HETATM 1315 ZN ZN  . ZN  H 3 .  ? 12.740  -8.713  4.019   1.00 39.64  ? 1   ZN  B ZN  1 
HETATM 1316 ZN ZN  . ZN  I 3 .  ? 14.628  -5.805  6.588   1.00 44.21  ? 2   ZN  B ZN  1 
HETATM 1317 ZN ZN  . ZN  J 3 .  ? 9.361   4.989   -0.036  1.00 46.43  ? 3   ZN  B ZN  1 
HETATM 1318 O  O   . HOH K 4 .  ? -17.561 5.064   9.343   1.00 13.26  ? 4   HOH A O   1 
HETATM 1319 O  O   . HOH K 4 .  ? -11.040 -1.057  3.249   1.00 13.90  ? 6   HOH A O   1 
HETATM 1320 O  O   . HOH K 4 .  ? 0.274   -10.860 -8.421  1.00 14.09  ? 7   HOH A O   1 
HETATM 1321 O  O   . HOH K 4 .  ? -18.468 8.548   -1.996  1.00 12.89  ? 8   HOH A O   1 
HETATM 1322 O  O   . HOH K 4 .  ? -21.802 5.779   -7.654  1.00 14.72  ? 9   HOH A O   1 
HETATM 1323 O  O   . HOH K 4 .  ? -6.517  10.320  3.044   1.00 11.07  ? 11  HOH A O   1 
HETATM 1324 O  O   . HOH K 4 .  ? -13.219 -4.012  10.776  1.00 21.85  ? 15  HOH A O   1 
HETATM 1325 O  O   . HOH K 4 .  ? -9.591  15.870  3.206   1.00 19.63  ? 17  HOH A O   1 
HETATM 1326 O  O   . HOH K 4 .  ? -12.894 0.541   3.500   1.00 23.11  ? 18  HOH A O   1 
HETATM 1327 O  O   . HOH K 4 .  ? -16.988 4.231   -10.961 1.00 14.59  ? 20  HOH A O   1 
HETATM 1328 O  O   . HOH K 4 .  ? -25.991 8.166   8.139   1.00 31.93  ? 22  HOH A O   1 
HETATM 1329 O  O   . HOH K 4 .  ? -14.595 -7.564  2.600   1.00 46.03  ? 23  HOH A O   1 
HETATM 1330 O  O   . HOH K 4 .  ? 2.395   14.834  0.327   1.00 24.65  ? 26  HOH A O   1 
HETATM 1331 O  O   . HOH K 4 .  ? -5.068  12.240  4.728   1.00 17.72  ? 28  HOH A O   1 
HETATM 1332 O  O   . HOH K 4 .  ? 0.334   19.250  -6.574  1.00 19.28  ? 29  HOH A O   1 
HETATM 1333 O  O   . HOH K 4 .  ? -9.057  -9.137  3.421   1.00 19.36  ? 30  HOH A O   1 
HETATM 1334 O  O   . HOH K 4 .  ? -13.476 2.220   4.609   1.00 58.16  ? 33  HOH A O   1 
HETATM 1335 O  O   . HOH K 4 .  ? 2.439   13.434  -6.054  1.00 23.38  ? 34  HOH A O   1 
HETATM 1336 O  O   . HOH K 4 .  ? -11.667 20.734  -6.914  1.00 17.87  ? 35  HOH A O   1 
HETATM 1337 O  O   . HOH K 4 .  ? -19.432 -8.011  -8.854  1.00 41.04  ? 38  HOH A O   1 
HETATM 1338 O  O   . HOH K 4 .  ? -12.320 -5.658  13.248  1.00 56.24  ? 41  HOH A O   1 
HETATM 1339 O  O   . HOH K 4 .  ? -9.824  0.919   -6.303  1.00 15.41  ? 195 HOH A O   1 
HETATM 1340 O  O   . HOH K 4 .  ? 0.624   11.679  -6.730  1.00 13.76  ? 196 HOH A O   1 
HETATM 1341 O  O   . HOH L 4 .  ? 11.114  3.108   -8.033  1.00 11.67  ? 5   HOH B O   1 
HETATM 1342 O  O   . HOH L 4 .  ? 21.977  -3.404  8.927   1.00 23.01  ? 10  HOH B O   1 
HETATM 1343 O  O   . HOH L 4 .  ? 17.552  -1.062  9.219   1.00 13.42  ? 12  HOH B O   1 
HETATM 1344 O  O   . HOH L 4 .  ? 18.644  -8.723  -0.514  1.00 7.79   ? 13  HOH B O   1 
HETATM 1345 O  O   . HOH L 4 .  ? 19.873  -5.372  16.149  1.00 27.05  ? 14  HOH B O   1 
HETATM 1346 O  O   . HOH L 4 .  ? 22.065  -5.310  -5.709  1.00 7.58   ? 16  HOH B O   1 
HETATM 1347 O  O   . HOH L 4 .  ? 19.181  -7.661  -2.883  1.00 7.06   ? 19  HOH B O   1 
HETATM 1348 O  O   . HOH L 4 .  ? 18.161  -2.994  -9.618  1.00 14.34  ? 21  HOH B O   1 
HETATM 1349 O  O   . HOH L 4 .  ? 17.424  -13.047 9.905   1.00 28.51  ? 24  HOH B O   1 
HETATM 1350 O  O   . HOH L 4 .  ? 12.425  -1.790  5.109   1.00 19.97  ? 25  HOH B O   1 
HETATM 1351 O  O   . HOH L 4 .  ? -2.344  -5.241  0.372   1.00 23.92  ? 27  HOH B O   1 
HETATM 1352 O  O   . HOH L 4 .  ? 11.459  1.284   5.535   1.00 24.13  ? 31  HOH B O   1 
HETATM 1353 O  O   . HOH L 4 .  ? 26.784  -2.470  2.404   1.00 56.40  ? 32  HOH B O   1 
HETATM 1354 O  O   . HOH L 4 .  ? 18.914  -13.546 8.131   1.00 25.88  ? 36  HOH B O   1 
HETATM 1355 O  O   . HOH L 4 .  ? 12.687  -10.881 6.912   1.00 26.25  ? 37  HOH B O   1 
HETATM 1356 O  O   . HOH L 4 .  ? 10.749  2.602   -10.966 1.00 21.80  ? 39  HOH B O   1 
HETATM 1357 O  O   . HOH L 4 .  ? 6.847   2.056   -13.294 1.00 50.61  ? 40  HOH B O   1 
HETATM 1358 O  O   . HOH L 4 .  ? 10.479  -0.301  -5.040  1.00 12.50  ? 195 HOH B O   1 
# 
